data_7S0T
#
_entry.id   7S0T
#
_cell.length_a   1.00
_cell.length_b   1.00
_cell.length_c   1.00
_cell.angle_alpha   90.00
_cell.angle_beta   90.00
_cell.angle_gamma   90.00
#
_symmetry.space_group_name_H-M   'P 1'
#
loop_
_entity.id
_entity.type
_entity.pdbx_description
1 polymer 'DNA polymerase zeta catalytic subunit'
2 polymer 'DNA polymerase zeta processivity subunit'
3 polymer 'DNA polymerase delta small subunit'
4 polymer 'DNA polymerase delta subunit 3'
5 polymer 'DNA (30-MER)'
6 non-polymer 'IRON/SULFUR CLUSTER'
7 non-polymer 'CALCIUM ION'
8 non-polymer "2'-DEOXYCYTIDINE-5'-TRIPHOSPHATE"
9 water water
#
loop_
_entity_poly.entity_id
_entity_poly.type
_entity_poly.pdbx_seq_one_letter_code
_entity_poly.pdbx_strand_id
1 'polypeptide(L)'
;MDYKDDDDKGDHNHRHKHGDPLEVLFQGPGGDPHMSRESNDTIQSDTVRSSSKSDYFRIQLNNQDYYMSKPTFLDPSHGE
SLPLNQFSQVPNIRVFGALPTGHQVLCHVHGILPYMFIKYDGQITDTSTLRHQRCAQVHKTLEVKIRASFKRKKDDKHDL
AGDKLGNLNFVADVSVVKGIPFYGYHVGWNLFYKISLLNPSCLSRISELIRDGKIFGKKFEIYESHIPYLLQWTADFNLF
GCSWINVDRCYFRSPVLNSILDIDKLTINDDLQLLLDRFCDFKCNVLSRRDFPRVGNGLIEIDILPQFIKNREKLQHRDI
HHDFLEKLGDISDIPVKPYVSSARDMINELTMQREELSLKEYKEPPETKRHVSGHQWQSSGEFEAFYKKAQHKTSTFDGQ
IPNFENFIDKNQKFSAINTPYEALPQLWPRLPQIEINNNSMQDKKNDDQVNASFTEYEICGVDNENEGVKGSNIKSRSYS
WLPESIASPKDSTILLDHQTKYHNTINFSMDCAMTQNMASKRKLRSSVSANKTSLLSRKRKKVMAAGLRYGKRAFVYGEP
PFGYQDILNKLEDEGFPKIDYKDPFFSNPVDLENKPYAYAGKRFEISSTHVSTRIPVQFGGETVSVYNKPTFDMFSSWKY
ALKPPTYDAVQKWYNKVPSMGNKKTESQISMHTPHSKFLYKFASDVSGKQKRKKSSVHDSLTHLTLEIHANTRSDKIPDP
AIDEVSMIIWCLEEETFPLDLDIAYEGIMIVHKASEDSTFPTKIQHCINEIPVMFYESEFEMFEALTDLVLLLDPDILSG
FEIHNFSWGYIIERCQKIHQFDIVRELARVKCQIKTKLSDTWGYAHSSGIMITGRHMINIWRALRSDVNLTQYTIESAAF
NILHKRLPHFSFESLTNMWNAKKSTTELKTVLNYWLSRAQINIQLLRKQDYIARNIEQARLIGIDFHSVYYRGSQFKVES
FLIRICKSESFILLSPGKKDVRKQKALECVPLVMEPESAFYKSPLIVLDFQSLYPSIMIGYNYCYSTMIGRVREINLTEN
NLGVSKFSLPRNILALLKNDVTIAPNGVVYAKTSVRKSTLSKMLTDILDVRVMIKKTMNEIGDDNTTLKRLLNNKQLALK
LLANVTYGYTSASFSGRMPCSDLADSIVQTGRETLEKAIDIIEKDETWNAKVVYGDTDSLFVYLPGKTAIEAFSIGHAMA
ERVTQNNPKPIFLKFEKVYHPSILISKKRYVGFSYESPSQTLPIFDAKGIETVRRDGIPAQQKIIEKCIRLLFQTKDLSK
IKKYLQNEFFKIQIGKVSAQDFCFAKEVKLGAYKSEKTAPAGAVVVKRRINEDHRAEPQYKERIPYLVVKGKQGQLLRER
CVSPEEFLEGENLELDSEYYINKILIPPLDRLFNLIGINVGNWAQEIVKSKRASTTTTKVENITRVGTSATCCNCGEELT
KICSLQLCDDCLEKRSTTTLSFLIKKLKRQKEYQTLKTVCRTCSYRYTSDAGIENDHIASKCNSYDCPVFYSRVKAERYL
RDNQSVQREEALISLNDW
;
A
2 'polypeptide(L)'
;MNRWVEKWLRVYLKCYINLILFYRNVYPPQSFDYTTYQSFNLPQFVPINRHPALIDYIEELILDVLSKLTHVYRFSICII
NKKNDLCIEKYVLDFSELQHVDKDDQIITETEVFDEFRSSLNSLIMHLEKLPKVNDDTITFEAVINAIELELGHKLDRNR
RVDSLEEKAEIERDSNWVKCQEDENLPDNNGFQPPKIKLTSLVGSDVGPLIIHQFSEKLISGDDKILNGVYSQYEEGESI
FGSLF
;
D,E
3 'polypeptide(L)'
;GPGGDLHMDALLTKFNEDRSLQDENLSQPRTRVRIVDDNLYNKSNPFQLCYKKRDYGSQYYHIYQYRLKTFRERVLKECD
KRWDAGFTLNGQLVLKKDKVLDIQGNQPCWCVGSIYCEMKYKPNVLDEVINDTYGAPDLTKSYTDKEGGSDEIMLEDESG
RVLLVGDFIRSTPFITGVVVGILGMEAEAGTFQVLDICYPTPLPQNPFPAPIATCPTRGKIALVSGLNLNNTSPDRLLRL
EILREFLMGRINNKIDDISLIGRLLICGNSVDFDIKSVNKDELMISLTEFSKFLHNILPSISVDIMPGTNDPSDKSLPQQ
PFHKSLFDKSLESYFNGSNKEILNLVTNPYEFSYNGVDVLAVSGKNINDICKYVIPSNDNGESENKVEEGESNDFKDDIE
HRLDLMECTMKWQNIAPTAPDTLWCYPYTDKDPFVLDKWPHVYIVANQPYFGTRVVEIGGKNIKIISVPEFSSTGMIILL
DLETLEAETVKIDI
;
F
4 'polypeptide(L)'
;MDQKASYFINEKLFTEVKPVLFTDLIHHLKIGPSMAKKLMFDYYKQTTNAKYNCVVICCYKDQTIKIIHDLSNIPQQDSI
IDCFIYAFNPMDSFIPYYDIIDQKDCLTIKNSYELKVSESSKIIERTKTLEEKSKPLVRPTARSKTTPEETTGRKSKSKD
MGLRSTALLAKMKKDRDDKETSRQNELRKRKEENLQKINKQNPEREAQMKELNNLFVEDDLDTEEVNGGSKPNSPKETDS
NDKDKNNDDLEDLLETTAEDSLMDVPKIQQTKPSETEHSKEPKSEEEPSSFIDEDGYIVTKRPATSTPPRKPSPVVKRAL
SSSKKQETPSSNKRLKKQGTLESFFKRKAK
;
G
5 'polydeoxyribonucleotide'
;(DT)(DA)(DA)(DT)(DG)(DA)(DT)(DA)(DG)(DG)(DG)(DG)(DA)(DG)(DG)(DG)(DA)(DA)(DT)(DC)
(DC)(DC)(DT)(DC)(DC)(DC)(DC)(DT)(DA)(DC)
;
P,T
#
loop_
_chem_comp.id
_chem_comp.type
_chem_comp.name
_chem_comp.formula
CA non-polymer 'CALCIUM ION' 'Ca 2'
DA DNA linking 2'-DEOXYADENOSINE-5'-MONOPHOSPHATE 'C10 H14 N5 O6 P'
DC DNA linking 2'-DEOXYCYTIDINE-5'-MONOPHOSPHATE 'C9 H14 N3 O7 P'
DCP non-polymer 2'-DEOXYCYTIDINE-5'-TRIPHOSPHATE 'C9 H16 N3 O13 P3'
DG DNA linking 2'-DEOXYGUANOSINE-5'-MONOPHOSPHATE 'C10 H14 N5 O7 P'
DT DNA linking THYMIDINE-5'-MONOPHOSPHATE 'C10 H15 N2 O8 P'
SF4 non-polymer 'IRON/SULFUR CLUSTER' 'Fe4 S4'
#
# COMPACT_ATOMS: atom_id res chain seq x y z
N SER A 54 44.02 -13.51 22.18
CA SER A 54 45.43 -13.73 21.91
C SER A 54 46.28 -13.45 23.14
N ASP A 55 47.55 -13.13 22.93
CA ASP A 55 48.49 -12.84 24.01
C ASP A 55 48.57 -11.35 24.31
N TYR A 56 47.68 -10.54 23.75
CA TYR A 56 47.72 -9.10 23.90
C TYR A 56 46.48 -8.61 24.63
N PHE A 57 46.66 -7.60 25.46
CA PHE A 57 45.52 -6.91 26.05
C PHE A 57 44.82 -6.08 24.99
N ARG A 58 43.52 -6.31 24.81
CA ARG A 58 42.77 -5.72 23.71
C ARG A 58 41.73 -4.77 24.27
N ILE A 59 41.77 -3.50 23.84
CA ILE A 59 40.82 -2.48 24.23
C ILE A 59 40.27 -1.84 22.97
N GLN A 60 38.95 -1.65 22.93
CA GLN A 60 38.30 -1.07 21.76
C GLN A 60 38.22 0.45 21.88
N LEU A 61 38.45 1.12 20.76
CA LEU A 61 38.38 2.59 20.71
C LEU A 61 36.91 3.00 20.56
N ASN A 62 36.23 3.17 21.69
CA ASN A 62 34.85 3.63 21.67
C ASN A 62 34.75 5.14 21.78
N ASN A 63 35.60 5.77 22.58
CA ASN A 63 35.61 7.21 22.72
C ASN A 63 36.99 7.64 23.19
N GLN A 64 37.33 8.90 22.90
CA GLN A 64 38.63 9.44 23.26
C GLN A 64 38.48 10.89 23.70
N ASP A 65 39.36 11.30 24.61
CA ASP A 65 39.39 12.67 25.10
C ASP A 65 40.77 12.93 25.69
N TYR A 66 41.08 14.20 25.88
CA TYR A 66 42.38 14.61 26.41
C TYR A 66 42.19 15.61 27.53
N TYR A 67 43.19 15.67 28.41
CA TYR A 67 43.19 16.62 29.52
C TYR A 67 44.63 16.90 29.91
N MET A 68 44.82 18.01 30.62
CA MET A 68 46.14 18.45 31.04
C MET A 68 46.36 18.08 32.50
N SER A 69 47.52 17.51 32.79
CA SER A 69 47.84 17.05 34.14
C SER A 69 49.30 17.36 34.45
N LYS A 70 49.63 17.32 35.74
CA LYS A 70 50.99 17.55 36.17
C LYS A 70 51.89 16.39 35.72
N PRO A 71 53.15 16.67 35.41
CA PRO A 71 54.05 15.60 34.94
C PRO A 71 54.45 14.64 36.06
N THR A 72 54.00 13.39 35.97
CA THR A 72 54.36 12.38 36.94
C THR A 72 55.62 11.65 36.47
N PHE A 73 55.97 10.55 37.14
CA PHE A 73 57.13 9.78 36.73
C PHE A 73 56.87 8.96 35.47
N LEU A 74 55.61 8.86 35.04
CA LEU A 74 55.27 8.20 33.78
C LEU A 74 55.19 9.18 32.61
N ASP A 75 55.40 10.46 32.85
CA ASP A 75 55.32 11.50 31.84
C ASP A 75 56.69 12.10 31.57
N PRO A 76 56.92 12.60 30.35
CA PRO A 76 58.15 13.35 30.09
C PRO A 76 58.18 14.62 30.93
N SER A 77 59.38 14.97 31.40
CA SER A 77 59.56 16.14 32.26
C SER A 77 60.38 17.24 31.62
N HIS A 78 61.22 16.93 30.64
CA HIS A 78 62.08 17.91 29.99
C HIS A 78 62.15 17.59 28.51
N GLY A 79 63.00 18.32 27.79
CA GLY A 79 63.17 18.10 26.36
C GLY A 79 64.62 18.10 25.94
N GLU A 80 64.87 18.08 24.63
CA GLU A 80 66.23 18.09 24.11
C GLU A 80 66.75 19.47 23.77
N SER A 81 65.85 20.43 23.51
CA SER A 81 66.29 21.79 23.19
C SER A 81 66.68 22.55 24.45
N LEU A 82 65.81 22.57 25.45
CA LEU A 82 66.05 23.26 26.72
C LEU A 82 65.80 22.28 27.85
N PRO A 83 66.72 21.34 28.08
CA PRO A 83 66.51 20.35 29.15
C PRO A 83 66.45 20.95 30.54
N LEU A 84 67.03 22.14 30.75
CA LEU A 84 67.04 22.73 32.08
C LEU A 84 65.63 23.06 32.56
N ASN A 85 64.79 23.61 31.67
CA ASN A 85 63.44 24.02 32.04
C ASN A 85 62.49 22.84 31.93
N GLN A 86 61.77 22.57 33.02
CA GLN A 86 60.82 21.47 33.07
C GLN A 86 59.50 21.90 32.43
N PHE A 87 58.51 21.03 32.50
CA PHE A 87 57.19 21.28 31.93
C PHE A 87 56.20 21.58 33.05
N SER A 88 55.46 22.67 32.90
CA SER A 88 54.43 23.01 33.89
C SER A 88 53.29 22.00 33.85
N GLN A 89 52.92 21.55 32.64
CA GLN A 89 51.83 20.59 32.49
C GLN A 89 52.09 19.75 31.26
N VAL A 90 51.47 18.57 31.22
CA VAL A 90 51.59 17.67 30.08
C VAL A 90 50.20 17.20 29.66
N PRO A 91 49.99 16.87 28.39
CA PRO A 91 48.68 16.35 27.97
C PRO A 91 48.58 14.85 28.16
N ASN A 92 47.38 14.39 28.52
CA ASN A 92 47.08 12.98 28.69
C ASN A 92 45.79 12.65 27.97
N ILE A 93 45.80 11.54 27.23
CA ILE A 93 44.65 11.11 26.44
C ILE A 93 43.93 10.00 27.17
N ARG A 94 42.61 10.12 27.30
CA ARG A 94 41.77 9.12 27.94
C ARG A 94 41.05 8.31 26.88
N VAL A 95 41.11 6.99 27.00
CA VAL A 95 40.45 6.07 26.07
C VAL A 95 39.40 5.27 26.85
N PHE A 96 38.15 5.37 26.42
CA PHE A 96 37.06 4.62 27.01
C PHE A 96 36.80 3.40 26.13
N GLY A 97 37.14 2.21 26.65
CA GLY A 97 37.04 0.99 25.89
C GLY A 97 36.43 -0.13 26.69
N ALA A 98 36.14 -1.22 25.99
CA ALA A 98 35.58 -2.42 26.59
C ALA A 98 36.44 -3.62 26.21
N LEU A 99 36.68 -4.49 27.19
CA LEU A 99 37.45 -5.69 26.94
C LEU A 99 36.67 -6.63 26.03
N PRO A 100 37.36 -7.55 25.34
CA PRO A 100 36.64 -8.51 24.49
C PRO A 100 35.65 -9.35 25.27
N THR A 101 35.88 -9.55 26.56
CA THR A 101 34.92 -10.23 27.41
C THR A 101 33.70 -9.37 27.73
N GLY A 102 33.77 -8.07 27.49
CA GLY A 102 32.65 -7.18 27.73
C GLY A 102 32.79 -6.23 28.91
N HIS A 103 33.99 -6.12 29.50
CA HIS A 103 34.20 -5.29 30.67
C HIS A 103 34.78 -3.94 30.26
N GLN A 104 34.19 -2.88 30.78
CA GLN A 104 34.64 -1.52 30.45
C GLN A 104 35.98 -1.22 31.12
N VAL A 105 36.88 -0.61 30.36
CA VAL A 105 38.21 -0.25 30.84
C VAL A 105 38.50 1.19 30.42
N LEU A 106 39.04 1.98 31.35
CA LEU A 106 39.49 3.33 31.07
C LEU A 106 41.01 3.35 31.00
N CYS A 107 41.55 3.89 29.91
CA CYS A 107 42.98 3.90 29.67
C CYS A 107 43.48 5.34 29.56
N HIS A 108 44.56 5.64 30.28
CA HIS A 108 45.22 6.93 30.19
C HIS A 108 46.51 6.79 29.39
N VAL A 109 46.69 7.67 28.41
CA VAL A 109 47.85 7.64 27.53
C VAL A 109 48.77 8.79 27.89
N HIS A 110 50.05 8.49 28.09
CA HIS A 110 51.05 9.47 28.48
C HIS A 110 52.09 9.63 27.39
N GLY A 111 52.78 10.76 27.41
CA GLY A 111 53.92 10.98 26.53
C GLY A 111 53.59 11.35 25.11
N ILE A 112 52.32 11.55 24.77
CA ILE A 112 51.91 11.91 23.42
C ILE A 112 51.72 13.41 23.37
N LEU A 113 52.44 14.08 22.45
CA LEU A 113 52.43 15.52 22.37
C LEU A 113 52.05 15.97 20.97
N PRO A 114 51.24 17.01 20.85
CA PRO A 114 50.96 17.58 19.53
C PRO A 114 52.18 18.29 18.96
N TYR A 115 52.26 18.32 17.63
CA TYR A 115 53.40 18.93 16.97
C TYR A 115 52.97 19.53 15.64
N MET A 116 53.75 20.51 15.18
CA MET A 116 53.54 21.15 13.90
C MET A 116 54.90 21.48 13.29
N PHE A 117 54.93 21.60 11.98
CA PHE A 117 56.17 21.79 11.24
C PHE A 117 56.21 23.17 10.60
N ILE A 118 57.37 23.83 10.67
CA ILE A 118 57.61 25.09 9.99
C ILE A 118 58.93 24.97 9.26
N LYS A 119 59.13 25.86 8.29
CA LYS A 119 60.31 25.78 7.42
C LYS A 119 61.59 26.01 8.23
N TYR A 120 62.60 25.19 7.93
CA TYR A 120 63.90 25.32 8.57
C TYR A 120 64.67 26.47 7.93
N ASP A 121 65.17 27.39 8.76
CA ASP A 121 65.84 28.58 8.28
C ASP A 121 67.33 28.38 8.05
N GLY A 122 67.96 27.47 8.80
CA GLY A 122 69.39 27.27 8.66
C GLY A 122 69.75 26.50 7.40
N GLN A 123 71.06 26.41 7.16
CA GLN A 123 71.55 25.70 6.00
C GLN A 123 71.65 24.21 6.27
N ILE A 124 71.61 23.42 5.20
CA ILE A 124 71.71 21.97 5.31
C ILE A 124 73.12 21.49 5.59
N THR A 125 74.09 22.39 5.69
CA THR A 125 75.48 22.05 5.94
C THR A 125 75.84 22.17 7.43
N ASP A 126 74.86 21.98 8.31
CA ASP A 126 75.13 22.03 9.74
C ASP A 126 75.99 20.84 10.17
N THR A 127 76.82 21.07 11.19
CA THR A 127 77.72 20.06 11.73
C THR A 127 77.14 19.34 12.93
N SER A 128 75.81 19.21 12.99
CA SER A 128 75.04 18.57 14.05
C SER A 128 75.12 19.30 15.38
N THR A 129 75.77 20.46 15.43
CA THR A 129 75.86 21.26 16.65
C THR A 129 75.12 22.59 16.53
N LEU A 130 75.19 23.26 15.38
CA LEU A 130 74.47 24.50 15.19
C LEU A 130 72.95 24.28 15.14
N ARG A 131 72.52 23.07 14.76
CA ARG A 131 71.09 22.79 14.74
C ARG A 131 70.50 22.88 16.14
N HIS A 132 71.20 22.33 17.14
CA HIS A 132 70.72 22.40 18.51
C HIS A 132 70.67 23.84 19.01
N GLN A 133 71.68 24.63 18.66
CA GLN A 133 71.70 26.04 19.07
C GLN A 133 70.53 26.80 18.44
N ARG A 134 70.28 26.59 17.15
CA ARG A 134 69.17 27.26 16.49
C ARG A 134 67.84 26.81 17.08
N CYS A 135 67.70 25.52 17.40
CA CYS A 135 66.49 25.04 18.03
C CYS A 135 66.28 25.68 19.40
N ALA A 136 67.36 25.83 20.17
CA ALA A 136 67.24 26.49 21.48
C ALA A 136 66.82 27.94 21.32
N GLN A 137 67.41 28.66 20.35
CA GLN A 137 67.06 30.05 20.15
C GLN A 137 65.60 30.20 19.72
N VAL A 138 65.15 29.37 18.78
CA VAL A 138 63.76 29.49 18.34
C VAL A 138 62.81 29.07 19.45
N HIS A 139 63.18 28.08 20.27
CA HIS A 139 62.35 27.70 21.40
C HIS A 139 62.20 28.85 22.38
N LYS A 140 63.32 29.51 22.69
CA LYS A 140 63.27 30.66 23.60
C LYS A 140 62.41 31.77 23.02
N THR A 141 62.56 32.05 21.72
CA THR A 141 61.79 33.11 21.08
C THR A 141 60.30 32.78 21.12
N LEU A 142 59.93 31.54 20.80
CA LEU A 142 58.53 31.14 20.84
C LEU A 142 57.97 31.27 22.25
N GLU A 143 58.70 30.76 23.25
CA GLU A 143 58.20 30.82 24.61
C GLU A 143 57.99 32.26 25.06
N VAL A 144 58.97 33.12 24.78
CA VAL A 144 58.85 34.52 25.17
C VAL A 144 57.67 35.18 24.48
N LYS A 145 57.50 34.93 23.18
CA LYS A 145 56.45 35.62 22.44
C LYS A 145 55.07 35.16 22.85
N ILE A 146 54.88 33.86 23.09
CA ILE A 146 53.58 33.40 23.57
C ILE A 146 53.30 33.90 24.98
N ARG A 147 54.32 33.92 25.85
CA ARG A 147 54.11 34.43 27.19
C ARG A 147 53.74 35.90 27.18
N ALA A 148 54.32 36.67 26.25
CA ALA A 148 53.99 38.08 26.16
C ALA A 148 52.61 38.30 25.54
N SER A 149 52.29 37.56 24.49
CA SER A 149 51.02 37.78 23.78
C SER A 149 49.84 37.28 24.59
N PHE A 150 49.95 36.09 25.19
CA PHE A 150 48.86 35.51 25.96
C PHE A 150 48.81 36.02 27.39
N LYS A 151 49.75 36.86 27.79
CA LYS A 151 49.80 37.42 29.13
C LYS A 151 49.84 36.34 30.20
N LYS A 164 64.68 35.51 33.29
CA LYS A 164 64.44 34.17 33.79
C LYS A 164 63.36 33.47 32.98
N LEU A 165 63.69 32.30 32.44
CA LEU A 165 62.78 31.50 31.63
C LEU A 165 62.81 30.06 32.15
N GLY A 166 61.76 29.68 32.89
CA GLY A 166 61.66 28.32 33.41
C GLY A 166 60.21 27.89 33.44
N ASN A 167 60.01 26.59 33.61
CA ASN A 167 58.68 25.98 33.69
C ASN A 167 57.87 26.30 32.42
N LEU A 168 58.35 25.72 31.32
CA LEU A 168 57.71 25.90 30.02
C LEU A 168 56.23 25.53 30.09
N ASN A 169 55.39 26.40 29.53
CA ASN A 169 53.94 26.21 29.59
C ASN A 169 53.28 25.96 28.25
N PHE A 170 53.93 26.34 27.14
CA PHE A 170 53.33 26.20 25.82
C PHE A 170 54.14 25.31 24.90
N VAL A 171 55.46 25.51 24.81
CA VAL A 171 56.33 24.79 23.89
C VAL A 171 57.17 23.81 24.68
N ALA A 172 57.19 22.55 24.23
CA ALA A 172 57.99 21.51 24.89
C ALA A 172 59.43 21.52 24.37
N ASP A 173 59.61 21.29 23.08
CA ASP A 173 60.94 21.35 22.48
C ASP A 173 60.79 21.56 20.99
N VAL A 174 61.90 21.95 20.36
CA VAL A 174 61.96 22.16 18.92
C VAL A 174 63.10 21.29 18.38
N SER A 175 62.79 20.49 17.36
CA SER A 175 63.78 19.60 16.76
C SER A 175 63.71 19.71 15.25
N VAL A 176 64.79 19.30 14.59
CA VAL A 176 64.92 19.39 13.14
C VAL A 176 64.69 18.00 12.56
N VAL A 177 63.70 17.89 11.68
CA VAL A 177 63.38 16.65 11.00
C VAL A 177 63.31 16.90 9.51
N LYS A 178 63.62 15.87 8.74
CA LYS A 178 63.54 15.94 7.29
C LYS A 178 62.10 15.66 6.85
N GLY A 179 61.83 15.94 5.58
CA GLY A 179 60.49 15.71 5.04
C GLY A 179 60.43 16.06 3.58
N ILE A 180 59.31 15.69 2.98
CA ILE A 180 59.03 15.96 1.58
C ILE A 180 57.70 16.70 1.51
N PRO A 181 57.65 17.91 0.96
CA PRO A 181 56.38 18.64 0.90
C PRO A 181 55.34 17.91 0.07
N PHE A 182 54.08 18.05 0.48
CA PHE A 182 52.97 17.38 -0.18
C PHE A 182 52.20 18.27 -1.14
N TYR A 183 52.14 19.58 -0.87
CA TYR A 183 51.42 20.54 -1.71
C TYR A 183 52.33 20.97 -2.84
N GLY A 184 52.42 20.13 -3.87
CA GLY A 184 53.31 20.34 -4.99
C GLY A 184 54.22 19.16 -5.23
N TYR A 185 54.90 19.20 -6.37
CA TYR A 185 55.81 18.14 -6.77
C TYR A 185 57.20 18.47 -6.26
N HIS A 186 57.66 17.72 -5.27
CA HIS A 186 58.99 17.85 -4.71
C HIS A 186 59.67 16.50 -4.72
N VAL A 187 60.98 16.49 -4.95
CA VAL A 187 61.72 15.25 -5.14
C VAL A 187 62.80 15.09 -4.09
N GLY A 188 63.27 16.21 -3.52
CA GLY A 188 64.38 16.15 -2.60
C GLY A 188 64.00 16.28 -1.13
N TRP A 189 64.90 15.85 -0.25
CA TRP A 189 64.69 16.02 1.18
C TRP A 189 64.71 17.50 1.54
N ASN A 190 63.77 17.90 2.39
CA ASN A 190 63.68 19.27 2.88
C ASN A 190 63.71 19.26 4.40
N LEU A 191 64.48 20.18 4.97
CA LEU A 191 64.60 20.28 6.42
C LEU A 191 63.40 21.03 7.00
N PHE A 192 62.87 20.51 8.09
CA PHE A 192 61.73 21.10 8.77
C PHE A 192 61.99 21.17 10.27
N TYR A 193 61.32 22.11 10.93
CA TYR A 193 61.31 22.17 12.38
C TYR A 193 60.16 21.33 12.91
N LYS A 194 60.36 20.74 14.09
CA LYS A 194 59.32 19.98 14.77
C LYS A 194 59.07 20.68 16.10
N ILE A 195 58.10 21.60 16.10
CA ILE A 195 57.75 22.36 17.30
C ILE A 195 56.66 21.59 18.02
N SER A 196 57.06 20.85 19.06
CA SER A 196 56.11 20.11 19.88
C SER A 196 55.58 21.02 20.98
N LEU A 197 54.27 21.14 21.06
CA LEU A 197 53.61 21.99 22.05
C LEU A 197 53.18 21.18 23.26
N LEU A 198 52.72 21.88 24.28
CA LEU A 198 52.24 21.26 25.51
C LEU A 198 50.71 21.20 25.59
N ASN A 199 50.04 22.30 25.25
CA ASN A 199 48.58 22.35 25.30
C ASN A 199 48.02 22.26 23.89
N PRO A 200 47.40 21.14 23.50
CA PRO A 200 46.90 21.03 22.12
C PRO A 200 45.73 21.94 21.81
N SER A 201 45.02 22.45 22.83
CA SER A 201 43.87 23.30 22.57
C SER A 201 44.29 24.61 21.90
N CYS A 202 45.40 25.18 22.32
CA CYS A 202 45.86 26.46 21.80
C CYS A 202 46.79 26.32 20.60
N LEU A 203 46.91 25.11 20.04
CA LEU A 203 47.81 24.91 18.89
C LEU A 203 47.38 25.79 17.71
N SER A 204 46.07 25.92 17.49
CA SER A 204 45.59 26.76 16.39
C SER A 204 46.00 28.21 16.60
N ARG A 205 45.92 28.70 17.84
CA ARG A 205 46.31 30.08 18.12
C ARG A 205 47.80 30.29 17.84
N ILE A 206 48.64 29.34 18.25
CA ILE A 206 50.07 29.45 17.99
C ILE A 206 50.33 29.44 16.49
N SER A 207 49.65 28.55 15.76
CA SER A 207 49.82 28.51 14.31
C SER A 207 49.43 29.82 13.66
N GLU A 208 48.31 30.40 14.10
CA GLU A 208 47.89 31.68 13.55
C GLU A 208 48.89 32.79 13.85
N LEU A 209 49.42 32.82 15.09
CA LEU A 209 50.39 33.83 15.44
C LEU A 209 51.67 33.69 14.62
N ILE A 210 52.13 32.45 14.42
CA ILE A 210 53.35 32.25 13.63
C ILE A 210 53.11 32.63 12.17
N ARG A 211 51.97 32.24 11.61
CA ARG A 211 51.68 32.53 10.21
C ARG A 211 51.45 34.01 9.98
N ASP A 212 50.95 34.74 10.97
CA ASP A 212 50.66 36.15 10.83
C ASP A 212 51.87 37.05 11.04
N GLY A 213 53.03 36.48 11.35
CA GLY A 213 54.24 37.26 11.54
C GLY A 213 54.35 37.94 12.89
N LYS A 214 53.49 37.59 13.85
CA LYS A 214 53.58 38.20 15.17
C LYS A 214 54.75 37.64 15.98
N ILE A 215 55.15 36.40 15.72
CA ILE A 215 56.24 35.80 16.49
C ILE A 215 57.59 36.27 15.97
N PHE A 216 57.89 35.99 14.71
CA PHE A 216 59.16 36.34 14.10
C PHE A 216 59.01 37.61 13.28
N GLY A 217 60.10 38.00 12.62
CA GLY A 217 60.07 39.16 11.75
C GLY A 217 59.51 38.93 10.37
N LYS A 218 59.33 37.66 9.98
CA LYS A 218 58.82 37.32 8.67
C LYS A 218 57.75 36.25 8.80
N LYS A 219 56.83 36.23 7.84
CA LYS A 219 55.77 35.23 7.85
C LYS A 219 56.31 33.86 7.47
N PHE A 220 55.81 32.83 8.14
CA PHE A 220 56.23 31.45 7.90
C PHE A 220 55.01 30.58 7.63
N GLU A 221 55.14 29.68 6.67
CA GLU A 221 54.08 28.73 6.38
C GLU A 221 54.00 27.68 7.47
N ILE A 222 52.78 27.26 7.80
CA ILE A 222 52.53 26.28 8.85
C ILE A 222 52.17 24.95 8.19
N TYR A 223 52.76 23.88 8.69
CA TYR A 223 52.54 22.54 8.17
C TYR A 223 51.91 21.66 9.26
N GLU A 224 50.84 20.96 8.89
CA GLU A 224 50.17 20.01 9.78
C GLU A 224 49.66 20.69 11.05
N SER A 225 48.82 21.70 10.85
CA SER A 225 48.14 22.36 11.96
C SER A 225 46.62 22.24 11.90
N HIS A 226 46.05 21.98 10.73
CA HIS A 226 44.61 21.73 10.62
C HIS A 226 44.21 20.35 11.13
N ILE A 227 45.16 19.47 11.34
CA ILE A 227 44.87 18.13 11.86
C ILE A 227 44.77 18.21 13.38
N PRO A 228 43.68 17.76 13.99
CA PRO A 228 43.57 17.81 15.45
C PRO A 228 44.53 16.85 16.13
N TYR A 229 44.74 17.10 17.42
CA TYR A 229 45.70 16.32 18.20
C TYR A 229 45.27 14.85 18.29
N LEU A 230 43.98 14.61 18.48
CA LEU A 230 43.49 13.23 18.57
C LEU A 230 43.71 12.48 17.27
N LEU A 231 43.47 13.14 16.13
CA LEU A 231 43.70 12.51 14.84
C LEU A 231 45.17 12.19 14.64
N GLN A 232 46.06 13.11 15.01
CA GLN A 232 47.49 12.85 14.91
C GLN A 232 47.89 11.65 15.77
N TRP A 233 47.39 11.60 17.01
CA TRP A 233 47.72 10.49 17.89
C TRP A 233 47.23 9.17 17.33
N THR A 234 46.01 9.14 16.80
CA THR A 234 45.48 7.90 16.24
C THR A 234 46.26 7.47 15.00
N ALA A 235 46.60 8.42 14.13
CA ALA A 235 47.29 8.07 12.89
C ALA A 235 48.73 7.63 13.14
N ASP A 236 49.40 8.24 14.13
CA ASP A 236 50.80 7.91 14.38
C ASP A 236 50.97 6.47 14.84
N PHE A 237 50.05 5.97 15.66
CA PHE A 237 50.18 4.66 16.27
C PHE A 237 49.34 3.59 15.57
N ASN A 238 48.84 3.88 14.37
CA ASN A 238 48.08 2.93 13.56
C ASN A 238 46.85 2.44 14.33
N LEU A 239 46.00 3.39 14.71
CA LEU A 239 44.77 3.11 15.42
C LEU A 239 43.58 3.52 14.58
N PHE A 240 42.53 2.69 14.63
CA PHE A 240 41.28 2.97 13.94
C PHE A 240 40.14 2.95 14.93
N GLY A 241 39.12 3.75 14.66
CA GLY A 241 37.98 3.81 15.57
C GLY A 241 37.29 2.47 15.68
N CYS A 242 36.85 2.15 16.90
CA CYS A 242 36.16 0.89 17.20
C CYS A 242 36.99 -0.32 16.80
N SER A 243 38.30 -0.24 17.02
CA SER A 243 39.23 -1.32 16.73
C SER A 243 40.03 -1.64 17.99
N TRP A 244 40.66 -2.80 17.98
CA TRP A 244 41.38 -3.28 19.15
C TRP A 244 42.71 -2.55 19.32
N ILE A 245 43.01 -2.17 20.55
CA ILE A 245 44.30 -1.57 20.90
C ILE A 245 45.13 -2.70 21.51
N ASN A 246 45.89 -3.38 20.65
CA ASN A 246 46.71 -4.50 21.09
C ASN A 246 47.92 -3.97 21.86
N VAL A 247 47.93 -4.21 23.18
CA VAL A 247 49.00 -3.74 24.05
C VAL A 247 49.47 -4.93 24.88
N ASP A 248 50.79 -5.01 25.09
CA ASP A 248 51.38 -6.12 25.82
C ASP A 248 51.60 -5.82 27.29
N ARG A 249 51.88 -4.58 27.65
CA ARG A 249 52.17 -4.20 29.02
C ARG A 249 51.36 -2.97 29.40
N CYS A 250 50.82 -2.98 30.62
CA CYS A 250 50.03 -1.87 31.12
C CYS A 250 50.31 -1.67 32.60
N TYR A 251 49.86 -0.53 33.12
CA TYR A 251 50.00 -0.19 34.53
C TYR A 251 48.62 -0.03 35.14
N PHE A 252 48.37 -0.74 36.24
CA PHE A 252 47.08 -0.70 36.89
C PHE A 252 47.06 0.36 37.99
N ARG A 253 45.86 0.71 38.43
CA ARG A 253 45.62 1.80 39.36
C ARG A 253 44.96 1.25 40.63
N SER A 254 44.43 2.18 41.44
CA SER A 254 43.70 1.90 42.68
C SER A 254 42.67 0.80 42.43
N PRO A 255 42.20 0.07 43.49
CA PRO A 255 41.74 -1.33 43.30
C PRO A 255 41.00 -1.61 42.00
N VAL A 256 41.48 -2.62 41.28
CA VAL A 256 41.05 -2.83 39.90
C VAL A 256 39.57 -3.12 39.83
N LEU A 257 39.08 -4.01 40.70
CA LEU A 257 37.66 -4.30 40.77
C LEU A 257 36.99 -3.18 41.54
N ASN A 258 36.47 -2.20 40.82
CA ASN A 258 35.87 -1.04 41.46
C ASN A 258 34.66 -1.43 42.29
N SER A 259 34.46 -0.72 43.39
CA SER A 259 33.36 -0.99 44.31
C SER A 259 32.46 0.23 44.41
N ILE A 260 32.09 0.80 43.26
CA ILE A 260 31.24 2.00 43.25
C ILE A 260 29.96 1.74 44.03
N LEU A 261 29.14 0.80 43.56
CA LEU A 261 28.04 0.29 44.36
C LEU A 261 28.17 -1.20 44.64
N ASP A 262 28.18 -2.06 43.62
CA ASP A 262 28.45 -3.48 43.84
C ASP A 262 29.21 -4.14 42.70
N ILE A 263 29.64 -3.40 41.69
CA ILE A 263 30.06 -3.99 40.42
C ILE A 263 31.29 -4.89 40.54
N ASP A 264 31.94 -4.92 41.70
CA ASP A 264 33.09 -5.79 41.89
C ASP A 264 32.73 -7.25 42.08
N LYS A 265 31.45 -7.59 42.06
CA LYS A 265 31.00 -8.97 42.17
C LYS A 265 30.12 -9.42 41.01
N LEU A 266 29.28 -8.53 40.47
CA LEU A 266 28.41 -8.92 39.37
C LEU A 266 29.20 -9.09 38.07
N THR A 267 30.09 -8.15 37.78
CA THR A 267 30.78 -8.14 36.48
C THR A 267 31.87 -9.19 36.39
N ILE A 268 32.47 -9.59 37.51
CA ILE A 268 33.61 -10.48 37.48
C ILE A 268 33.18 -11.87 36.99
N ASN A 269 34.02 -12.48 36.16
CA ASN A 269 33.77 -13.81 35.62
C ASN A 269 35.09 -14.55 35.53
N ASP A 270 35.04 -15.77 34.98
CA ASP A 270 36.25 -16.56 34.82
C ASP A 270 37.21 -15.93 33.83
N ASP A 271 36.68 -15.44 32.70
CA ASP A 271 37.55 -14.83 31.68
C ASP A 271 38.22 -13.56 32.19
N LEU A 272 37.47 -12.72 32.92
CA LEU A 272 38.06 -11.51 33.46
C LEU A 272 39.15 -11.84 34.47
N GLN A 273 38.91 -12.82 35.35
CA GLN A 273 39.92 -13.21 36.31
C GLN A 273 41.14 -13.77 35.63
N LEU A 274 40.95 -14.55 34.56
CA LEU A 274 42.09 -15.07 33.80
C LEU A 274 42.89 -13.94 33.18
N LEU A 275 42.21 -12.93 32.63
CA LEU A 275 42.92 -11.80 32.04
C LEU A 275 43.73 -11.04 33.09
N LEU A 276 43.13 -10.80 34.26
CA LEU A 276 43.87 -10.12 35.33
C LEU A 276 45.05 -10.96 35.81
N ASP A 277 44.87 -12.27 35.93
CA ASP A 277 45.98 -13.13 36.33
C ASP A 277 47.09 -13.10 35.30
N ARG A 278 46.74 -13.01 34.02
CA ARG A 278 47.76 -12.99 32.97
C ARG A 278 48.50 -11.66 32.93
N PHE A 279 47.80 -10.54 33.17
CA PHE A 279 48.39 -9.23 32.97
C PHE A 279 48.68 -8.45 34.24
N CYS A 280 48.02 -8.76 35.35
CA CYS A 280 48.22 -8.04 36.59
C CYS A 280 49.00 -8.89 37.58
N ASP A 281 49.99 -8.28 38.25
CA ASP A 281 50.84 -8.99 39.18
C ASP A 281 50.64 -8.58 40.63
N PHE A 282 50.05 -7.41 40.89
CA PHE A 282 49.74 -6.93 42.23
C PHE A 282 51.00 -6.70 43.07
N LYS A 283 52.17 -6.83 42.46
CA LYS A 283 53.43 -6.65 43.17
C LYS A 283 54.27 -5.52 42.57
N CYS A 284 54.40 -5.47 41.24
CA CYS A 284 55.16 -4.43 40.58
C CYS A 284 54.37 -3.81 39.43
N ASN A 285 53.08 -4.05 39.37
CA ASN A 285 52.23 -3.57 38.29
C ASN A 285 51.22 -2.53 38.73
N VAL A 286 50.60 -2.72 39.90
CA VAL A 286 49.61 -1.79 40.40
C VAL A 286 50.30 -0.54 40.92
N LEU A 287 49.87 0.62 40.45
CA LEU A 287 50.46 1.88 40.89
C LEU A 287 50.02 2.19 42.32
N SER A 288 50.73 3.14 42.93
CA SER A 288 50.44 3.52 44.31
C SER A 288 49.08 4.18 44.42
N ARG A 289 48.41 3.93 45.55
CA ARG A 289 47.08 4.49 45.77
C ARG A 289 47.13 6.01 45.86
N ARG A 290 48.14 6.56 46.52
CA ARG A 290 48.18 7.99 46.78
C ARG A 290 48.46 8.79 45.51
N ASP A 291 49.44 8.36 44.71
CA ASP A 291 49.87 9.16 43.56
C ASP A 291 48.89 9.06 42.39
N PHE A 292 48.27 7.91 42.18
CA PHE A 292 47.39 7.70 41.03
C PHE A 292 46.05 7.15 41.49
N PRO A 293 45.17 8.01 42.00
CA PRO A 293 43.81 7.57 42.33
C PRO A 293 42.98 7.34 41.09
N ARG A 294 41.96 6.49 41.24
CA ARG A 294 41.04 6.24 40.15
C ARG A 294 40.20 7.48 39.86
N VAL A 295 39.81 7.63 38.60
CA VAL A 295 38.99 8.77 38.19
C VAL A 295 37.77 8.27 37.42
N GLY A 296 37.77 7.00 37.06
CA GLY A 296 36.70 6.42 36.25
C GLY A 296 35.65 5.73 37.10
N ASN A 297 34.38 5.97 36.75
CA ASN A 297 33.26 5.32 37.42
C ASN A 297 32.88 4.04 36.70
N GLY A 298 33.87 3.17 36.54
CA GLY A 298 33.66 1.90 35.86
C GLY A 298 34.57 0.82 36.39
N LEU A 299 34.77 -0.24 35.59
CA LEU A 299 35.59 -1.36 36.01
C LEU A 299 37.07 -1.02 35.85
N ILE A 300 37.94 -2.04 35.85
CA ILE A 300 39.39 -1.90 35.93
C ILE A 300 39.91 -0.79 35.04
N GLU A 301 40.83 0.00 35.58
CA GLU A 301 41.41 1.15 34.91
C GLU A 301 42.91 0.95 34.75
N ILE A 302 43.44 1.34 33.59
CA ILE A 302 44.84 1.11 33.27
C ILE A 302 45.49 2.42 32.83
N ASP A 303 46.81 2.46 32.95
CA ASP A 303 47.62 3.55 32.42
C ASP A 303 48.62 2.96 31.43
N ILE A 304 48.83 3.66 30.32
CA ILE A 304 49.64 3.14 29.23
C ILE A 304 50.72 4.15 28.88
N LEU A 305 51.81 3.64 28.32
CA LEU A 305 52.93 4.41 27.80
C LEU A 305 53.01 4.24 26.28
N PRO A 306 53.61 5.21 25.56
CA PRO A 306 53.67 5.07 24.11
C PRO A 306 54.45 3.86 23.63
N GLN A 307 55.43 3.40 24.42
CA GLN A 307 56.17 2.20 24.06
C GLN A 307 55.30 0.95 24.12
N PHE A 308 54.29 0.95 24.98
CA PHE A 308 53.48 -0.24 25.18
C PHE A 308 52.56 -0.51 24.00
N ILE A 309 52.10 0.53 23.31
CA ILE A 309 51.17 0.37 22.21
C ILE A 309 51.90 -0.34 21.07
N LYS A 310 51.52 -1.59 20.81
CA LYS A 310 52.13 -2.39 19.76
C LYS A 310 51.26 -2.48 18.51
N ASN A 311 50.23 -1.63 18.40
CA ASN A 311 49.48 -1.53 17.15
C ASN A 311 50.38 -1.02 16.03
N ARG A 312 51.34 -0.16 16.36
CA ARG A 312 52.33 0.28 15.39
C ARG A 312 53.33 -0.85 15.16
N GLU A 313 54.39 -0.55 14.42
CA GLU A 313 55.40 -1.50 13.95
C GLU A 313 54.85 -2.45 12.89
N LYS A 314 53.56 -2.37 12.59
CA LYS A 314 52.97 -3.06 11.44
C LYS A 314 52.83 -2.15 10.24
N LEU A 315 53.19 -0.87 10.38
CA LEU A 315 53.12 0.07 9.27
C LEU A 315 54.29 -0.16 8.32
N GLN A 316 54.01 -0.02 7.02
CA GLN A 316 55.02 -0.19 5.97
C GLN A 316 55.54 1.19 5.60
N HIS A 317 56.70 1.54 6.16
CA HIS A 317 57.33 2.83 5.89
C HIS A 317 58.16 2.73 4.61
N ARG A 318 57.93 3.67 3.69
CA ARG A 318 58.66 3.73 2.44
C ARG A 318 59.24 5.14 2.26
N ASP A 319 60.43 5.21 1.67
CA ASP A 319 61.11 6.48 1.41
C ASP A 319 61.53 6.56 -0.05
N ILE A 320 60.59 6.22 -0.94
CA ILE A 320 60.87 6.21 -2.38
C ILE A 320 60.73 7.57 -3.02
N HIS A 321 60.25 8.57 -2.28
CA HIS A 321 60.01 9.90 -2.82
C HIS A 321 61.18 10.85 -2.64
N HIS A 322 62.28 10.38 -2.03
CA HIS A 322 63.45 11.22 -1.84
C HIS A 322 64.35 11.27 -3.06
N ASP A 323 64.08 10.46 -4.07
CA ASP A 323 64.83 10.46 -5.33
C ASP A 323 63.97 9.79 -6.39
N PHE A 324 64.54 9.60 -7.57
CA PHE A 324 63.81 8.99 -8.69
C PHE A 324 63.95 7.47 -8.64
N LEU A 325 63.56 6.90 -7.50
CA LEU A 325 63.60 5.45 -7.35
C LEU A 325 62.62 4.76 -8.28
N GLU A 326 61.42 5.33 -8.44
CA GLU A 326 60.42 4.72 -9.30
C GLU A 326 60.86 4.70 -10.76
N LYS A 327 61.51 5.77 -11.21
CA LYS A 327 61.96 5.85 -12.60
C LYS A 327 63.09 4.87 -12.91
N LEU A 328 63.77 4.36 -11.88
CA LEU A 328 64.85 3.41 -12.08
C LEU A 328 64.29 1.99 -11.95
N GLY A 329 65.18 1.01 -11.96
CA GLY A 329 64.79 -0.39 -11.87
C GLY A 329 64.25 -0.76 -10.50
N LYS A 337 49.14 -5.48 -2.61
CA LYS A 337 48.75 -5.17 -1.24
C LYS A 337 48.20 -3.75 -1.15
N PRO A 338 47.05 -3.61 -0.48
CA PRO A 338 46.47 -2.28 -0.32
C PRO A 338 47.34 -1.36 0.52
N TYR A 339 47.30 -0.07 0.20
CA TYR A 339 48.07 0.93 0.91
C TYR A 339 47.37 1.43 2.17
N VAL A 340 46.14 0.98 2.42
CA VAL A 340 45.40 1.32 3.64
C VAL A 340 45.32 0.04 4.48
N SER A 341 45.83 0.12 5.71
CA SER A 341 45.84 -1.07 6.56
C SER A 341 44.44 -1.53 6.94
N SER A 342 43.49 -0.60 7.03
CA SER A 342 42.10 -0.99 7.26
C SER A 342 41.57 -1.83 6.11
N ALA A 343 41.90 -1.44 4.87
CA ALA A 343 41.51 -2.25 3.73
C ALA A 343 42.19 -3.61 3.75
N ARG A 344 43.44 -3.66 4.21
CA ARG A 344 44.13 -4.95 4.35
C ARG A 344 43.42 -5.84 5.35
N ASP A 345 43.01 -5.28 6.48
CA ASP A 345 42.26 -6.05 7.47
C ASP A 345 40.93 -6.54 6.88
N MET A 346 40.25 -5.67 6.12
CA MET A 346 38.98 -6.05 5.52
C MET A 346 39.15 -7.21 4.55
N ILE A 347 40.14 -7.10 3.66
CA ILE A 347 40.35 -8.18 2.68
C ILE A 347 40.81 -9.45 3.36
N ASN A 348 41.60 -9.34 4.43
CA ASN A 348 41.97 -10.53 5.19
C ASN A 348 40.74 -11.20 5.80
N GLU A 349 39.82 -10.40 6.34
CA GLU A 349 38.59 -10.96 6.90
C GLU A 349 37.75 -11.64 5.83
N LEU A 350 37.64 -11.02 4.64
CA LEU A 350 36.89 -11.66 3.56
C LEU A 350 37.53 -12.96 3.11
N THR A 351 38.87 -12.99 3.01
CA THR A 351 39.54 -14.24 2.64
C THR A 351 39.33 -15.31 3.70
N MET A 352 39.40 -14.93 4.98
CA MET A 352 39.17 -15.90 6.05
C MET A 352 37.73 -16.42 6.01
N GLN A 353 36.78 -15.56 5.66
CA GLN A 353 35.38 -15.98 5.58
C GLN A 353 35.20 -17.05 4.50
N ARG A 354 35.84 -16.88 3.36
CA ARG A 354 35.73 -17.84 2.26
C ARG A 354 36.57 -19.09 2.55
N GLU A 361 38.91 -18.25 -5.01
CA GLU A 361 39.69 -17.02 -5.00
C GLU A 361 38.88 -15.85 -5.56
N TYR A 362 39.55 -14.70 -5.73
CA TYR A 362 38.92 -13.50 -6.24
C TYR A 362 39.67 -13.02 -7.48
N LYS A 363 38.93 -12.62 -8.50
CA LYS A 363 39.52 -12.13 -9.73
C LYS A 363 38.56 -11.18 -10.43
N GLU A 364 39.09 -10.37 -11.33
CA GLU A 364 38.30 -9.42 -12.10
C GLU A 364 38.99 -9.20 -13.44
N PRO A 365 38.48 -9.78 -14.53
CA PRO A 365 39.10 -9.62 -15.84
C PRO A 365 38.95 -8.20 -16.35
N PRO A 366 40.04 -7.53 -16.70
CA PRO A 366 39.94 -6.17 -17.24
C PRO A 366 39.50 -6.14 -18.69
N GLU A 367 39.47 -4.95 -19.28
CA GLU A 367 39.12 -4.75 -20.68
C GLU A 367 40.28 -4.05 -21.38
N THR A 368 40.68 -4.58 -22.52
CA THR A 368 41.77 -3.99 -23.30
C THR A 368 41.31 -2.66 -23.87
N LYS A 369 41.87 -1.56 -23.35
CA LYS A 369 41.50 -0.22 -23.75
C LYS A 369 42.59 0.37 -24.62
N ARG A 370 42.20 0.86 -25.80
CA ARG A 370 43.12 1.47 -26.76
C ARG A 370 42.79 2.95 -26.82
N HIS A 371 43.39 3.73 -25.93
CA HIS A 371 43.13 5.16 -25.85
C HIS A 371 43.89 5.89 -26.96
N VAL A 372 43.79 7.22 -26.94
CA VAL A 372 44.46 8.05 -27.93
C VAL A 372 45.97 8.02 -27.66
N SER A 373 46.74 8.51 -28.64
CA SER A 373 48.20 8.54 -28.47
C SER A 373 48.60 9.43 -27.31
N GLY A 374 47.95 10.59 -27.18
CA GLY A 374 48.23 11.48 -26.08
C GLY A 374 47.00 12.15 -25.51
N HIS A 375 45.82 11.61 -25.86
CA HIS A 375 44.53 12.17 -25.43
C HIS A 375 44.43 13.65 -25.81
N GLN A 376 44.40 13.87 -27.13
CA GLN A 376 44.41 15.23 -27.65
C GLN A 376 43.08 15.93 -27.41
N TRP A 377 43.17 17.21 -27.05
CA TRP A 377 42.04 18.07 -26.72
C TRP A 377 42.08 19.32 -27.59
N GLN A 378 41.15 20.24 -27.31
CA GLN A 378 40.99 21.42 -28.15
C GLN A 378 42.17 22.37 -28.01
N SER A 379 42.57 22.67 -26.78
CA SER A 379 43.62 23.64 -26.51
C SER A 379 44.96 22.98 -26.17
N SER A 380 45.24 21.83 -26.78
CA SER A 380 46.48 21.12 -26.48
C SER A 380 47.69 21.76 -27.17
N GLY A 381 47.51 22.32 -28.37
CA GLY A 381 48.63 22.90 -29.07
C GLY A 381 49.22 24.11 -28.36
N GLU A 382 48.35 24.99 -27.85
CA GLU A 382 48.84 26.13 -27.08
C GLU A 382 49.56 25.68 -25.82
N PHE A 383 49.04 24.63 -25.18
CA PHE A 383 49.71 24.09 -23.99
C PHE A 383 51.09 23.55 -24.34
N GLU A 384 51.21 22.83 -25.47
CA GLU A 384 52.51 22.31 -25.87
C GLU A 384 53.48 23.44 -26.18
N ALA A 385 53.00 24.49 -26.87
CA ALA A 385 53.88 25.62 -27.17
C ALA A 385 54.33 26.31 -25.89
N PHE A 386 53.42 26.51 -24.94
CA PHE A 386 53.80 27.14 -23.68
C PHE A 386 54.76 26.28 -22.88
N TYR A 387 54.57 24.96 -22.92
CA TYR A 387 55.50 24.06 -22.23
C TYR A 387 56.89 24.13 -22.85
N LYS A 388 56.96 24.18 -24.18
CA LYS A 388 58.26 24.33 -24.84
C LYS A 388 58.91 25.65 -24.46
N LYS A 389 58.12 26.72 -24.41
CA LYS A 389 58.66 28.02 -24.04
C LYS A 389 59.19 28.00 -22.60
N ALA A 390 58.44 27.37 -21.69
CA ALA A 390 58.87 27.28 -20.30
C ALA A 390 60.14 26.44 -20.17
N GLN A 391 60.22 25.33 -20.91
CA GLN A 391 61.41 24.50 -20.87
C GLN A 391 62.62 25.26 -21.40
N HIS A 392 62.42 26.05 -22.45
CA HIS A 392 63.51 26.89 -22.96
C HIS A 392 63.87 27.99 -21.95
N LYS A 393 62.91 28.41 -21.13
CA LYS A 393 63.18 29.49 -20.16
C LYS A 393 64.04 28.99 -19.01
N THR A 394 63.54 28.00 -18.27
CA THR A 394 64.25 27.46 -17.11
C THR A 394 65.09 26.26 -17.53
N SER A 395 66.31 26.54 -18.02
CA SER A 395 67.22 25.51 -18.44
C SER A 395 68.65 26.03 -18.35
N THR A 396 69.54 25.24 -17.77
CA THR A 396 70.94 25.62 -17.63
C THR A 396 71.83 24.41 -17.43
N ILE A 401 73.03 18.93 -19.89
CA ILE A 401 71.96 17.98 -20.11
C ILE A 401 71.63 17.24 -18.82
N PRO A 402 70.48 17.54 -18.23
CA PRO A 402 70.09 16.87 -16.98
C PRO A 402 69.81 15.40 -17.20
N ASN A 403 70.11 14.61 -16.17
CA ASN A 403 69.91 13.17 -16.21
C ASN A 403 69.22 12.72 -14.93
N PHE A 404 68.49 11.62 -15.02
CA PHE A 404 67.74 11.13 -13.85
C PHE A 404 68.68 10.76 -12.71
N GLU A 405 69.79 10.09 -13.01
CA GLU A 405 70.70 9.64 -11.97
C GLU A 405 71.59 10.74 -11.42
N ASN A 406 71.63 11.91 -12.08
CA ASN A 406 72.50 12.99 -11.66
C ASN A 406 71.76 14.31 -11.48
N PHE A 407 70.42 14.27 -11.41
CA PHE A 407 69.67 15.51 -11.23
C PHE A 407 69.77 16.02 -9.79
N ILE A 408 69.35 15.20 -8.83
CA ILE A 408 69.37 15.60 -7.43
C ILE A 408 70.79 15.53 -6.90
N ASP A 409 71.14 16.46 -6.02
CA ASP A 409 72.48 16.49 -5.45
C ASP A 409 72.68 15.34 -4.49
N LYS A 410 73.84 14.67 -4.61
CA LYS A 410 74.17 13.55 -3.75
C LYS A 410 75.12 13.97 -2.64
N GLN A 412 75.45 16.02 1.10
CA GLN A 412 74.36 16.05 2.08
C GLN A 412 73.76 14.66 2.27
N LYS A 413 74.39 13.86 3.15
CA LYS A 413 73.91 12.51 3.40
C LYS A 413 72.58 12.52 4.15
N PHE A 414 72.36 13.50 5.02
CA PHE A 414 71.12 13.64 5.79
C PHE A 414 70.85 12.42 6.66
N SER A 415 71.91 11.70 7.04
CA SER A 415 71.74 10.53 7.90
C SER A 415 71.48 10.91 9.35
N ALA A 416 72.07 12.01 9.81
CA ALA A 416 71.89 12.43 11.19
C ALA A 416 70.47 12.93 11.45
N ILE A 417 69.84 13.56 10.46
CA ILE A 417 68.51 14.11 10.65
C ILE A 417 67.49 12.98 10.76
N ASN A 418 66.59 13.10 11.74
CA ASN A 418 65.64 12.04 12.03
C ASN A 418 64.44 12.09 11.10
N THR A 419 63.99 10.91 10.68
CA THR A 419 62.78 10.79 9.89
C THR A 419 61.56 11.14 10.76
N PRO A 420 60.51 11.73 10.17
CA PRO A 420 59.31 12.05 10.96
C PRO A 420 58.73 10.88 11.74
N TYR A 421 58.69 9.68 11.16
CA TYR A 421 58.22 8.54 11.93
C TYR A 421 59.31 7.93 12.81
N GLU A 422 60.56 8.34 12.62
CA GLU A 422 61.63 8.00 13.53
C GLU A 422 61.86 9.06 14.59
N ALA A 423 61.08 10.15 14.56
CA ALA A 423 61.20 11.23 15.53
C ALA A 423 60.19 11.18 16.64
N LEU A 424 59.02 10.57 16.41
CA LEU A 424 58.02 10.43 17.46
C LEU A 424 58.46 9.48 18.58
N PRO A 425 59.32 8.49 18.34
CA PRO A 425 59.88 7.74 19.49
C PRO A 425 60.67 8.61 20.45
N GLN A 426 61.19 9.74 19.99
CA GLN A 426 61.88 10.66 20.88
C GLN A 426 60.88 11.27 21.86
N LEU A 427 61.42 11.77 22.98
CA LEU A 427 60.70 12.40 24.09
C LEU A 427 59.91 11.41 24.93
N TRP A 428 59.93 10.13 24.60
CA TRP A 428 59.34 9.13 25.49
C TRP A 428 60.20 9.04 26.74
N PRO A 429 59.65 9.25 27.93
CA PRO A 429 60.50 9.57 29.10
C PRO A 429 61.53 8.51 29.46
N ARG A 430 61.09 7.31 29.81
CA ARG A 430 61.96 6.25 30.31
C ARG A 430 61.13 4.99 30.45
N LEU A 431 61.73 3.95 31.02
CA LEU A 431 61.00 2.79 31.51
C LEU A 431 61.13 2.80 33.03
N PRO A 432 60.33 3.61 33.73
CA PRO A 432 60.57 3.84 35.16
C PRO A 432 59.98 2.74 36.01
N GLN A 433 60.38 2.76 37.29
CA GLN A 433 59.88 1.81 38.28
C GLN A 433 59.90 2.50 39.63
N ILE A 434 58.73 2.94 40.10
CA ILE A 434 58.63 3.66 41.36
C ILE A 434 57.71 2.90 42.31
N GLU A 435 57.69 1.58 42.18
CA GLU A 435 56.84 0.74 43.02
C GLU A 435 57.28 0.79 44.47
N ALA A 546 0.75 -32.54 -54.36
CA ALA A 546 0.85 -32.42 -52.91
C ALA A 546 0.07 -31.21 -52.40
N GLY A 547 0.34 -30.05 -53.00
CA GLY A 547 -0.32 -28.81 -52.63
C GLY A 547 -1.61 -28.61 -53.38
N LEU A 548 -2.18 -27.42 -53.19
CA LEU A 548 -3.44 -27.08 -53.84
C LEU A 548 -3.22 -26.78 -55.31
N ARG A 549 -4.01 -27.42 -56.17
CA ARG A 549 -3.86 -27.25 -57.60
C ARG A 549 -4.30 -25.85 -58.03
N TYR A 550 -3.59 -25.27 -58.99
CA TYR A 550 -3.96 -23.95 -59.49
C TYR A 550 -5.20 -24.01 -60.37
N GLY A 551 -5.29 -25.01 -61.23
CA GLY A 551 -6.42 -25.17 -62.12
C GLY A 551 -5.96 -25.60 -63.49
N LYS A 552 -6.83 -25.42 -64.48
CA LYS A 552 -6.50 -25.81 -65.85
C LYS A 552 -5.47 -24.87 -66.45
N ARG A 553 -5.82 -23.58 -66.57
CA ARG A 553 -4.91 -22.57 -67.08
C ARG A 553 -4.67 -21.55 -65.97
N ALA A 554 -3.40 -21.33 -65.62
CA ALA A 554 -3.05 -20.44 -64.54
C ALA A 554 -1.78 -19.67 -64.89
N PHE A 555 -1.77 -18.38 -64.56
CA PHE A 555 -0.61 -17.53 -64.73
C PHE A 555 -0.14 -17.04 -63.37
N VAL A 556 1.13 -16.62 -63.30
CA VAL A 556 1.75 -16.20 -62.05
C VAL A 556 2.31 -14.79 -62.24
N TYR A 557 2.19 -13.98 -61.20
CA TYR A 557 2.71 -12.62 -61.23
C TYR A 557 4.15 -12.61 -60.70
N GLY A 558 4.78 -11.43 -60.74
CA GLY A 558 6.17 -11.32 -60.34
C GLY A 558 6.36 -11.52 -58.85
N GLU A 559 7.60 -11.85 -58.49
CA GLU A 559 7.96 -12.06 -57.10
C GLU A 559 7.94 -10.73 -56.35
N PRO A 560 7.39 -10.70 -55.12
CA PRO A 560 7.41 -9.47 -54.35
C PRO A 560 8.83 -9.06 -54.04
N PRO A 561 9.09 -7.75 -53.93
CA PRO A 561 10.48 -7.30 -53.76
C PRO A 561 11.02 -7.54 -52.36
N PHE A 562 10.17 -7.54 -51.33
CA PHE A 562 10.62 -7.64 -49.96
C PHE A 562 10.19 -8.97 -49.34
N GLY A 563 10.98 -9.44 -48.38
CA GLY A 563 10.67 -10.62 -47.61
C GLY A 563 10.19 -10.29 -46.21
N TYR A 564 10.18 -11.32 -45.36
CA TYR A 564 9.73 -11.13 -43.99
C TYR A 564 10.77 -10.40 -43.15
N GLN A 565 12.04 -10.68 -43.37
CA GLN A 565 13.10 -10.09 -42.55
C GLN A 565 13.62 -8.77 -43.11
N ASP A 566 13.65 -8.63 -44.44
CA ASP A 566 14.20 -7.43 -45.05
C ASP A 566 13.20 -6.27 -45.10
N ILE A 567 11.93 -6.50 -44.77
CA ILE A 567 10.93 -5.45 -44.89
C ILE A 567 11.22 -4.31 -43.92
N LEU A 568 11.54 -4.64 -42.66
CA LEU A 568 11.78 -3.60 -41.67
C LEU A 568 13.06 -2.84 -41.98
N ASN A 569 14.11 -3.54 -42.40
CA ASN A 569 15.35 -2.86 -42.76
C ASN A 569 15.15 -1.94 -43.97
N LYS A 570 14.40 -2.42 -44.97
CA LYS A 570 14.12 -1.58 -46.13
C LYS A 570 13.29 -0.37 -45.76
N LEU A 571 12.32 -0.54 -44.85
CA LEU A 571 11.52 0.57 -44.39
C LEU A 571 12.37 1.59 -43.64
N GLU A 572 13.31 1.12 -42.82
CA GLU A 572 14.20 2.02 -42.11
C GLU A 572 15.13 2.75 -43.06
N ASP A 573 15.57 2.08 -44.13
CA ASP A 573 16.43 2.73 -45.11
C ASP A 573 15.70 3.86 -45.83
N GLU A 574 14.40 3.68 -46.09
CA GLU A 574 13.62 4.69 -46.78
C GLU A 574 13.41 5.95 -45.94
N GLY A 575 13.73 5.92 -44.66
CA GLY A 575 13.55 7.07 -43.79
C GLY A 575 12.42 6.96 -42.80
N PHE A 576 11.79 5.80 -42.69
CA PHE A 576 10.70 5.59 -41.74
C PHE A 576 11.21 4.85 -40.50
N PRO A 577 10.65 5.12 -39.34
CA PRO A 577 11.02 4.36 -38.14
C PRO A 577 10.66 2.89 -38.31
N LYS A 578 11.49 2.02 -37.73
CA LYS A 578 11.25 0.59 -37.86
C LYS A 578 9.94 0.18 -37.20
N ILE A 579 9.64 0.75 -36.04
CA ILE A 579 8.38 0.54 -35.35
C ILE A 579 7.75 1.89 -35.08
N ASP A 580 6.53 2.10 -35.57
CA ASP A 580 5.81 3.35 -35.37
C ASP A 580 4.99 3.23 -34.09
N TYR A 581 5.54 3.74 -32.99
CA TYR A 581 4.83 3.69 -31.72
C TYR A 581 3.64 4.64 -31.75
N LYS A 582 2.64 4.31 -30.95
CA LYS A 582 1.39 5.08 -30.95
C LYS A 582 1.61 6.44 -30.32
N ASP A 583 1.22 7.49 -31.04
CA ASP A 583 1.24 8.84 -30.50
C ASP A 583 0.08 9.05 -29.55
N PRO A 584 0.16 10.05 -28.67
CA PRO A 584 -0.99 10.37 -27.82
C PRO A 584 -2.21 10.70 -28.68
N PHE A 585 -3.37 10.19 -28.26
CA PHE A 585 -4.57 10.27 -29.07
C PHE A 585 -5.80 10.28 -28.18
N PHE A 586 -6.91 10.69 -28.76
CA PHE A 586 -8.21 10.71 -28.08
C PHE A 586 -9.02 9.52 -28.58
N SER A 587 -9.44 8.65 -27.65
CA SER A 587 -10.35 7.58 -28.02
C SER A 587 -11.77 8.10 -28.23
N ASN A 588 -12.12 9.19 -27.55
CA ASN A 588 -13.44 9.80 -27.71
C ASN A 588 -13.33 10.99 -28.63
N PRO A 589 -13.92 10.96 -29.82
CA PRO A 589 -13.83 12.11 -30.72
C PRO A 589 -14.50 13.36 -30.19
N VAL A 590 -15.40 13.23 -29.21
CA VAL A 590 -16.04 14.40 -28.62
C VAL A 590 -15.00 15.23 -27.85
N ASP A 591 -14.06 14.56 -27.20
CA ASP A 591 -13.04 15.23 -26.40
C ASP A 591 -11.91 15.82 -27.23
N LEU A 592 -12.02 15.79 -28.56
CA LEU A 592 -10.98 16.35 -29.41
C LEU A 592 -10.86 17.85 -29.21
N GLU A 593 -11.94 18.59 -29.52
CA GLU A 593 -12.05 20.02 -29.26
C GLU A 593 -10.92 20.83 -29.87
N ASN A 594 -10.26 20.30 -30.91
CA ASN A 594 -9.18 21.00 -31.60
C ASN A 594 -8.07 21.41 -30.64
N LYS A 595 -7.75 20.53 -29.69
CA LYS A 595 -6.68 20.81 -28.74
C LYS A 595 -5.30 20.97 -29.36
N PRO A 596 -4.86 20.15 -30.33
CA PRO A 596 -3.43 20.16 -30.70
C PRO A 596 -2.97 21.35 -31.53
N TYR A 597 -3.74 22.44 -31.57
CA TYR A 597 -3.41 23.61 -32.38
C TYR A 597 -1.93 23.98 -32.32
N ALA A 598 -1.42 24.32 -31.14
CA ALA A 598 -0.03 24.73 -31.01
C ALA A 598 0.38 24.66 -29.55
N TYR A 599 1.69 24.69 -29.32
CA TYR A 599 2.24 24.72 -27.96
C TYR A 599 3.63 25.35 -28.04
N ALA A 600 3.72 26.63 -27.66
CA ALA A 600 4.99 27.36 -27.63
C ALA A 600 5.68 27.33 -28.99
N GLY A 601 4.90 27.56 -30.04
CA GLY A 601 5.43 27.56 -31.40
C GLY A 601 5.64 26.19 -32.01
N LYS A 602 5.21 25.12 -31.35
CA LYS A 602 5.34 23.77 -31.85
C LYS A 602 3.96 23.24 -32.21
N ARG A 603 3.81 22.78 -33.45
CA ARG A 603 2.54 22.25 -33.92
C ARG A 603 2.50 20.74 -33.71
N PHE A 604 1.46 20.27 -33.03
CA PHE A 604 1.29 18.85 -32.74
C PHE A 604 0.08 18.33 -33.50
N GLU A 605 0.16 17.08 -33.96
CA GLU A 605 -0.91 16.43 -34.69
C GLU A 605 -1.49 15.33 -33.81
N ILE A 606 -2.58 15.65 -33.12
CA ILE A 606 -3.29 14.71 -32.27
C ILE A 606 -4.58 14.34 -32.97
N SER A 607 -4.75 13.06 -33.29
CA SER A 607 -5.92 12.56 -33.99
C SER A 607 -6.66 11.57 -33.09
N SER A 608 -7.70 10.95 -33.65
CA SER A 608 -8.51 9.99 -32.92
C SER A 608 -8.59 8.69 -33.71
N THR A 609 -8.75 7.59 -32.98
CA THR A 609 -8.89 6.28 -33.59
C THR A 609 -10.33 5.91 -33.89
N HIS A 610 -11.26 6.83 -33.66
CA HIS A 610 -12.67 6.57 -33.94
C HIS A 610 -12.90 6.47 -35.45
N VAL A 611 -14.04 5.88 -35.81
CA VAL A 611 -14.36 5.69 -37.21
C VAL A 611 -14.58 7.03 -37.90
N SER A 612 -15.14 8.00 -37.18
CA SER A 612 -15.45 9.30 -37.78
C SER A 612 -14.19 10.02 -38.24
N THR A 613 -13.14 10.01 -37.42
CA THR A 613 -11.93 10.77 -37.70
C THR A 613 -10.95 10.04 -38.60
N ARG A 614 -11.19 8.77 -38.91
CA ARG A 614 -10.26 8.01 -39.74
C ARG A 614 -10.45 8.35 -41.20
N ILE A 615 -9.35 8.61 -41.90
CA ILE A 615 -9.40 8.96 -43.32
C ILE A 615 -9.76 7.72 -44.13
N PRO A 616 -10.67 7.81 -45.11
CA PRO A 616 -10.98 6.64 -45.92
C PRO A 616 -9.77 6.15 -46.71
N VAL A 617 -9.75 4.83 -46.95
CA VAL A 617 -8.65 4.23 -47.70
C VAL A 617 -8.59 4.81 -49.09
N GLN A 618 -7.41 5.30 -49.48
CA GLN A 618 -7.21 5.99 -50.74
C GLN A 618 -6.40 5.11 -51.69
N PHE A 619 -6.71 5.21 -52.98
CA PHE A 619 -6.05 4.44 -54.03
C PHE A 619 -5.38 5.40 -54.99
N GLY A 620 -4.09 5.18 -55.24
CA GLY A 620 -3.36 6.03 -56.17
C GLY A 620 -3.02 7.39 -55.63
N GLY A 621 -3.06 7.58 -54.31
CA GLY A 621 -2.75 8.85 -53.70
C GLY A 621 -3.91 9.81 -53.58
N GLU A 622 -5.08 9.45 -54.11
CA GLU A 622 -6.28 10.28 -54.02
C GLU A 622 -7.36 9.54 -53.25
N THR A 623 -8.04 10.26 -52.37
CA THR A 623 -9.08 9.66 -51.55
C THR A 623 -10.26 9.22 -52.40
N VAL A 624 -10.95 8.18 -51.95
CA VAL A 624 -12.11 7.63 -52.62
C VAL A 624 -13.29 7.69 -51.66
N SER A 625 -14.39 8.29 -52.11
CA SER A 625 -15.57 8.45 -51.26
C SER A 625 -16.81 8.57 -52.13
N VAL A 626 -17.97 8.37 -51.52
CA VAL A 626 -19.24 8.44 -52.21
C VAL A 626 -19.69 9.89 -52.28
N TYR A 627 -20.10 10.33 -53.46
CA TYR A 627 -20.56 11.70 -53.67
C TYR A 627 -22.07 11.83 -53.74
N ASN A 628 -22.75 10.93 -54.46
CA ASN A 628 -24.19 11.00 -54.60
C ASN A 628 -24.89 10.60 -53.30
N LYS A 629 -26.12 11.07 -53.16
CA LYS A 629 -26.91 10.71 -52.00
C LYS A 629 -27.31 9.23 -52.05
N PRO A 630 -27.39 8.56 -50.91
CA PRO A 630 -27.77 7.14 -50.91
C PRO A 630 -29.19 6.94 -51.41
N THR A 631 -29.41 5.79 -52.04
CA THR A 631 -30.72 5.41 -52.57
C THR A 631 -31.20 4.18 -51.82
N PHE A 632 -32.08 4.39 -50.84
CA PHE A 632 -32.61 3.29 -50.06
C PHE A 632 -33.64 2.50 -50.85
N ASP A 633 -33.63 1.19 -50.69
CA ASP A 633 -34.59 0.30 -51.33
C ASP A 633 -35.48 -0.34 -50.27
N MET A 634 -36.75 -0.51 -50.60
CA MET A 634 -37.72 -1.04 -49.65
C MET A 634 -37.44 -2.52 -49.36
N PHE A 635 -37.81 -2.94 -48.16
CA PHE A 635 -37.71 -4.33 -47.72
C PHE A 635 -36.27 -4.83 -47.80
N SER A 636 -35.41 -4.21 -46.98
CA SER A 636 -34.01 -4.59 -46.87
C SER A 636 -33.77 -5.33 -45.56
N SER A 637 -32.68 -6.09 -45.53
CA SER A 637 -32.26 -6.84 -44.36
C SER A 637 -30.83 -6.46 -44.01
N TRP A 638 -30.55 -6.36 -42.70
CA TRP A 638 -29.26 -5.89 -42.23
C TRP A 638 -28.76 -6.79 -41.10
N LYS A 639 -27.44 -6.82 -40.95
CA LYS A 639 -26.76 -7.73 -40.03
C LYS A 639 -25.84 -6.95 -39.11
N TYR A 640 -25.86 -7.30 -37.83
CA TYR A 640 -24.96 -6.66 -36.87
C TYR A 640 -23.52 -7.10 -37.10
N ALA A 641 -22.61 -6.14 -37.05
CA ALA A 641 -21.21 -6.39 -37.38
C ALA A 641 -20.33 -6.63 -36.16
N LEU A 642 -20.70 -6.12 -34.99
CA LEU A 642 -19.86 -6.26 -33.81
C LEU A 642 -19.78 -7.71 -33.36
N LYS A 643 -18.59 -8.12 -32.93
CA LYS A 643 -18.35 -9.51 -32.52
C LYS A 643 -18.68 -9.67 -31.03
N PRO A 644 -19.55 -10.60 -30.66
CA PRO A 644 -19.84 -10.83 -29.25
C PRO A 644 -18.68 -11.52 -28.56
N PRO A 645 -18.61 -11.45 -27.24
CA PRO A 645 -17.51 -12.13 -26.52
C PRO A 645 -17.53 -13.63 -26.75
N THR A 646 -16.33 -14.21 -26.78
CA THR A 646 -16.17 -15.63 -27.05
C THR A 646 -16.60 -16.45 -25.84
N TYR A 647 -17.08 -17.68 -26.11
CA TYR A 647 -17.40 -18.62 -25.04
C TYR A 647 -16.19 -18.87 -24.15
N ASP A 648 -15.02 -19.05 -24.77
CA ASP A 648 -13.80 -19.31 -23.99
C ASP A 648 -13.45 -18.13 -23.10
N ALA A 649 -13.66 -16.91 -23.59
CA ALA A 649 -13.39 -15.74 -22.77
C ALA A 649 -14.27 -15.70 -21.53
N VAL A 650 -15.56 -16.02 -21.69
CA VAL A 650 -16.46 -16.03 -20.54
C VAL A 650 -16.09 -17.14 -19.57
N GLN A 651 -15.74 -18.32 -20.10
CA GLN A 651 -15.31 -19.41 -19.22
C GLN A 651 -14.06 -19.03 -18.43
N LYS A 652 -13.09 -18.40 -19.09
CA LYS A 652 -11.87 -17.98 -18.40
C LYS A 652 -12.17 -16.91 -17.36
N TRP A 653 -13.07 -15.98 -17.67
CA TRP A 653 -13.44 -14.96 -16.70
C TRP A 653 -14.12 -15.58 -15.49
N TYR A 654 -14.99 -16.56 -15.70
CA TYR A 654 -15.67 -17.19 -14.58
C TYR A 654 -14.71 -18.02 -13.74
N ASN A 655 -13.78 -18.73 -14.38
CA ASN A 655 -12.84 -19.56 -13.64
C ASN A 655 -11.86 -18.75 -12.80
N LYS A 656 -11.62 -17.49 -13.17
CA LYS A 656 -10.69 -16.67 -12.39
C LYS A 656 -11.27 -16.26 -11.05
N VAL A 657 -12.58 -16.40 -10.86
CA VAL A 657 -13.26 -16.07 -9.61
C VAL A 657 -12.97 -14.62 -9.23
N PRO A 658 -13.52 -13.64 -9.96
CA PRO A 658 -13.26 -12.22 -9.68
C PRO A 658 -13.89 -11.75 -8.36
N SER A 695 29.42 -16.17 24.58
CA SER A 695 29.56 -16.47 23.16
C SER A 695 30.93 -16.05 22.65
N SER A 696 30.95 -15.35 21.51
CA SER A 696 32.19 -14.91 20.90
C SER A 696 32.68 -13.65 21.60
N VAL A 697 33.74 -13.04 21.05
CA VAL A 697 34.27 -11.82 21.65
C VAL A 697 33.30 -10.66 21.43
N HIS A 698 33.40 -9.66 22.30
CA HIS A 698 32.53 -8.48 22.24
C HIS A 698 33.18 -7.47 21.30
N ASP A 699 32.52 -7.22 20.17
CA ASP A 699 33.00 -6.26 19.18
C ASP A 699 31.90 -5.29 18.77
N SER A 700 31.00 -4.97 19.69
CA SER A 700 29.90 -4.05 19.43
C SER A 700 29.86 -3.01 20.55
N LEU A 701 28.86 -2.14 20.48
CA LEU A 701 28.68 -1.06 21.46
C LEU A 701 27.35 -1.23 22.17
N THR A 702 27.37 -1.12 23.49
CA THR A 702 26.15 -1.23 24.28
C THR A 702 25.25 -0.03 24.03
N HIS A 703 23.94 -0.28 24.00
CA HIS A 703 22.97 0.75 23.65
C HIS A 703 21.87 0.79 24.69
N LEU A 704 21.52 1.99 25.14
CA LEU A 704 20.45 2.21 26.10
C LEU A 704 19.58 3.37 25.64
N THR A 705 18.26 3.21 25.79
CA THR A 705 17.30 4.21 25.37
C THR A 705 16.39 4.57 26.53
N LEU A 706 15.95 5.82 26.57
CA LEU A 706 15.16 6.32 27.70
C LEU A 706 14.01 7.19 27.19
N GLU A 707 12.91 7.15 27.93
CA GLU A 707 11.73 7.96 27.62
C GLU A 707 11.15 8.52 28.91
N ILE A 708 10.43 9.64 28.79
CA ILE A 708 9.86 10.35 29.92
C ILE A 708 8.39 10.65 29.67
N HIS A 709 7.57 10.45 30.70
CA HIS A 709 6.20 10.91 30.74
C HIS A 709 6.06 11.94 31.84
N ALA A 710 5.53 13.12 31.49
CA ALA A 710 5.33 14.20 32.45
C ALA A 710 3.89 14.69 32.33
N ASN A 711 3.24 14.87 33.48
CA ASN A 711 1.87 15.34 33.48
C ASN A 711 1.81 16.81 33.08
N THR A 712 0.97 17.12 32.11
CA THR A 712 0.83 18.48 31.62
C THR A 712 -0.26 19.21 32.40
N ARG A 713 -0.54 20.45 32.00
CA ARG A 713 -1.57 21.27 32.63
C ARG A 713 -2.40 21.96 31.53
N SER A 714 -3.41 21.25 31.04
CA SER A 714 -4.37 21.76 30.05
C SER A 714 -3.66 22.19 28.76
N ASP A 715 -3.04 21.22 28.10
CA ASP A 715 -2.48 21.39 26.75
C ASP A 715 -1.45 22.52 26.72
N LYS A 716 -0.37 22.32 27.47
CA LYS A 716 0.68 23.32 27.58
C LYS A 716 2.04 22.83 27.11
N ILE A 717 2.13 21.61 26.57
CA ILE A 717 3.38 21.03 26.09
C ILE A 717 4.38 21.10 27.25
N PRO A 718 4.29 20.15 28.22
CA PRO A 718 4.93 20.32 29.54
C PRO A 718 6.29 20.99 29.53
N ASP A 719 6.36 22.13 30.20
CA ASP A 719 7.59 22.91 30.25
C ASP A 719 8.55 22.29 31.27
N PRO A 720 9.85 22.24 30.99
CA PRO A 720 10.78 21.60 31.92
C PRO A 720 11.10 22.43 33.16
N ALA A 721 10.38 23.53 33.37
CA ALA A 721 10.61 24.37 34.54
C ALA A 721 9.44 24.38 35.51
N ILE A 722 8.27 23.89 35.11
CA ILE A 722 7.10 23.92 35.98
C ILE A 722 6.56 22.50 36.15
N ASP A 723 6.81 21.66 35.16
CA ASP A 723 6.28 20.30 35.14
C ASP A 723 7.40 19.31 35.47
N GLU A 724 7.12 18.41 36.41
CA GLU A 724 8.11 17.47 36.91
C GLU A 724 8.05 16.13 36.17
N VAL A 725 9.11 15.35 36.33
CA VAL A 725 9.22 14.04 35.71
C VAL A 725 8.48 13.01 36.56
N SER A 726 7.84 12.05 35.90
CA SER A 726 7.10 11.01 36.60
C SER A 726 7.53 9.60 36.20
N MET A 727 7.85 9.37 34.93
CA MET A 727 8.14 8.03 34.44
C MET A 727 9.42 8.05 33.62
N ILE A 728 10.34 7.13 33.91
CA ILE A 728 11.63 7.08 33.24
C ILE A 728 11.82 5.71 32.59
N ILE A 729 10.75 5.17 32.00
CA ILE A 729 10.85 3.90 31.29
C ILE A 729 12.08 3.89 30.39
N TRP A 730 12.89 2.85 30.51
CA TRP A 730 14.14 2.72 29.77
C TRP A 730 14.23 1.33 29.15
N CYS A 731 14.91 1.25 28.02
CA CYS A 731 15.10 -0.01 27.30
C CYS A 731 16.57 -0.18 26.98
N LEU A 732 17.10 -1.37 27.27
CA LEU A 732 18.50 -1.69 27.02
C LEU A 732 18.59 -2.74 25.92
N GLU A 733 19.43 -2.49 24.92
CA GLU A 733 19.62 -3.44 23.83
C GLU A 733 20.21 -4.73 24.37
N GLU A 734 19.54 -5.85 24.09
CA GLU A 734 19.96 -7.14 24.62
C GLU A 734 20.91 -7.88 23.68
N GLU A 735 20.71 -7.74 22.38
CA GLU A 735 21.51 -8.50 21.41
C GLU A 735 22.98 -8.16 21.51
N THR A 736 23.31 -6.89 21.76
CA THR A 736 24.69 -6.44 21.81
C THR A 736 25.21 -6.23 23.22
N PHE A 737 24.50 -6.73 24.24
CA PHE A 737 24.94 -6.53 25.61
C PHE A 737 25.58 -7.80 26.15
N PRO A 738 26.87 -7.79 26.45
CA PRO A 738 27.50 -8.98 27.03
C PRO A 738 27.34 -9.08 28.54
N LEU A 739 28.03 -10.03 29.15
CA LEU A 739 28.21 -10.27 30.58
C LEU A 739 27.01 -10.95 31.22
N ASP A 740 25.89 -11.10 30.53
CA ASP A 740 24.73 -11.87 30.99
C ASP A 740 24.39 -11.59 32.46
N LEU A 741 24.12 -10.33 32.75
CA LEU A 741 23.78 -9.90 34.10
C LEU A 741 22.27 -9.79 34.26
N ASP A 742 21.79 -10.11 35.46
CA ASP A 742 20.36 -10.10 35.75
C ASP A 742 19.89 -8.67 35.90
N ILE A 743 19.46 -8.07 34.78
CA ILE A 743 18.98 -6.70 34.77
C ILE A 743 17.65 -6.63 34.03
N ALA A 744 17.31 -7.72 33.33
CA ALA A 744 16.08 -7.90 32.55
C ALA A 744 16.01 -6.99 31.33
N TYR A 745 17.02 -6.14 31.10
CA TYR A 745 17.12 -5.31 29.91
C TYR A 745 16.00 -4.28 29.81
N GLU A 746 15.13 -4.21 30.82
CA GLU A 746 14.00 -3.29 30.80
C GLU A 746 13.68 -2.88 32.23
N GLY A 747 13.03 -1.73 32.36
CA GLY A 747 12.65 -1.23 33.67
C GLY A 747 11.78 -0.01 33.57
N ILE A 748 11.04 0.23 34.64
CA ILE A 748 10.15 1.39 34.75
C ILE A 748 10.35 2.02 36.12
N MET A 749 10.49 3.34 36.15
CA MET A 749 10.60 4.10 37.39
C MET A 749 9.44 5.07 37.48
N ILE A 750 8.72 5.03 38.60
CA ILE A 750 7.53 5.84 38.81
C ILE A 750 7.65 6.55 40.15
N VAL A 751 7.31 7.84 40.18
CA VAL A 751 7.32 8.61 41.42
C VAL A 751 6.03 8.31 42.18
N HIS A 752 6.17 7.90 43.44
CA HIS A 752 5.02 7.66 44.31
C HIS A 752 5.37 8.14 45.72
N LYS A 753 4.63 9.15 46.19
CA LYS A 753 4.91 9.70 47.52
C LYS A 753 4.65 8.68 48.62
N ALA A 754 3.58 7.91 48.49
CA ALA A 754 3.18 6.90 49.48
C ALA A 754 3.05 7.50 50.88
N ASP A 757 -2.54 5.62 47.21
CA ASP A 757 -1.93 5.37 48.51
C ASP A 757 -2.07 3.90 48.92
N SER A 758 -0.94 3.22 49.04
CA SER A 758 -0.85 1.82 49.45
C SER A 758 -1.52 0.87 48.45
N THR A 759 -2.00 1.38 47.32
CA THR A 759 -2.66 0.55 46.34
C THR A 759 -2.09 0.80 44.95
N PHE A 760 -1.55 1.99 44.73
CA PHE A 760 -1.00 2.33 43.42
C PHE A 760 0.17 1.43 43.02
N PRO A 761 1.20 1.22 43.86
CA PRO A 761 2.27 0.30 43.45
C PRO A 761 1.79 -1.13 43.23
N THR A 762 0.86 -1.59 44.09
CA THR A 762 0.34 -2.95 43.95
C THR A 762 -0.44 -3.10 42.64
N LYS A 763 -1.29 -2.12 42.33
CA LYS A 763 -2.04 -2.14 41.08
C LYS A 763 -1.12 -2.10 39.87
N ILE A 764 -0.07 -1.27 39.93
CA ILE A 764 0.88 -1.19 38.83
C ILE A 764 1.60 -2.53 38.65
N GLN A 765 2.02 -3.14 39.76
CA GLN A 765 2.73 -4.42 39.67
C GLN A 765 1.86 -5.50 39.05
N HIS A 766 0.59 -5.57 39.46
CA HIS A 766 -0.27 -6.59 38.85
C HIS A 766 -0.61 -6.25 37.40
N CYS A 767 -0.78 -4.97 37.05
CA CYS A 767 -1.14 -4.67 35.67
C CYS A 767 0.04 -4.85 34.72
N ILE A 768 1.27 -4.77 35.22
CA ILE A 768 2.44 -5.04 34.39
C ILE A 768 2.77 -6.53 34.44
N ASN A 769 3.12 -7.00 35.65
CA ASN A 769 3.32 -8.42 35.93
C ASN A 769 4.47 -9.05 35.12
N GLU A 770 5.15 -8.25 34.31
CA GLU A 770 6.26 -8.74 33.50
C GLU A 770 7.57 -8.03 33.79
N ILE A 771 7.56 -6.70 33.83
CA ILE A 771 8.75 -5.89 34.03
C ILE A 771 8.73 -5.34 35.45
N PRO A 772 9.79 -5.49 36.22
CA PRO A 772 9.82 -4.90 37.57
C PRO A 772 9.74 -3.39 37.51
N VAL A 773 9.03 -2.80 38.47
CA VAL A 773 8.81 -1.37 38.54
C VAL A 773 9.28 -0.87 39.90
N MET A 774 10.04 0.21 39.91
CA MET A 774 10.55 0.82 41.14
C MET A 774 9.81 2.13 41.41
N PHE A 775 9.45 2.35 42.66
CA PHE A 775 8.73 3.53 43.09
C PHE A 775 9.57 4.33 44.07
N TYR A 776 9.60 5.66 43.88
CA TYR A 776 10.41 6.54 44.69
C TYR A 776 9.54 7.67 45.25
N GLU A 777 9.90 8.14 46.44
CA GLU A 777 9.11 9.16 47.11
C GLU A 777 9.24 10.52 46.43
N SER A 778 10.42 10.83 45.89
CA SER A 778 10.67 12.12 45.26
C SER A 778 11.43 11.88 43.96
N GLU A 779 11.29 12.84 43.04
CA GLU A 779 11.96 12.72 41.74
C GLU A 779 13.48 12.84 41.88
N PHE A 780 13.97 13.45 42.95
CA PHE A 780 15.42 13.50 43.17
C PHE A 780 15.97 12.10 43.43
N GLU A 781 15.30 11.32 44.27
CA GLU A 781 15.74 9.94 44.50
C GLU A 781 15.63 9.11 43.24
N MET A 782 14.60 9.37 42.42
CA MET A 782 14.45 8.66 41.17
C MET A 782 15.58 9.00 40.21
N PHE A 783 15.98 10.26 40.16
CA PHE A 783 17.13 10.65 39.36
C PHE A 783 18.41 9.99 39.87
N GLU A 784 18.58 9.92 41.19
CA GLU A 784 19.74 9.25 41.75
C GLU A 784 19.76 7.76 41.38
N ALA A 785 18.58 7.12 41.42
CA ALA A 785 18.50 5.72 41.02
C ALA A 785 18.82 5.54 39.54
N LEU A 786 18.37 6.48 38.70
CA LEU A 786 18.71 6.43 37.28
C LEU A 786 20.22 6.57 37.08
N THR A 787 20.85 7.48 37.83
CA THR A 787 22.29 7.62 37.75
C THR A 787 23.00 6.34 38.17
N ASP A 788 22.52 5.71 39.24
CA ASP A 788 23.11 4.46 39.70
C ASP A 788 22.95 3.37 38.65
N LEU A 789 21.79 3.29 38.00
CA LEU A 789 21.56 2.31 36.94
C LEU A 789 22.51 2.54 35.77
N VAL A 790 22.68 3.80 35.37
CA VAL A 790 23.59 4.11 34.27
C VAL A 790 25.01 3.73 34.63
N LEU A 791 25.44 4.03 35.86
CA LEU A 791 26.78 3.67 36.29
C LEU A 791 26.96 2.16 36.39
N LEU A 792 25.87 1.43 36.68
CA LEU A 792 25.96 -0.02 36.76
C LEU A 792 26.10 -0.64 35.38
N LEU A 793 25.14 -0.35 34.49
CA LEU A 793 25.22 -0.89 33.13
C LEU A 793 26.41 -0.32 32.38
N ASP A 794 26.68 0.97 32.56
CA ASP A 794 27.76 1.67 31.87
C ASP A 794 27.60 1.51 30.35
N PRO A 795 26.54 2.05 29.75
CA PRO A 795 26.34 1.89 28.31
C PRO A 795 27.23 2.83 27.51
N ASP A 796 27.56 2.39 26.30
CA ASP A 796 28.37 3.22 25.41
C ASP A 796 27.57 4.35 24.78
N ILE A 797 26.29 4.12 24.50
CA ILE A 797 25.44 5.11 23.85
C ILE A 797 24.17 5.30 24.66
N LEU A 798 23.83 6.56 24.95
CA LEU A 798 22.55 6.93 25.51
C LEU A 798 21.75 7.63 24.41
N SER A 799 20.58 7.08 24.07
CA SER A 799 19.84 7.59 22.94
C SER A 799 18.39 7.91 23.29
N GLY A 800 17.60 8.23 22.28
CA GLY A 800 16.21 8.58 22.47
C GLY A 800 15.68 9.31 21.26
N PHE A 801 14.39 9.60 21.31
CA PHE A 801 13.69 10.26 20.21
C PHE A 801 13.48 11.73 20.58
N GLU A 802 14.11 12.62 19.82
CA GLU A 802 14.04 14.07 20.05
C GLU A 802 14.50 14.42 21.47
N ILE A 803 15.79 14.16 21.70
CA ILE A 803 16.36 14.27 23.05
C ILE A 803 16.65 15.69 23.48
N HIS A 804 16.30 16.69 22.66
CA HIS A 804 16.58 18.08 23.02
C HIS A 804 15.52 18.63 23.97
N ASN A 805 14.26 18.65 23.54
CA ASN A 805 13.15 19.13 24.36
C ASN A 805 12.39 18.00 25.03
N PHE A 806 13.03 16.86 25.24
CA PHE A 806 12.36 15.67 25.74
C PHE A 806 13.38 14.86 26.55
N SER A 807 13.13 13.56 26.69
CA SER A 807 13.56 12.74 27.81
C SER A 807 14.93 13.11 28.39
N TRP A 808 15.99 13.01 27.58
CA TRP A 808 17.31 13.31 28.11
C TRP A 808 17.45 14.80 28.40
N GLY A 809 17.06 15.64 27.44
CA GLY A 809 17.11 17.07 27.66
C GLY A 809 16.18 17.51 28.77
N TYR A 810 15.00 16.89 28.85
CA TYR A 810 14.07 17.23 29.91
C TYR A 810 14.65 16.91 31.28
N ILE A 811 15.26 15.73 31.43
CA ILE A 811 15.87 15.35 32.70
C ILE A 811 17.00 16.30 33.04
N ILE A 812 17.83 16.64 32.05
CA ILE A 812 18.97 17.53 32.31
C ILE A 812 18.48 18.90 32.75
N GLU A 813 17.47 19.44 32.06
CA GLU A 813 16.94 20.75 32.43
C GLU A 813 16.30 20.72 33.82
N ARG A 814 15.56 19.65 34.13
CA ARG A 814 14.95 19.55 35.46
C ARG A 814 16.01 19.50 36.55
N CYS A 815 17.08 18.72 36.32
CA CYS A 815 18.13 18.61 37.33
C CYS A 815 18.88 19.93 37.50
N GLN A 816 19.15 20.63 36.39
CA GLN A 816 19.95 21.84 36.48
C GLN A 816 19.15 23.00 37.07
N LYS A 817 17.90 23.17 36.64
CA LYS A 817 17.15 24.37 37.00
C LYS A 817 16.51 24.25 38.37
N ILE A 818 15.88 23.13 38.67
CA ILE A 818 15.10 22.97 39.89
C ILE A 818 15.99 22.47 41.03
N HIS A 819 16.58 21.29 40.85
CA HIS A 819 17.35 20.67 41.91
C HIS A 819 18.78 21.18 42.00
N GLN A 820 19.22 21.99 41.03
CA GLN A 820 20.60 22.48 40.98
C GLN A 820 21.59 21.32 41.02
N PHE A 821 21.24 20.24 40.33
CA PHE A 821 22.01 19.01 40.33
C PHE A 821 22.59 18.80 38.94
N ASP A 822 23.91 18.64 38.85
CA ASP A 822 24.60 18.45 37.58
C ASP A 822 24.56 16.97 37.23
N ILE A 823 23.48 16.57 36.57
CA ILE A 823 23.33 15.16 36.18
C ILE A 823 24.34 14.80 35.11
N VAL A 824 24.77 15.77 34.29
CA VAL A 824 25.72 15.49 33.22
C VAL A 824 27.05 15.04 33.80
N ARG A 825 27.53 15.71 34.85
CA ARG A 825 28.78 15.32 35.48
C ARG A 825 28.69 13.99 36.20
N GLU A 826 27.48 13.54 36.54
CA GLU A 826 27.30 12.29 37.25
C GLU A 826 27.06 11.11 36.32
N LEU A 827 26.53 11.34 35.13
CA LEU A 827 26.31 10.27 34.18
C LEU A 827 27.53 9.94 33.33
N ALA A 828 28.60 10.72 33.45
CA ALA A 828 29.82 10.46 32.70
C ALA A 828 30.59 9.29 33.31
N ARG A 829 31.54 8.77 32.54
CA ARG A 829 32.40 7.69 32.99
C ARG A 829 33.66 8.20 33.69
N VAL A 830 33.77 9.51 33.90
CA VAL A 830 34.87 10.12 34.61
C VAL A 830 34.33 10.87 35.81
N LYS A 831 34.92 10.63 36.99
CA LYS A 831 34.46 11.30 38.20
C LYS A 831 34.62 12.81 38.10
N CYS A 832 35.74 13.27 37.55
CA CYS A 832 36.01 14.69 37.41
C CYS A 832 36.05 15.10 35.95
N SER A 839 25.92 26.53 24.10
CA SER A 839 27.35 26.46 23.85
C SER A 839 27.64 25.76 22.52
N ASP A 840 27.09 24.56 22.37
CA ASP A 840 27.29 23.77 21.16
C ASP A 840 26.14 24.03 20.19
N THR A 841 26.21 25.19 19.52
CA THR A 841 25.21 25.54 18.53
C THR A 841 25.22 24.56 17.37
N TRP A 842 26.41 24.22 16.87
CA TRP A 842 26.51 23.20 15.82
C TRP A 842 26.09 21.84 16.36
N GLY A 843 26.29 21.59 17.64
CA GLY A 843 25.85 20.34 18.23
C GLY A 843 24.34 20.18 18.18
N TYR A 844 23.61 21.25 18.45
CA TYR A 844 22.15 21.22 18.40
C TYR A 844 21.59 21.51 17.01
N ALA A 845 22.43 21.91 16.05
CA ALA A 845 21.93 22.25 14.73
C ALA A 845 21.45 21.00 13.98
N HIS A 846 22.36 20.06 13.74
CA HIS A 846 22.04 18.85 12.98
C HIS A 846 22.56 17.60 13.68
N SER A 847 22.59 17.62 15.01
CA SER A 847 23.09 16.50 15.80
C SER A 847 22.48 16.60 17.20
N SER A 848 23.05 15.87 18.14
CA SER A 848 22.65 15.97 19.54
C SER A 848 23.59 16.94 20.25
N GLY A 849 23.01 17.97 20.87
CA GLY A 849 23.80 18.98 21.56
C GLY A 849 24.27 18.59 22.95
N ILE A 850 23.82 17.46 23.47
CA ILE A 850 24.23 17.00 24.78
C ILE A 850 25.61 16.35 24.66
N MET A 851 26.53 16.76 25.54
CA MET A 851 27.89 16.23 25.56
C MET A 851 28.16 15.63 26.94
N ILE A 852 28.12 14.31 27.03
CA ILE A 852 28.44 13.57 28.24
C ILE A 852 29.76 12.86 28.02
N THR A 853 30.69 13.03 28.95
CA THR A 853 32.03 12.47 28.80
C THR A 853 31.97 10.95 28.75
N GLY A 854 32.60 10.38 27.74
CA GLY A 854 32.70 8.93 27.58
C GLY A 854 31.61 8.28 26.76
N ARG A 855 30.37 8.75 26.90
CA ARG A 855 29.22 8.16 26.23
C ARG A 855 28.77 9.05 25.07
N HIS A 856 28.27 8.40 24.02
CA HIS A 856 27.79 9.10 22.83
C HIS A 856 26.27 9.25 22.91
N MET A 857 25.79 10.45 22.60
CA MET A 857 24.36 10.75 22.61
C MET A 857 23.86 10.76 21.18
N ILE A 858 22.86 9.93 20.90
CA ILE A 858 22.33 9.77 19.56
C ILE A 858 20.88 10.24 19.55
N ASN A 859 20.57 11.20 18.68
CA ASN A 859 19.20 11.67 18.49
C ASN A 859 18.61 10.89 17.33
N ILE A 860 17.61 10.07 17.63
CA ILE A 860 17.12 9.08 16.67
C ILE A 860 16.44 9.75 15.49
N TRP A 861 15.64 10.79 15.74
CA TRP A 861 14.88 11.41 14.65
C TRP A 861 15.82 12.04 13.62
N ARG A 862 16.91 12.65 14.07
CA ARG A 862 17.89 13.21 13.13
C ARG A 862 18.55 12.11 12.33
N ALA A 863 18.88 10.98 12.98
CA ALA A 863 19.50 9.87 12.27
C ALA A 863 18.58 9.31 11.19
N LEU A 864 17.30 9.17 11.51
CA LEU A 864 16.35 8.68 10.51
C LEU A 864 16.11 9.71 9.41
N ARG A 865 16.11 11.00 9.75
CA ARG A 865 15.99 12.03 8.73
C ARG A 865 17.16 11.98 7.75
N SER A 866 18.37 11.77 8.26
CA SER A 866 19.53 11.64 7.38
C SER A 866 19.51 10.32 6.63
N ASP A 867 18.88 9.27 7.19
CA ASP A 867 18.90 7.96 6.56
C ASP A 867 17.81 7.84 5.49
N VAL A 868 16.54 8.00 5.89
CA VAL A 868 15.40 7.82 5.00
C VAL A 868 14.73 9.16 4.78
N ASN A 869 14.30 9.42 3.55
CA ASN A 869 13.66 10.67 3.16
C ASN A 869 12.16 10.44 3.05
N LEU A 870 11.38 11.10 3.91
CA LEU A 870 9.93 11.02 3.86
C LEU A 870 9.36 12.27 4.52
N THR A 871 8.10 12.57 4.17
CA THR A 871 7.42 13.70 4.76
C THR A 871 7.11 13.42 6.23
N GLN A 872 7.29 14.46 7.06
CA GLN A 872 7.05 14.40 8.50
C GLN A 872 8.02 13.46 9.20
N TYR A 873 8.23 13.66 10.50
CA TYR A 873 9.14 12.82 11.27
C TYR A 873 8.58 12.73 12.70
N THR A 874 7.79 11.70 12.95
CA THR A 874 7.23 11.42 14.27
C THR A 874 7.41 9.93 14.56
N ILE A 875 7.16 9.57 15.82
CA ILE A 875 7.30 8.17 16.22
C ILE A 875 6.30 7.30 15.46
N GLU A 876 5.05 7.76 15.34
CA GLU A 876 4.04 6.97 14.66
C GLU A 876 4.36 6.80 13.18
N SER A 877 4.72 7.90 12.51
CA SER A 877 5.01 7.82 11.09
C SER A 877 6.22 6.95 10.81
N ALA A 878 7.28 7.11 11.62
CA ALA A 878 8.47 6.28 11.44
C ALA A 878 8.16 4.81 11.69
N ALA A 879 7.40 4.52 12.74
CA ALA A 879 7.05 3.13 13.04
C ALA A 879 6.22 2.52 11.92
N PHE A 880 5.30 3.30 11.34
CA PHE A 880 4.46 2.76 10.29
C PHE A 880 5.23 2.57 8.98
N ASN A 881 6.11 3.51 8.65
CA ASN A 881 6.84 3.45 7.39
C ASN A 881 8.13 2.64 7.47
N ILE A 882 8.48 2.13 8.64
CA ILE A 882 9.69 1.32 8.77
C ILE A 882 9.33 -0.04 9.36
N LEU A 883 8.68 -0.04 10.52
CA LEU A 883 8.32 -1.27 11.21
C LEU A 883 6.91 -1.74 10.87
N HIS A 884 6.16 -1.00 10.05
CA HIS A 884 4.80 -1.34 9.67
C HIS A 884 3.89 -1.51 10.89
N LYS A 885 4.08 -0.65 11.89
CA LYS A 885 3.28 -0.68 13.11
C LYS A 885 2.52 0.63 13.23
N ARG A 886 1.21 0.53 13.46
CA ARG A 886 0.36 1.70 13.66
C ARG A 886 0.15 1.91 15.14
N LEU A 887 0.51 3.10 15.62
CA LEU A 887 0.42 3.44 17.03
C LEU A 887 -0.60 4.55 17.23
N PRO A 888 -1.61 4.37 18.07
CA PRO A 888 -2.50 5.49 18.41
C PRO A 888 -1.72 6.59 19.11
N HIS A 889 -2.10 7.83 18.84
CA HIS A 889 -1.47 8.99 19.45
C HIS A 889 -2.49 9.71 20.33
N PHE A 890 -2.11 9.95 21.58
CA PHE A 890 -2.96 10.64 22.55
C PHE A 890 -2.34 11.98 22.90
N SER A 891 -3.20 12.98 23.11
CA SER A 891 -2.72 14.29 23.50
C SER A 891 -2.18 14.26 24.93
N PHE A 892 -1.43 15.30 25.29
CA PHE A 892 -0.86 15.37 26.62
C PHE A 892 -1.94 15.47 27.69
N GLU A 893 -3.03 16.17 27.39
CA GLU A 893 -4.13 16.28 28.34
C GLU A 893 -4.74 14.93 28.66
N SER A 894 -4.98 14.12 27.62
CA SER A 894 -5.55 12.80 27.84
C SER A 894 -4.60 11.91 28.63
N LEU A 895 -3.30 11.96 28.32
CA LEU A 895 -2.33 11.16 29.06
C LEU A 895 -2.30 11.57 30.53
N THR A 896 -2.35 12.87 30.80
CA THR A 896 -2.43 13.33 32.18
C THR A 896 -3.70 12.84 32.85
N ASN A 897 -4.83 12.87 32.14
CA ASN A 897 -6.10 12.43 32.71
C ASN A 897 -6.06 10.95 33.09
N MET A 898 -5.55 10.11 32.19
CA MET A 898 -5.42 8.69 32.53
C MET A 898 -4.43 8.48 33.66
N TRP A 899 -3.32 9.23 33.68
CA TRP A 899 -2.32 9.05 34.72
C TRP A 899 -2.80 9.56 36.08
N ASN A 900 -3.80 10.45 36.11
CA ASN A 900 -4.31 11.01 37.35
C ASN A 900 -5.55 10.31 37.85
N ALA A 901 -5.97 9.22 37.21
CA ALA A 901 -7.16 8.49 37.61
C ALA A 901 -6.75 7.40 38.61
N LYS A 902 -7.23 7.53 39.85
CA LYS A 902 -6.92 6.54 40.87
C LYS A 902 -7.48 5.18 40.50
N LYS A 903 -8.70 5.15 39.99
CA LYS A 903 -9.36 3.91 39.58
C LYS A 903 -9.03 3.63 38.12
N SER A 904 -9.78 2.70 37.52
CA SER A 904 -9.66 2.37 36.10
C SER A 904 -8.25 1.91 35.74
N THR A 905 -7.90 0.74 36.29
CA THR A 905 -6.61 0.12 36.01
C THR A 905 -6.35 0.01 34.52
N THR A 906 -7.40 -0.05 33.70
CA THR A 906 -7.23 -0.12 32.26
C THR A 906 -6.50 1.11 31.73
N GLU A 907 -6.81 2.29 32.25
CA GLU A 907 -6.14 3.51 31.79
C GLU A 907 -4.66 3.51 32.17
N LEU A 908 -4.34 3.07 33.39
CA LEU A 908 -2.93 2.98 33.78
C LEU A 908 -2.18 1.99 32.91
N LYS A 909 -2.78 0.83 32.64
CA LYS A 909 -2.15 -0.13 31.74
C LYS A 909 -1.99 0.46 30.34
N THR A 910 -2.97 1.25 29.91
CA THR A 910 -2.91 1.86 28.58
C THR A 910 -1.73 2.81 28.47
N VAL A 911 -1.56 3.71 29.45
CA VAL A 911 -0.46 4.67 29.37
C VAL A 911 0.88 3.95 29.54
N LEU A 912 0.93 2.94 30.42
CA LEU A 912 2.15 2.17 30.60
C LEU A 912 2.58 1.49 29.31
N ASN A 913 1.63 0.83 28.63
CA ASN A 913 1.94 0.18 27.37
C ASN A 913 2.27 1.18 26.28
N TYR A 914 1.59 2.34 26.28
CA TYR A 914 1.92 3.43 25.38
C TYR A 914 3.40 3.78 25.46
N TRP A 915 3.86 4.16 26.66
CA TRP A 915 5.24 4.59 26.80
C TRP A 915 6.21 3.42 26.65
N LEU A 916 5.80 2.21 27.03
CA LEU A 916 6.66 1.05 26.85
C LEU A 916 6.91 0.76 25.37
N SER A 917 5.85 0.84 24.55
CA SER A 917 6.01 0.69 23.12
C SER A 917 6.86 1.80 22.54
N ARG A 918 6.66 3.04 23.02
CA ARG A 918 7.47 4.15 22.55
C ARG A 918 8.95 3.90 22.81
N ALA A 919 9.27 3.35 24.00
CA ALA A 919 10.66 3.07 24.33
C ALA A 919 11.19 1.89 23.52
N GLN A 920 10.39 0.84 23.36
CA GLN A 920 10.88 -0.37 22.70
C GLN A 920 11.08 -0.17 21.21
N ILE A 921 10.22 0.63 20.57
CA ILE A 921 10.29 0.81 19.13
C ILE A 921 11.54 1.56 18.70
N ASN A 922 12.17 2.33 19.61
CA ASN A 922 13.39 3.03 19.25
C ASN A 922 14.51 2.06 18.90
N ILE A 923 14.66 0.99 19.68
CA ILE A 923 15.69 0.00 19.42
C ILE A 923 15.45 -0.67 18.07
N GLN A 924 14.20 -1.05 17.78
CA GLN A 924 13.90 -1.68 16.51
C GLN A 924 14.13 -0.72 15.35
N LEU A 925 13.80 0.56 15.53
CA LEU A 925 14.03 1.54 14.48
C LEU A 925 15.51 1.69 14.17
N LEU A 926 16.35 1.75 15.21
CA LEU A 926 17.78 1.85 14.97
C LEU A 926 18.38 0.53 14.48
N ARG A 927 17.72 -0.60 14.73
CA ARG A 927 18.25 -1.89 14.33
C ARG A 927 17.89 -2.26 12.90
N LYS A 928 16.66 -2.00 12.47
CA LYS A 928 16.27 -2.34 11.10
C LYS A 928 17.08 -1.54 10.08
N GLN A 929 17.28 -0.25 10.34
CA GLN A 929 18.19 0.53 9.52
C GLN A 929 19.64 0.18 9.77
N ASP A 930 19.92 -0.57 10.85
CA ASP A 930 21.28 -1.00 11.19
C ASP A 930 22.22 0.19 11.31
N TYR A 931 21.72 1.28 11.92
CA TYR A 931 22.49 2.51 12.01
C TYR A 931 23.75 2.32 12.83
N ILE A 932 23.64 1.64 13.97
CA ILE A 932 24.78 1.50 14.87
C ILE A 932 25.89 0.67 14.22
N ALA A 933 25.53 -0.48 13.63
CA ALA A 933 26.54 -1.32 13.03
C ALA A 933 27.15 -0.67 11.79
N ARG A 934 26.34 0.03 10.99
CA ARG A 934 26.87 0.72 9.83
C ARG A 934 27.84 1.82 10.24
N ASN A 935 27.49 2.59 11.27
CA ASN A 935 28.40 3.63 11.75
C ASN A 935 29.68 3.03 12.32
N ILE A 936 29.57 1.90 13.04
CA ILE A 936 30.77 1.27 13.58
C ILE A 936 31.68 0.78 12.47
N GLU A 937 31.10 0.16 11.43
CA GLU A 937 31.90 -0.29 10.30
C GLU A 937 32.55 0.88 9.57
N GLN A 938 31.82 1.98 9.41
CA GLN A 938 32.38 3.15 8.75
C GLN A 938 33.53 3.73 9.56
N ALA A 939 33.38 3.76 10.89
CA ALA A 939 34.46 4.25 11.75
C ALA A 939 35.68 3.34 11.65
N ARG A 940 35.47 2.03 11.64
CA ARG A 940 36.59 1.10 11.52
C ARG A 940 37.30 1.27 10.18
N LEU A 941 36.54 1.53 9.11
CA LEU A 941 37.13 1.73 7.80
C LEU A 941 37.92 3.04 7.75
N ILE A 942 37.26 4.16 8.01
CA ILE A 942 37.91 5.46 7.89
C ILE A 942 39.00 5.62 8.94
N GLY A 943 38.72 5.23 10.18
CA GLY A 943 39.66 5.39 11.27
C GLY A 943 39.33 6.49 12.24
N ILE A 944 38.28 7.27 11.98
CA ILE A 944 37.86 8.28 12.94
C ILE A 944 37.00 7.64 14.03
N ASP A 945 36.88 8.34 15.16
CA ASP A 945 36.10 7.82 16.27
C ASP A 945 34.62 7.86 15.93
N PHE A 946 33.83 7.19 16.78
CA PHE A 946 32.40 7.03 16.51
C PHE A 946 31.68 8.37 16.51
N HIS A 947 32.14 9.33 17.31
CA HIS A 947 31.50 10.64 17.35
C HIS A 947 31.66 11.38 16.02
N SER A 948 32.85 11.32 15.42
CA SER A 948 33.10 12.05 14.19
C SER A 948 32.40 11.44 12.98
N VAL A 949 31.82 10.25 13.11
CA VAL A 949 31.13 9.62 11.99
C VAL A 949 29.95 10.48 11.56
N TYR A 950 29.17 10.98 12.51
CA TYR A 950 27.99 11.77 12.20
C TYR A 950 28.09 13.23 12.62
N TYR A 951 28.98 13.56 13.55
CA TYR A 951 29.07 14.94 14.02
C TYR A 951 29.95 15.79 13.11
N ARG A 952 31.10 15.26 12.69
CA ARG A 952 32.02 16.02 11.88
C ARG A 952 31.57 16.02 10.41
N GLY A 953 32.24 16.84 9.61
CA GLY A 953 31.93 16.98 8.21
C GLY A 953 32.63 15.94 7.35
N SER A 954 32.48 16.11 6.03
CA SER A 954 33.04 15.15 5.08
C SER A 954 34.56 15.31 4.95
N GLN A 955 35.09 16.51 5.11
CA GLN A 955 36.52 16.72 4.96
C GLN A 955 37.34 16.02 6.04
N PHE A 956 36.73 15.73 7.20
CA PHE A 956 37.48 15.08 8.27
C PHE A 956 37.91 13.68 7.87
N LYS A 957 37.03 12.92 7.24
CA LYS A 957 37.38 11.57 6.81
C LYS A 957 38.47 11.58 5.74
N VAL A 958 38.36 12.51 4.79
CA VAL A 958 39.37 12.62 3.74
C VAL A 958 40.71 13.00 4.35
N GLU A 959 40.71 13.92 5.31
CA GLU A 959 41.94 14.28 5.99
C GLU A 959 42.53 13.09 6.73
N SER A 960 41.67 12.27 7.34
CA SER A 960 42.15 11.08 8.03
C SER A 960 42.86 10.12 7.07
N PHE A 961 42.21 9.81 5.94
CA PHE A 961 42.84 8.95 4.94
C PHE A 961 44.15 9.55 4.45
N LEU A 962 44.15 10.86 4.17
CA LEU A 962 45.34 11.49 3.61
C LEU A 962 46.49 11.46 4.59
N ILE A 963 46.24 11.78 5.86
CA ILE A 963 47.33 11.79 6.83
C ILE A 963 47.84 10.39 7.10
N ARG A 964 46.93 9.41 7.15
CA ARG A 964 47.36 8.03 7.36
C ARG A 964 48.23 7.54 6.21
N ILE A 965 47.85 7.88 4.98
CA ILE A 965 48.63 7.44 3.83
C ILE A 965 49.97 8.17 3.75
N CYS A 966 49.96 9.49 3.96
CA CYS A 966 51.16 10.28 3.75
C CYS A 966 52.17 10.11 4.88
N LYS A 967 51.71 9.75 6.08
CA LYS A 967 52.64 9.56 7.19
C LYS A 967 53.60 8.39 6.94
N SER A 968 53.20 7.43 6.11
CA SER A 968 54.07 6.32 5.75
C SER A 968 55.04 6.66 4.63
N GLU A 969 54.82 7.77 3.92
CA GLU A 969 55.68 8.18 2.81
C GLU A 969 56.50 9.43 3.16
N SER A 970 56.58 9.77 4.45
CA SER A 970 57.38 10.91 4.92
C SER A 970 56.91 12.22 4.30
N PHE A 971 55.63 12.33 3.99
CA PHE A 971 55.08 13.55 3.41
C PHE A 971 54.71 14.53 4.51
N ILE A 972 54.83 15.82 4.20
CA ILE A 972 54.50 16.90 5.12
C ILE A 972 53.36 17.71 4.51
N LEU A 973 52.21 17.70 5.17
CA LEU A 973 51.03 18.37 4.63
C LEU A 973 51.08 19.86 4.95
N LEU A 974 50.74 20.67 3.94
CA LEU A 974 50.67 22.11 4.12
C LEU A 974 49.35 22.49 4.78
N SER A 975 49.39 23.49 5.65
CA SER A 975 48.22 23.95 6.40
C SER A 975 48.02 25.44 6.13
N PRO A 976 47.30 25.80 5.07
CA PRO A 976 47.07 27.21 4.79
C PRO A 976 46.07 27.83 5.75
N GLY A 977 46.17 29.16 5.89
CA GLY A 977 45.23 29.88 6.71
C GLY A 977 43.96 30.25 5.95
N LYS A 978 43.01 30.83 6.69
CA LYS A 978 41.74 31.24 6.07
C LYS A 978 41.96 32.34 5.04
N LYS A 979 42.87 33.28 5.34
CA LYS A 979 43.15 34.37 4.41
C LYS A 979 43.73 33.85 3.10
N ASP A 980 44.63 32.86 3.18
CA ASP A 980 45.23 32.30 1.98
C ASP A 980 44.17 31.63 1.11
N VAL A 981 43.24 30.90 1.73
CA VAL A 981 42.17 30.27 0.98
C VAL A 981 41.24 31.31 0.37
N ARG A 982 40.97 32.38 1.10
CA ARG A 982 40.04 33.40 0.60
C ARG A 982 40.62 34.15 -0.60
N LYS A 983 41.94 34.34 -0.64
CA LYS A 983 42.57 35.11 -1.70
C LYS A 983 43.04 34.24 -2.87
N GLN A 984 42.78 32.94 -2.84
CA GLN A 984 43.20 32.07 -3.93
C GLN A 984 42.32 32.30 -5.16
N LYS A 985 42.78 31.77 -6.28
CA LYS A 985 42.05 31.94 -7.54
C LYS A 985 40.70 31.22 -7.48
N ALA A 986 39.67 31.88 -8.00
CA ALA A 986 38.35 31.31 -8.02
C ALA A 986 38.24 30.20 -9.06
N LEU A 987 37.27 29.31 -8.85
CA LEU A 987 37.04 28.23 -9.80
C LEU A 987 36.50 28.79 -11.12
N GLU A 988 37.02 28.28 -12.22
CA GLU A 988 36.61 28.71 -13.55
C GLU A 988 35.94 27.61 -14.37
N CYS A 989 36.31 26.35 -14.16
CA CYS A 989 35.72 25.26 -14.91
C CYS A 989 34.43 24.80 -14.26
N VAL A 990 33.41 24.56 -15.08
CA VAL A 990 32.09 24.17 -14.59
C VAL A 990 31.64 22.91 -15.32
N PRO A 991 30.82 22.05 -14.69
CA PRO A 991 30.39 20.82 -15.37
C PRO A 991 29.51 21.12 -16.56
N LEU A 992 29.51 20.18 -17.50
CA LEU A 992 28.76 20.33 -18.74
C LEU A 992 27.36 19.73 -18.56
N VAL A 993 26.34 20.57 -18.65
CA VAL A 993 24.95 20.15 -18.65
C VAL A 993 24.26 20.77 -19.85
N MET A 994 23.50 19.98 -20.59
CA MET A 994 22.82 20.43 -21.79
C MET A 994 21.31 20.42 -21.57
N GLU A 995 20.64 21.43 -22.10
CA GLU A 995 19.19 21.53 -21.95
C GLU A 995 18.50 20.49 -22.83
N PRO A 996 17.71 19.59 -22.27
CA PRO A 996 17.05 18.57 -23.09
C PRO A 996 15.93 19.16 -23.93
N GLU A 997 15.59 18.46 -25.01
CA GLU A 997 14.44 18.82 -25.83
C GLU A 997 13.18 18.41 -25.10
N SER A 998 12.44 19.40 -24.59
CA SER A 998 11.25 19.13 -23.79
C SER A 998 10.15 18.56 -24.68
N ALA A 999 9.95 17.25 -24.60
CA ALA A 999 8.95 16.56 -25.39
C ALA A 999 8.73 15.18 -24.78
N PHE A 1000 7.78 14.44 -25.36
CA PHE A 1000 7.47 13.09 -24.95
C PHE A 1000 8.11 12.11 -25.92
N TYR A 1001 8.90 11.18 -25.39
CA TYR A 1001 9.69 10.25 -26.21
C TYR A 1001 8.99 8.89 -26.22
N LYS A 1002 8.42 8.53 -27.36
CA LYS A 1002 7.77 7.23 -27.50
C LYS A 1002 8.80 6.11 -27.54
N SER A 1003 9.86 6.29 -28.32
CA SER A 1003 10.83 5.24 -28.56
C SER A 1003 11.70 5.02 -27.32
N PRO A 1004 12.36 3.87 -27.23
CA PRO A 1004 13.22 3.60 -26.07
C PRO A 1004 14.33 4.64 -25.93
N LEU A 1005 14.63 4.99 -24.69
CA LEU A 1005 15.65 5.98 -24.37
C LEU A 1005 16.70 5.32 -23.48
N ILE A 1006 17.86 5.04 -24.04
CA ILE A 1006 18.95 4.41 -23.30
C ILE A 1006 19.63 5.45 -22.42
N VAL A 1007 19.84 5.11 -21.15
CA VAL A 1007 20.49 5.98 -20.19
C VAL A 1007 21.87 5.41 -19.89
N LEU A 1008 22.91 6.19 -20.13
CA LEU A 1008 24.28 5.80 -19.83
C LEU A 1008 24.83 6.66 -18.71
N ASP A 1009 25.56 6.03 -17.79
CA ASP A 1009 26.06 6.72 -16.61
C ASP A 1009 27.45 6.19 -16.27
N PHE A 1010 28.43 7.09 -16.23
CA PHE A 1010 29.78 6.71 -15.84
C PHE A 1010 29.82 6.29 -14.37
N GLN A 1011 30.63 5.27 -14.08
CA GLN A 1011 30.81 4.80 -12.72
C GLN A 1011 31.99 5.50 -12.09
N SER A 1012 31.73 6.32 -11.07
CA SER A 1012 32.76 7.05 -10.33
C SER A 1012 33.63 7.87 -11.29
N LEU A 1013 32.99 8.84 -11.95
CA LEU A 1013 33.67 9.58 -12.99
C LEU A 1013 34.88 10.33 -12.46
N TYR A 1014 34.69 11.12 -11.39
CA TYR A 1014 35.82 11.87 -10.84
C TYR A 1014 36.88 10.97 -10.20
N PRO A 1015 36.52 9.98 -9.37
CA PRO A 1015 37.58 9.07 -8.88
C PRO A 1015 38.34 8.38 -10.00
N SER A 1016 37.64 7.93 -11.05
CA SER A 1016 38.33 7.31 -12.17
C SER A 1016 39.21 8.31 -12.89
N ILE A 1017 38.77 9.57 -12.98
CA ILE A 1017 39.59 10.60 -13.61
C ILE A 1017 40.89 10.79 -12.82
N MET A 1018 40.78 10.92 -11.50
CA MET A 1018 41.98 11.14 -10.71
C MET A 1018 42.89 9.91 -10.72
N ILE A 1019 42.32 8.71 -10.78
CA ILE A 1019 43.15 7.50 -10.85
C ILE A 1019 43.87 7.43 -12.19
N GLY A 1020 43.15 7.66 -13.29
CA GLY A 1020 43.74 7.50 -14.61
C GLY A 1020 44.70 8.60 -14.98
N TYR A 1021 44.35 9.86 -14.69
CA TYR A 1021 45.15 11.00 -15.09
C TYR A 1021 46.15 11.42 -14.03
N ASN A 1022 46.21 10.71 -12.90
CA ASN A 1022 47.24 10.92 -11.88
C ASN A 1022 47.20 12.34 -11.33
N TYR A 1023 46.02 12.78 -10.92
CA TYR A 1023 45.83 14.12 -10.37
C TYR A 1023 45.95 14.08 -8.85
N CYS A 1024 46.82 14.92 -8.31
CA CYS A 1024 47.09 14.93 -6.87
C CYS A 1024 47.74 16.24 -6.48
N TYR A 1025 47.90 16.43 -5.17
CA TYR A 1025 48.67 17.55 -4.66
C TYR A 1025 50.15 17.38 -4.94
N SER A 1026 50.64 16.15 -4.90
CA SER A 1026 52.06 15.86 -5.07
C SER A 1026 52.48 15.74 -6.52
N THR A 1027 51.54 15.86 -7.46
CA THR A 1027 51.84 15.68 -8.87
C THR A 1027 51.77 16.96 -9.69
N MET A 1028 51.28 18.06 -9.13
CA MET A 1028 51.23 19.30 -9.89
C MET A 1028 52.62 19.91 -10.01
N ILE A 1029 53.01 20.27 -11.22
CA ILE A 1029 54.25 20.98 -11.46
C ILE A 1029 54.02 22.48 -11.59
N GLY A 1030 52.91 22.87 -12.16
CA GLY A 1030 52.53 24.27 -12.28
C GLY A 1030 51.68 24.49 -13.52
N ARG A 1031 51.02 25.64 -13.55
CA ARG A 1031 50.27 26.04 -14.74
C ARG A 1031 51.24 26.22 -15.90
N VAL A 1032 50.88 25.66 -17.05
CA VAL A 1032 51.81 25.66 -18.19
C VAL A 1032 52.12 27.08 -18.64
N ARG A 1033 51.21 28.02 -18.41
CA ARG A 1033 51.46 29.42 -18.71
C ARG A 1033 52.08 30.12 -17.51
N GLU A 1034 53.04 31.00 -17.78
CA GLU A 1034 53.72 31.79 -16.75
C GLU A 1034 54.42 30.89 -15.74
N ILE A 1035 55.38 30.12 -16.25
CA ILE A 1035 56.25 29.30 -15.40
C ILE A 1035 57.53 30.10 -15.15
N ASN A 1036 57.68 30.58 -13.92
CA ASN A 1036 58.85 31.34 -13.52
C ASN A 1036 59.71 30.53 -12.57
N LEU A 1037 61.01 30.80 -12.59
CA LEU A 1037 61.96 30.12 -11.70
C LEU A 1037 62.09 30.80 -10.35
N THR A 1038 61.44 31.96 -10.16
CA THR A 1038 61.52 32.69 -8.90
C THR A 1038 60.31 32.45 -8.01
N GLU A 1039 59.11 32.72 -8.52
CA GLU A 1039 57.89 32.56 -7.74
C GLU A 1039 56.76 32.14 -8.67
N ASN A 1040 55.96 31.19 -8.22
CA ASN A 1040 54.81 30.68 -8.96
C ASN A 1040 53.57 30.76 -8.06
N ASN A 1041 52.47 30.18 -8.53
CA ASN A 1041 51.23 30.18 -7.78
C ASN A 1041 50.43 28.95 -8.15
N LEU A 1042 50.09 28.13 -7.15
CA LEU A 1042 49.29 26.93 -7.34
C LEU A 1042 48.34 26.81 -6.15
N GLY A 1043 47.12 27.32 -6.31
CA GLY A 1043 46.15 27.27 -5.24
C GLY A 1043 46.43 28.28 -4.14
N VAL A 1044 46.87 27.80 -2.99
CA VAL A 1044 47.14 28.66 -1.83
C VAL A 1044 48.61 28.65 -1.46
N SER A 1045 49.49 28.20 -2.36
CA SER A 1045 50.90 28.10 -2.08
C SER A 1045 51.71 28.66 -3.25
N LYS A 1046 52.91 29.13 -2.94
CA LYS A 1046 53.85 29.63 -3.93
C LYS A 1046 55.15 28.86 -3.81
N PHE A 1047 55.77 28.57 -4.95
CA PHE A 1047 56.99 27.77 -4.97
C PHE A 1047 57.77 28.08 -6.24
N SER A 1048 59.01 27.59 -6.30
CA SER A 1048 59.88 27.80 -7.43
C SER A 1048 60.42 26.46 -7.92
N LEU A 1049 60.43 26.28 -9.24
CA LEU A 1049 60.91 25.06 -9.84
C LEU A 1049 62.43 25.00 -9.83
N PRO A 1050 63.01 23.79 -9.86
CA PRO A 1050 64.47 23.67 -9.99
C PRO A 1050 64.98 24.17 -11.33
N ARG A 1051 66.29 24.10 -11.53
CA ARG A 1051 66.91 24.66 -12.72
C ARG A 1051 66.41 23.96 -13.99
N ASN A 1052 66.70 22.65 -14.11
CA ASN A 1052 66.41 21.90 -15.32
C ASN A 1052 65.34 20.83 -15.08
N ILE A 1053 64.30 21.19 -14.31
CA ILE A 1053 63.25 20.23 -14.00
C ILE A 1053 62.44 19.91 -15.25
N LEU A 1054 62.05 20.93 -16.01
CA LEU A 1054 61.20 20.72 -17.18
C LEU A 1054 61.91 19.89 -18.24
N ALA A 1055 63.19 20.17 -18.47
CA ALA A 1055 63.94 19.43 -19.48
C ALA A 1055 64.14 17.97 -19.06
N LEU A 1056 64.36 17.73 -17.77
CA LEU A 1056 64.57 16.36 -17.30
C LEU A 1056 63.34 15.49 -17.51
N LEU A 1057 62.15 16.03 -17.24
CA LEU A 1057 60.90 15.30 -17.36
C LEU A 1057 60.05 15.84 -18.52
N LYS A 1058 60.70 16.17 -19.64
CA LYS A 1058 59.98 16.70 -20.78
C LYS A 1058 59.01 15.68 -21.38
N ASN A 1059 59.23 14.39 -21.14
CA ASN A 1059 58.41 13.34 -21.73
C ASN A 1059 57.40 12.76 -20.75
N ASP A 1060 57.77 12.59 -19.48
CA ASP A 1060 56.92 11.92 -18.51
C ASP A 1060 56.07 12.92 -17.73
N VAL A 1061 55.28 13.70 -18.47
CA VAL A 1061 54.32 14.64 -17.91
C VAL A 1061 53.03 14.54 -18.73
N THR A 1062 51.97 15.11 -18.17
CA THR A 1062 50.66 15.16 -18.83
C THR A 1062 50.01 16.49 -18.49
N ILE A 1063 49.86 17.35 -19.50
CA ILE A 1063 49.26 18.66 -19.29
C ILE A 1063 47.75 18.49 -19.11
N ALA A 1064 47.21 19.17 -18.11
CA ALA A 1064 45.78 19.13 -17.82
C ALA A 1064 45.00 20.01 -18.79
N PRO A 1065 43.70 19.77 -18.95
CA PRO A 1065 42.89 20.67 -19.79
C PRO A 1065 42.88 22.10 -19.29
N ASN A 1066 42.94 22.30 -17.98
CA ASN A 1066 43.01 23.64 -17.42
C ASN A 1066 44.33 24.33 -17.73
N GLY A 1067 45.38 23.58 -18.01
CA GLY A 1067 46.70 24.13 -18.25
C GLY A 1067 47.74 23.84 -17.19
N VAL A 1068 47.50 22.88 -16.32
CA VAL A 1068 48.41 22.53 -15.23
C VAL A 1068 49.19 21.29 -15.62
N VAL A 1069 50.50 21.32 -15.43
CA VAL A 1069 51.35 20.18 -15.76
C VAL A 1069 51.34 19.19 -14.60
N TYR A 1070 51.08 17.93 -14.91
CA TYR A 1070 51.04 16.86 -13.93
C TYR A 1070 52.09 15.82 -14.28
N ALA A 1071 52.85 15.39 -13.27
CA ALA A 1071 53.85 14.36 -13.48
C ALA A 1071 53.18 13.02 -13.80
N LYS A 1072 53.78 12.27 -14.72
CA LYS A 1072 53.22 11.00 -15.12
C LYS A 1072 53.39 9.95 -14.02
N THR A 1073 52.72 8.83 -14.19
CA THR A 1073 52.82 7.75 -13.22
C THR A 1073 54.22 7.14 -13.20
N SER A 1074 54.94 7.23 -14.31
CA SER A 1074 56.26 6.60 -14.40
C SER A 1074 57.29 7.24 -13.47
N VAL A 1075 57.06 8.48 -13.03
CA VAL A 1075 58.03 9.16 -12.18
C VAL A 1075 57.54 9.18 -10.74
N ARG A 1076 56.22 9.26 -10.55
CA ARG A 1076 55.65 9.29 -9.20
C ARG A 1076 54.18 8.93 -9.28
N LYS A 1077 53.78 7.88 -8.55
CA LYS A 1077 52.38 7.51 -8.47
C LYS A 1077 51.69 8.37 -7.42
N SER A 1078 50.56 8.97 -7.80
CA SER A 1078 49.88 9.91 -6.91
C SER A 1078 49.20 9.17 -5.75
N THR A 1079 49.11 9.88 -4.62
CA THR A 1079 48.57 9.26 -3.41
C THR A 1079 47.05 9.10 -3.48
N LEU A 1080 46.35 10.12 -4.00
CA LEU A 1080 44.90 10.02 -4.11
C LEU A 1080 44.49 8.89 -5.05
N SER A 1081 45.25 8.68 -6.12
CA SER A 1081 44.98 7.52 -6.97
C SER A 1081 45.11 6.22 -6.18
N LYS A 1082 46.12 6.15 -5.32
CA LYS A 1082 46.29 4.96 -4.48
C LYS A 1082 45.08 4.74 -3.57
N MET A 1083 44.64 5.81 -2.90
CA MET A 1083 43.50 5.70 -1.99
C MET A 1083 42.24 5.28 -2.74
N LEU A 1084 41.96 5.94 -3.86
CA LEU A 1084 40.74 5.65 -4.59
C LEU A 1084 40.75 4.26 -5.19
N THR A 1085 41.90 3.82 -5.72
CA THR A 1085 41.94 2.46 -6.27
C THR A 1085 41.82 1.43 -5.18
N ASP A 1086 42.36 1.70 -3.98
CA ASP A 1086 42.21 0.75 -2.88
C ASP A 1086 40.75 0.64 -2.45
N ILE A 1087 40.08 1.78 -2.26
CA ILE A 1087 38.69 1.73 -1.80
C ILE A 1087 37.79 1.13 -2.87
N LEU A 1088 38.04 1.45 -4.16
CA LEU A 1088 37.23 0.88 -5.23
C LEU A 1088 37.45 -0.63 -5.34
N ASP A 1089 38.71 -1.09 -5.22
CA ASP A 1089 38.97 -2.52 -5.26
C ASP A 1089 38.29 -3.24 -4.11
N VAL A 1090 38.33 -2.65 -2.91
CA VAL A 1090 37.67 -3.28 -1.77
C VAL A 1090 36.17 -3.35 -2.00
N ARG A 1091 35.57 -2.26 -2.50
CA ARG A 1091 34.13 -2.24 -2.72
C ARG A 1091 33.71 -3.27 -3.75
N VAL A 1092 34.43 -3.36 -4.87
CA VAL A 1092 34.05 -4.32 -5.90
C VAL A 1092 34.33 -5.74 -5.43
N MET A 1093 35.34 -5.95 -4.59
CA MET A 1093 35.61 -7.29 -4.08
C MET A 1093 34.48 -7.75 -3.16
N ILE A 1094 34.06 -6.90 -2.22
CA ILE A 1094 32.99 -7.31 -1.31
C ILE A 1094 31.67 -7.44 -2.06
N LYS A 1095 31.41 -6.56 -3.04
CA LYS A 1095 30.20 -6.69 -3.84
C LYS A 1095 30.21 -7.97 -4.66
N LYS A 1096 31.36 -8.32 -5.24
CA LYS A 1096 31.47 -9.56 -5.99
C LYS A 1096 31.29 -10.77 -5.09
N THR A 1097 31.85 -10.74 -3.88
CA THR A 1097 31.68 -11.84 -2.95
C THR A 1097 30.21 -11.99 -2.54
N MET A 1098 29.53 -10.88 -2.30
CA MET A 1098 28.11 -10.91 -1.94
C MET A 1098 27.26 -11.34 -3.11
N THR A 1106 24.02 -14.40 6.60
CA THR A 1106 23.27 -13.14 6.60
C THR A 1106 24.08 -12.04 7.28
N THR A 1107 24.77 -12.40 8.37
CA THR A 1107 25.61 -11.43 9.07
C THR A 1107 26.74 -10.95 8.17
N LEU A 1108 27.37 -11.86 7.44
CA LEU A 1108 28.41 -11.46 6.50
C LEU A 1108 27.84 -10.57 5.41
N LYS A 1109 26.62 -10.84 4.96
CA LYS A 1109 25.98 -9.99 3.96
C LYS A 1109 25.75 -8.58 4.51
N ARG A 1110 25.28 -8.47 5.75
CA ARG A 1110 25.07 -7.16 6.35
C ARG A 1110 26.38 -6.41 6.52
N LEU A 1111 27.43 -7.11 6.97
CA LEU A 1111 28.73 -6.47 7.11
C LEU A 1111 29.26 -6.00 5.77
N LEU A 1112 29.10 -6.81 4.72
CA LEU A 1112 29.54 -6.42 3.39
C LEU A 1112 28.76 -5.21 2.89
N ASN A 1113 27.45 -5.17 3.15
CA ASN A 1113 26.65 -4.02 2.74
C ASN A 1113 27.10 -2.75 3.46
N ASN A 1114 27.36 -2.86 4.77
CA ASN A 1114 27.84 -1.70 5.51
C ASN A 1114 29.19 -1.22 4.98
N LYS A 1115 30.10 -2.16 4.69
CA LYS A 1115 31.39 -1.78 4.13
C LYS A 1115 31.23 -1.11 2.77
N GLN A 1116 30.32 -1.63 1.94
CA GLN A 1116 30.07 -1.04 0.63
C GLN A 1116 29.57 0.39 0.77
N LEU A 1117 28.61 0.61 1.66
CA LEU A 1117 28.07 1.96 1.85
C LEU A 1117 29.15 2.91 2.36
N ALA A 1118 29.97 2.45 3.31
CA ALA A 1118 31.04 3.30 3.84
C ALA A 1118 32.05 3.66 2.75
N LEU A 1119 32.43 2.67 1.94
CA LEU A 1119 33.40 2.92 0.88
C LEU A 1119 32.83 3.89 -0.16
N LYS A 1120 31.56 3.73 -0.52
CA LYS A 1120 30.93 4.65 -1.46
C LYS A 1120 30.90 6.06 -0.90
N LEU A 1121 30.55 6.20 0.38
CA LEU A 1121 30.50 7.53 0.98
C LEU A 1121 31.87 8.18 1.00
N LEU A 1122 32.91 7.42 1.37
CA LEU A 1122 34.25 7.96 1.39
C LEU A 1122 34.71 8.38 0.00
N ALA A 1123 34.46 7.55 -1.01
CA ALA A 1123 34.86 7.87 -2.37
C ALA A 1123 34.14 9.13 -2.86
N ASN A 1124 32.85 9.24 -2.56
CA ASN A 1124 32.10 10.43 -2.96
C ASN A 1124 32.62 11.69 -2.28
N VAL A 1125 32.94 11.59 -0.99
CA VAL A 1125 33.42 12.76 -0.26
C VAL A 1125 34.86 13.12 -0.59
N THR A 1126 35.62 12.20 -1.17
CA THR A 1126 37.03 12.47 -1.44
C THR A 1126 37.22 13.68 -2.35
N TYR A 1127 36.47 13.74 -3.45
CA TYR A 1127 36.62 14.86 -4.38
C TYR A 1127 36.23 16.18 -3.74
N GLY A 1128 35.29 16.15 -2.78
CA GLY A 1128 34.85 17.36 -2.12
C GLY A 1128 35.92 18.05 -1.30
N TYR A 1129 37.02 17.34 -1.00
CA TYR A 1129 38.12 17.98 -0.28
C TYR A 1129 38.70 19.13 -1.08
N THR A 1130 38.88 18.95 -2.38
CA THR A 1130 39.24 20.03 -3.27
C THR A 1130 38.01 20.89 -3.56
N SER A 1131 38.23 21.99 -4.29
CA SER A 1131 37.17 22.94 -4.65
C SER A 1131 36.50 23.56 -3.43
N ALA A 1132 37.11 23.42 -2.25
CA ALA A 1132 36.56 24.01 -1.02
C ALA A 1132 37.02 25.47 -0.94
N SER A 1133 36.38 26.31 -1.75
CA SER A 1133 36.72 27.73 -1.76
C SER A 1133 36.43 28.38 -0.42
N PHE A 1134 35.31 28.03 0.20
CA PHE A 1134 34.95 28.52 1.51
C PHE A 1134 34.96 27.38 2.52
N SER A 1135 35.46 27.67 3.73
CA SER A 1135 35.54 26.68 4.80
C SER A 1135 36.34 25.45 4.38
N GLY A 1136 37.44 25.68 3.67
CA GLY A 1136 38.34 24.63 3.24
C GLY A 1136 39.66 24.73 3.99
N ARG A 1137 40.13 23.58 4.49
CA ARG A 1137 41.36 23.54 5.27
C ARG A 1137 42.58 23.18 4.44
N MET A 1138 42.40 22.49 3.33
CA MET A 1138 43.48 22.29 2.36
C MET A 1138 42.87 22.19 0.97
N PRO A 1139 42.46 23.32 0.39
CA PRO A 1139 41.86 23.30 -0.94
C PRO A 1139 42.91 23.47 -2.04
N CYS A 1140 42.47 23.24 -3.27
CA CYS A 1140 43.32 23.41 -4.44
C CYS A 1140 42.40 23.70 -5.63
N SER A 1141 42.30 24.98 -5.99
CA SER A 1141 41.41 25.38 -7.08
C SER A 1141 41.85 24.76 -8.41
N ASP A 1142 43.16 24.71 -8.66
CA ASP A 1142 43.66 24.20 -9.92
C ASP A 1142 43.31 22.74 -10.11
N LEU A 1143 43.45 21.92 -9.06
CA LEU A 1143 43.17 20.50 -9.18
C LEU A 1143 41.69 20.25 -9.48
N ALA A 1144 40.80 20.95 -8.77
CA ALA A 1144 39.37 20.79 -9.01
C ALA A 1144 39.00 21.27 -10.40
N ASP A 1145 39.57 22.40 -10.84
CA ASP A 1145 39.30 22.89 -12.18
C ASP A 1145 39.75 21.89 -13.23
N SER A 1146 40.93 21.29 -13.03
CA SER A 1146 41.40 20.26 -13.95
C SER A 1146 40.45 19.07 -14.00
N ILE A 1147 40.00 18.61 -12.83
CA ILE A 1147 39.12 17.44 -12.80
C ILE A 1147 37.81 17.74 -13.52
N VAL A 1148 37.22 18.90 -13.24
CA VAL A 1148 35.95 19.25 -13.88
C VAL A 1148 36.13 19.40 -15.39
N GLN A 1149 37.21 20.06 -15.81
CA GLN A 1149 37.41 20.28 -17.24
C GLN A 1149 37.63 18.97 -17.98
N THR A 1150 38.43 18.06 -17.41
CA THR A 1150 38.65 16.78 -18.09
C THR A 1150 37.41 15.92 -18.06
N GLY A 1151 36.56 16.06 -17.03
CA GLY A 1151 35.26 15.41 -17.07
C GLY A 1151 34.40 15.92 -18.20
N ARG A 1152 34.39 17.24 -18.41
CA ARG A 1152 33.67 17.81 -19.54
C ARG A 1152 34.22 17.30 -20.86
N GLU A 1153 35.55 17.23 -21.00
CA GLU A 1153 36.14 16.72 -22.24
C GLU A 1153 35.77 15.26 -22.47
N THR A 1154 35.79 14.44 -21.41
CA THR A 1154 35.40 13.04 -21.55
C THR A 1154 33.95 12.92 -21.97
N LEU A 1155 33.07 13.73 -21.38
CA LEU A 1155 31.67 13.72 -21.77
C LEU A 1155 31.50 14.10 -23.24
N GLU A 1156 32.20 15.14 -23.68
CA GLU A 1156 32.10 15.57 -25.08
C GLU A 1156 32.62 14.49 -26.03
N LYS A 1157 33.73 13.84 -25.67
CA LYS A 1157 34.26 12.77 -26.51
C LYS A 1157 33.27 11.61 -26.58
N ALA A 1158 32.64 11.26 -25.47
CA ALA A 1158 31.66 10.18 -25.48
C ALA A 1158 30.47 10.54 -26.37
N ILE A 1159 29.98 11.77 -26.26
CA ILE A 1159 28.86 12.20 -27.10
C ILE A 1159 29.23 12.15 -28.57
N ASP A 1160 30.43 12.63 -28.92
CA ASP A 1160 30.87 12.61 -30.31
C ASP A 1160 31.00 11.18 -30.83
N ILE A 1161 31.55 10.29 -30.00
CA ILE A 1161 31.69 8.90 -30.42
C ILE A 1161 30.33 8.26 -30.64
N ILE A 1162 29.38 8.53 -29.74
CA ILE A 1162 28.04 7.95 -29.89
C ILE A 1162 27.36 8.47 -31.15
N GLU A 1163 27.45 9.78 -31.39
CA GLU A 1163 26.75 10.36 -32.54
C GLU A 1163 27.42 10.00 -33.85
N LYS A 1164 28.73 9.76 -33.85
CA LYS A 1164 29.46 9.54 -35.09
C LYS A 1164 29.01 8.26 -35.79
N ASP A 1165 28.73 7.20 -35.03
CA ASP A 1165 28.44 5.90 -35.61
C ASP A 1165 27.20 5.96 -36.50
N GLU A 1166 27.36 5.53 -37.76
CA GLU A 1166 26.25 5.58 -38.72
C GLU A 1166 25.24 4.47 -38.46
N THR A 1167 25.70 3.28 -38.07
CA THR A 1167 24.78 2.16 -37.87
C THR A 1167 23.85 2.42 -36.69
N TRP A 1168 24.27 3.23 -35.72
CA TRP A 1168 23.41 3.66 -34.62
C TRP A 1168 22.89 5.05 -34.97
N ASN A 1169 21.70 5.11 -35.55
CA ASN A 1169 21.06 6.38 -35.87
C ASN A 1169 20.44 7.01 -34.62
N ALA A 1170 21.30 7.26 -33.64
CA ALA A 1170 20.90 7.76 -32.34
C ALA A 1170 21.46 9.16 -32.12
N LYS A 1171 20.73 9.95 -31.34
CA LYS A 1171 21.13 11.31 -31.01
C LYS A 1171 20.99 11.52 -29.51
N VAL A 1172 22.00 12.14 -28.90
CA VAL A 1172 21.95 12.43 -27.48
C VAL A 1172 20.98 13.57 -27.23
N VAL A 1173 20.02 13.35 -26.32
CA VAL A 1173 19.00 14.34 -26.04
C VAL A 1173 19.22 15.05 -24.71
N TYR A 1174 19.84 14.41 -23.73
CA TYR A 1174 20.06 15.01 -22.42
C TYR A 1174 21.44 14.62 -21.92
N GLY A 1175 22.01 15.49 -21.09
CA GLY A 1175 23.33 15.26 -20.54
C GLY A 1175 23.53 15.85 -19.16
N ASP A 1176 24.20 15.10 -18.29
CA ASP A 1176 24.49 15.54 -16.93
C ASP A 1176 26.00 15.43 -16.69
N THR A 1177 26.41 15.53 -15.43
CA THR A 1177 27.84 15.42 -15.10
C THR A 1177 28.45 14.16 -15.69
N ASP A 1178 27.75 13.03 -15.57
CA ASP A 1178 28.22 11.79 -16.19
C ASP A 1178 27.07 10.98 -16.78
N SER A 1179 25.97 11.63 -17.14
CA SER A 1179 24.80 10.94 -17.66
C SER A 1179 24.60 11.27 -19.13
N LEU A 1180 24.29 10.24 -19.92
CA LEU A 1180 24.03 10.39 -21.34
C LEU A 1180 22.68 9.77 -21.67
N PHE A 1181 21.82 10.55 -22.32
CA PHE A 1181 20.49 10.09 -22.75
C PHE A 1181 20.52 10.02 -24.27
N VAL A 1182 20.59 8.81 -24.81
CA VAL A 1182 20.60 8.60 -26.27
C VAL A 1182 19.25 8.06 -26.69
N TYR A 1183 18.74 8.58 -27.81
CA TYR A 1183 17.40 8.27 -28.30
C TYR A 1183 17.49 7.39 -29.53
N LEU A 1184 16.69 6.33 -29.56
CA LEU A 1184 16.67 5.37 -30.66
C LEU A 1184 15.26 5.35 -31.26
N PRO A 1185 15.00 6.19 -32.27
CA PRO A 1185 13.63 6.29 -32.80
C PRO A 1185 13.13 5.01 -33.44
N GLY A 1186 12.12 4.38 -32.83
CA GLY A 1186 11.54 3.16 -33.34
C GLY A 1186 12.55 2.04 -33.46
N LYS A 1187 13.04 1.52 -32.34
CA LYS A 1187 14.13 0.57 -32.37
C LYS A 1187 13.86 -0.66 -31.50
N THR A 1188 12.58 -1.08 -31.40
CA THR A 1188 12.20 -2.41 -30.90
C THR A 1188 12.99 -2.83 -29.66
N ALA A 1189 12.68 -2.22 -28.52
CA ALA A 1189 13.52 -2.18 -27.31
C ALA A 1189 14.21 -3.50 -26.98
N ILE A 1190 13.64 -4.63 -27.39
CA ILE A 1190 14.26 -5.92 -27.14
C ILE A 1190 15.72 -5.92 -27.59
N GLU A 1191 16.02 -5.33 -28.75
CA GLU A 1191 17.39 -5.24 -29.19
C GLU A 1191 18.09 -3.97 -28.73
N ALA A 1192 17.38 -3.05 -28.08
CA ALA A 1192 18.01 -1.82 -27.61
C ALA A 1192 19.05 -2.10 -26.54
N PHE A 1193 18.87 -3.18 -25.77
CA PHE A 1193 19.87 -3.54 -24.76
C PHE A 1193 21.21 -3.89 -25.40
N SER A 1194 21.18 -4.62 -26.51
CA SER A 1194 22.42 -4.96 -27.21
C SER A 1194 23.11 -3.71 -27.73
N ILE A 1195 22.34 -2.79 -28.31
CA ILE A 1195 22.92 -1.54 -28.81
C ILE A 1195 23.54 -0.75 -27.67
N GLY A 1196 22.84 -0.67 -26.54
CA GLY A 1196 23.36 0.06 -25.40
C GLY A 1196 24.64 -0.55 -24.85
N HIS A 1197 24.68 -1.87 -24.75
CA HIS A 1197 25.90 -2.54 -24.32
C HIS A 1197 27.05 -2.27 -25.29
N ALA A 1198 26.76 -2.29 -26.59
CA ALA A 1198 27.78 -2.03 -27.59
C ALA A 1198 28.35 -0.63 -27.46
N MET A 1199 27.48 0.38 -27.29
CA MET A 1199 28.00 1.74 -27.17
C MET A 1199 28.73 1.93 -25.86
N ALA A 1200 28.28 1.28 -24.78
CA ALA A 1200 29.00 1.36 -23.52
C ALA A 1200 30.40 0.79 -23.65
N GLU A 1201 30.53 -0.37 -24.31
CA GLU A 1201 31.85 -0.96 -24.52
C GLU A 1201 32.72 -0.07 -25.41
N ARG A 1202 32.12 0.52 -26.45
CA ARG A 1202 32.89 1.39 -27.35
C ARG A 1202 33.40 2.62 -26.61
N VAL A 1203 32.57 3.23 -25.77
CA VAL A 1203 33.00 4.41 -25.02
C VAL A 1203 34.05 4.02 -24.00
N THR A 1204 33.88 2.87 -23.34
CA THR A 1204 34.86 2.44 -22.33
C THR A 1204 36.22 2.16 -22.96
N GLN A 1205 36.24 1.54 -24.13
CA GLN A 1205 37.53 1.19 -24.73
C GLN A 1205 38.29 2.40 -25.29
N ASN A 1206 37.81 3.63 -25.11
CA ASN A 1206 38.51 4.82 -25.59
C ASN A 1206 38.93 5.72 -24.43
N ASN A 1207 39.11 5.13 -23.25
CA ASN A 1207 39.45 5.86 -22.04
C ASN A 1207 40.48 5.07 -21.26
N PRO A 1208 41.17 5.70 -20.31
CA PRO A 1208 42.11 4.97 -19.45
C PRO A 1208 41.39 3.89 -18.63
N LYS A 1209 42.20 3.11 -17.91
CA LYS A 1209 41.69 1.91 -17.25
C LYS A 1209 40.58 2.17 -16.25
N PRO A 1210 40.70 3.09 -15.29
CA PRO A 1210 39.64 3.24 -14.28
C PRO A 1210 38.34 3.81 -14.84
N ILE A 1211 38.38 4.48 -15.98
CA ILE A 1211 37.17 5.08 -16.53
C ILE A 1211 36.29 3.98 -17.14
N PHE A 1212 35.01 3.99 -16.77
CA PHE A 1212 34.09 2.94 -17.16
C PHE A 1212 32.70 3.54 -17.36
N LEU A 1213 31.97 2.99 -18.32
CA LEU A 1213 30.61 3.40 -18.62
C LEU A 1213 29.66 2.21 -18.48
N LYS A 1214 28.52 2.43 -17.85
CA LYS A 1214 27.54 1.38 -17.59
C LYS A 1214 26.19 1.76 -18.17
N PHE A 1215 25.49 0.76 -18.71
CA PHE A 1215 24.17 0.99 -19.29
C PHE A 1215 23.09 1.00 -18.21
N GLU A 1216 22.87 -0.14 -17.57
CA GLU A 1216 22.21 -0.26 -16.27
C GLU A 1216 20.71 0.01 -16.26
N LYS A 1217 20.14 0.54 -17.35
CA LYS A 1217 18.69 0.76 -17.43
C LYS A 1217 18.36 1.36 -18.79
N VAL A 1218 17.05 1.38 -19.09
CA VAL A 1218 16.54 1.96 -20.32
C VAL A 1218 15.12 2.46 -20.06
N TYR A 1219 14.74 3.53 -20.76
CA TYR A 1219 13.42 4.14 -20.64
C TYR A 1219 12.69 3.96 -21.97
N HIS A 1220 11.68 3.09 -22.00
CA HIS A 1220 10.94 2.95 -23.24
C HIS A 1220 10.01 4.14 -23.41
N PRO A 1221 9.07 4.42 -22.47
CA PRO A 1221 8.40 5.72 -22.50
C PRO A 1221 9.08 6.71 -21.55
N SER A 1222 9.22 7.96 -21.96
CA SER A 1222 9.92 8.91 -21.12
C SER A 1222 9.45 10.33 -21.43
N ILE A 1223 9.55 11.20 -20.43
CA ILE A 1223 9.25 12.61 -20.55
C ILE A 1223 10.43 13.38 -19.97
N LEU A 1224 10.99 14.28 -20.76
CA LEU A 1224 12.10 15.13 -20.32
C LEU A 1224 11.58 16.55 -20.18
N ILE A 1225 11.29 16.97 -18.95
CA ILE A 1225 10.75 18.29 -18.71
C ILE A 1225 11.83 19.35 -18.86
N SER A 1226 12.87 19.26 -18.04
CA SER A 1226 13.95 20.24 -18.04
C SER A 1226 15.19 19.57 -17.46
N LYS A 1227 16.19 20.39 -17.13
CA LYS A 1227 17.42 19.86 -16.54
C LYS A 1227 17.14 19.24 -15.18
N LYS A 1228 17.60 17.99 -15.01
CA LYS A 1228 17.41 17.24 -13.78
C LYS A 1228 15.94 17.04 -13.44
N ARG A 1229 15.09 17.01 -14.46
CA ARG A 1229 13.65 16.78 -14.29
C ARG A 1229 13.17 15.85 -15.40
N TYR A 1230 12.83 14.62 -15.04
CA TYR A 1230 12.36 13.65 -16.02
C TYR A 1230 11.59 12.55 -15.30
N VAL A 1231 10.87 11.76 -16.08
CA VAL A 1231 10.10 10.63 -15.56
C VAL A 1231 9.90 9.64 -16.68
N GLY A 1232 9.87 8.36 -16.34
CA GLY A 1232 9.67 7.32 -17.35
C GLY A 1232 9.64 5.96 -16.71
N PHE A 1233 9.38 4.95 -17.54
CA PHE A 1233 9.38 3.57 -17.12
C PHE A 1233 10.76 2.96 -17.38
N SER A 1234 11.32 2.31 -16.37
CA SER A 1234 12.67 1.78 -16.45
C SER A 1234 12.63 0.25 -16.54
N TYR A 1235 13.46 -0.29 -17.41
CA TYR A 1235 13.66 -1.74 -17.55
C TYR A 1235 15.15 -2.02 -17.35
N GLU A 1236 15.52 -2.38 -16.11
CA GLU A 1236 16.93 -2.62 -15.82
C GLU A 1236 17.44 -3.90 -16.47
N SER A 1237 16.55 -4.81 -16.88
CA SER A 1237 16.96 -6.05 -17.51
C SER A 1237 15.92 -6.41 -18.56
N PRO A 1238 16.33 -6.98 -19.69
CA PRO A 1238 15.34 -7.40 -20.70
C PRO A 1238 14.37 -8.45 -20.19
N SER A 1239 14.80 -9.27 -19.23
CA SER A 1239 13.92 -10.30 -18.67
C SER A 1239 12.83 -9.70 -17.79
N GLN A 1240 13.02 -8.48 -17.29
CA GLN A 1240 12.02 -7.86 -16.44
C GLN A 1240 10.75 -7.57 -17.23
N THR A 1241 9.60 -7.87 -16.62
CA THR A 1241 8.29 -7.68 -17.24
C THR A 1241 7.60 -6.40 -16.80
N LEU A 1242 7.43 -6.22 -15.49
CA LEU A 1242 6.75 -5.04 -14.99
C LEU A 1242 7.68 -3.83 -15.01
N PRO A 1243 7.29 -2.74 -15.65
CA PRO A 1243 8.14 -1.54 -15.63
C PRO A 1243 8.19 -0.92 -14.24
N ILE A 1244 9.28 -0.21 -13.97
CA ILE A 1244 9.49 0.47 -12.70
C ILE A 1244 9.32 1.96 -12.91
N PHE A 1245 8.46 2.57 -12.10
CA PHE A 1245 8.16 4.00 -12.20
C PHE A 1245 9.34 4.78 -11.63
N ASP A 1246 10.17 5.33 -12.51
CA ASP A 1246 11.35 6.09 -12.11
C ASP A 1246 11.11 7.57 -12.40
N ALA A 1247 11.20 8.41 -11.37
CA ALA A 1247 11.03 9.84 -11.50
C ALA A 1247 12.16 10.55 -10.78
N LYS A 1248 12.65 11.64 -11.38
CA LYS A 1248 13.75 12.41 -10.82
C LYS A 1248 13.48 13.89 -11.04
N GLY A 1249 13.08 14.60 -9.98
CA GLY A 1249 12.90 16.02 -10.01
C GLY A 1249 11.47 16.50 -10.17
N ILE A 1250 10.56 15.63 -10.62
CA ILE A 1250 9.16 16.01 -10.76
C ILE A 1250 8.49 15.93 -9.39
N GLU A 1251 7.26 16.46 -9.30
CA GLU A 1251 6.62 16.63 -8.01
C GLU A 1251 6.35 15.32 -7.27
N THR A 1252 6.42 14.18 -7.96
CA THR A 1252 6.19 12.91 -7.27
C THR A 1252 7.27 12.64 -6.24
N VAL A 1253 8.52 12.96 -6.55
CA VAL A 1253 9.63 12.76 -5.62
C VAL A 1253 9.94 13.98 -4.79
N ARG A 1254 9.30 15.12 -5.06
CA ARG A 1254 9.53 16.34 -4.32
C ARG A 1254 8.55 16.43 -3.16
N ARG A 1255 9.07 16.70 -1.96
CA ARG A 1255 8.26 16.84 -0.76
C ARG A 1255 7.76 18.27 -0.56
N ASP A 1256 7.68 19.05 -1.64
CA ASP A 1256 7.27 20.45 -1.58
C ASP A 1256 5.81 20.65 -1.95
N GLY A 1257 4.95 19.69 -1.61
CA GLY A 1257 3.54 19.79 -1.94
C GLY A 1257 2.63 18.98 -1.04
N ILE A 1258 1.60 18.38 -1.61
CA ILE A 1258 0.64 17.58 -0.86
C ILE A 1258 0.56 16.20 -1.49
N PRO A 1259 0.18 15.18 -0.72
CA PRO A 1259 0.09 13.83 -1.30
C PRO A 1259 -0.90 13.73 -2.44
N ALA A 1260 -1.96 14.55 -2.44
CA ALA A 1260 -2.95 14.48 -3.50
C ALA A 1260 -2.36 14.79 -4.87
N GLN A 1261 -1.53 15.83 -4.94
CA GLN A 1261 -0.91 16.18 -6.22
C GLN A 1261 0.04 15.09 -6.69
N GLN A 1262 0.78 14.48 -5.76
CA GLN A 1262 1.69 13.39 -6.13
C GLN A 1262 0.91 12.20 -6.68
N LYS A 1263 -0.18 11.82 -6.01
CA LYS A 1263 -0.98 10.70 -6.48
C LYS A 1263 -1.60 10.99 -7.84
N ILE A 1264 -2.14 12.19 -8.02
CA ILE A 1264 -2.79 12.55 -9.29
C ILE A 1264 -1.77 12.55 -10.42
N ILE A 1265 -0.60 13.14 -10.19
CA ILE A 1265 0.43 13.19 -11.22
C ILE A 1265 0.90 11.79 -11.57
N GLU A 1266 1.12 10.95 -10.55
CA GLU A 1266 1.56 9.58 -10.82
C GLU A 1266 0.52 8.81 -11.63
N LYS A 1267 -0.75 8.95 -11.26
CA LYS A 1267 -1.79 8.24 -12.00
C LYS A 1267 -1.88 8.72 -13.45
N CYS A 1268 -1.81 10.03 -13.65
CA CYS A 1268 -1.88 10.56 -15.02
C CYS A 1268 -0.69 10.09 -15.85
N ILE A 1269 0.51 10.12 -15.27
CA ILE A 1269 1.69 9.68 -16.00
C ILE A 1269 1.61 8.20 -16.34
N ARG A 1270 1.16 7.37 -15.38
CA ARG A 1270 1.02 5.95 -15.66
C ARG A 1270 -0.01 5.69 -16.76
N LEU A 1271 -1.14 6.41 -16.72
CA LEU A 1271 -2.14 6.25 -17.77
C LEU A 1271 -1.58 6.65 -19.13
N LEU A 1272 -0.86 7.77 -19.20
CA LEU A 1272 -0.31 8.22 -20.47
C LEU A 1272 0.73 7.22 -20.99
N PHE A 1273 1.54 6.65 -20.10
CA PHE A 1273 2.58 5.74 -20.54
C PHE A 1273 2.03 4.37 -20.94
N GLN A 1274 0.95 3.92 -20.29
CA GLN A 1274 0.42 2.59 -20.58
C GLN A 1274 -0.56 2.60 -21.73
N THR A 1275 -1.59 3.45 -21.68
CA THR A 1275 -2.65 3.44 -22.68
C THR A 1275 -2.47 4.48 -23.77
N LYS A 1276 -1.65 5.51 -23.55
CA LYS A 1276 -1.47 6.62 -24.48
C LYS A 1276 -2.78 7.33 -24.79
N ASP A 1277 -3.79 7.15 -23.93
CA ASP A 1277 -5.13 7.66 -24.18
C ASP A 1277 -5.33 8.97 -23.41
N LEU A 1278 -5.54 10.06 -24.15
CA LEU A 1278 -5.83 11.33 -23.53
C LEU A 1278 -7.27 11.41 -23.01
N SER A 1279 -8.18 10.65 -23.62
CA SER A 1279 -9.57 10.65 -23.15
C SER A 1279 -9.68 10.07 -21.75
N LYS A 1280 -8.96 8.98 -21.48
CA LYS A 1280 -8.98 8.39 -20.14
C LYS A 1280 -8.40 9.36 -19.11
N ILE A 1281 -7.31 10.03 -19.46
CA ILE A 1281 -6.70 11.01 -18.55
C ILE A 1281 -7.67 12.16 -18.29
N LYS A 1282 -8.34 12.64 -19.33
CA LYS A 1282 -9.30 13.72 -19.16
C LYS A 1282 -10.46 13.29 -18.28
N LYS A 1283 -10.96 12.07 -18.49
CA LYS A 1283 -12.06 11.58 -17.67
C LYS A 1283 -11.65 11.46 -16.21
N TYR A 1284 -10.46 10.92 -15.96
CA TYR A 1284 -9.98 10.79 -14.59
C TYR A 1284 -9.79 12.15 -13.93
N LEU A 1285 -9.20 13.10 -14.66
CA LEU A 1285 -8.99 14.43 -14.12
C LEU A 1285 -10.31 15.12 -13.81
N GLN A 1286 -11.28 15.02 -14.72
CA GLN A 1286 -12.58 15.64 -14.48
C GLN A 1286 -13.29 15.01 -13.30
N ASN A 1287 -13.21 13.68 -13.17
CA ASN A 1287 -13.83 13.01 -12.03
C ASN A 1287 -13.17 13.44 -10.72
N GLU A 1288 -11.84 13.53 -10.70
CA GLU A 1288 -11.15 13.96 -9.49
C GLU A 1288 -11.48 15.41 -9.15
N PHE A 1289 -11.54 16.28 -10.15
CA PHE A 1289 -11.90 17.68 -9.90
C PHE A 1289 -13.32 17.80 -9.37
N PHE A 1290 -14.25 17.01 -9.93
CA PHE A 1290 -15.62 17.03 -9.43
C PHE A 1290 -15.69 16.54 -7.99
N LYS A 1291 -14.95 15.48 -7.67
CA LYS A 1291 -14.92 14.99 -6.30
C LYS A 1291 -14.35 16.04 -5.34
N ILE A 1292 -13.29 16.74 -5.77
CA ILE A 1292 -12.70 17.79 -4.94
C ILE A 1292 -13.70 18.92 -4.72
N GLN A 1293 -14.40 19.32 -5.78
CA GLN A 1293 -15.38 20.40 -5.66
C GLN A 1293 -16.53 20.00 -4.75
N ILE A 1294 -17.01 18.76 -4.87
CA ILE A 1294 -18.11 18.31 -4.03
C ILE A 1294 -17.69 18.25 -2.56
N GLY A 1295 -16.51 17.72 -2.28
CA GLY A 1295 -16.05 17.59 -0.92
C GLY A 1295 -15.88 16.16 -0.48
N LYS A 1296 -15.72 15.25 -1.45
CA LYS A 1296 -15.58 13.83 -1.19
C LYS A 1296 -14.12 13.39 -1.16
N VAL A 1297 -13.24 14.25 -0.67
CA VAL A 1297 -11.81 13.94 -0.60
C VAL A 1297 -11.48 13.42 0.79
N SER A 1298 -10.32 12.79 0.90
CA SER A 1298 -9.92 12.16 2.17
C SER A 1298 -9.53 13.18 3.22
N ALA A 1299 -9.28 14.43 2.84
CA ALA A 1299 -8.93 15.56 3.70
C ALA A 1299 -7.57 15.41 4.36
N GLN A 1300 -6.88 14.28 4.15
CA GLN A 1300 -5.52 14.08 4.66
C GLN A 1300 -4.46 14.38 3.60
N ASP A 1301 -4.75 14.06 2.34
CA ASP A 1301 -3.82 14.29 1.23
C ASP A 1301 -3.69 15.74 0.85
N PHE A 1302 -4.26 16.67 1.62
CA PHE A 1302 -4.19 18.09 1.33
C PHE A 1302 -3.42 18.84 2.40
N CYS A 1303 -2.36 18.23 2.91
CA CYS A 1303 -1.55 18.82 3.98
C CYS A 1303 -0.12 19.00 3.48
N PHE A 1304 0.41 20.20 3.62
CA PHE A 1304 1.77 20.50 3.19
C PHE A 1304 2.75 20.23 4.32
N ALA A 1305 4.03 20.08 3.94
CA ALA A 1305 5.08 19.81 4.92
C ALA A 1305 6.39 20.29 4.33
N LYS A 1306 6.94 21.38 4.88
CA LYS A 1306 8.20 21.93 4.44
C LYS A 1306 9.08 22.21 5.66
N GLU A 1307 10.39 22.08 5.47
CA GLU A 1307 11.32 22.36 6.56
C GLU A 1307 11.32 23.85 6.90
N VAL A 1308 11.50 24.14 8.19
CA VAL A 1308 11.47 25.51 8.68
C VAL A 1308 12.76 25.79 9.44
N LYS A 1309 13.37 26.94 9.18
CA LYS A 1309 14.59 27.39 9.84
C LYS A 1309 14.25 28.71 10.54
N LEU A 1310 13.97 28.63 11.84
CA LEU A 1310 13.46 29.79 12.57
C LEU A 1310 14.49 30.92 12.66
N GLY A 1311 15.78 30.62 12.56
CA GLY A 1311 16.79 31.64 12.74
C GLY A 1311 17.52 32.05 11.48
N ALA A 1312 17.20 31.40 10.35
CA ALA A 1312 17.87 31.67 9.09
C ALA A 1312 17.03 32.51 8.15
N TYR A 1313 16.05 33.24 8.67
CA TYR A 1313 15.17 34.08 7.86
C TYR A 1313 15.66 35.52 7.91
N LYS A 1314 15.75 36.16 6.74
CA LYS A 1314 16.24 37.53 6.67
C LYS A 1314 15.32 38.49 7.42
N SER A 1315 14.00 38.31 7.28
CA SER A 1315 13.04 39.17 7.94
C SER A 1315 11.75 38.40 8.17
N GLU A 1316 10.85 39.00 8.96
CA GLU A 1316 9.59 38.36 9.27
C GLU A 1316 8.72 38.17 8.02
N LYS A 1317 8.73 39.15 7.13
CA LYS A 1317 7.89 39.08 5.94
C LYS A 1317 8.39 38.07 4.92
N THR A 1318 9.67 37.68 4.99
CA THR A 1318 10.22 36.70 4.06
C THR A 1318 10.04 35.27 4.54
N ALA A 1319 9.53 35.07 5.75
CA ALA A 1319 9.33 33.72 6.26
C ALA A 1319 8.19 33.02 5.51
N PRO A 1320 8.29 31.70 5.34
CA PRO A 1320 7.23 30.97 4.63
C PRO A 1320 5.97 30.78 5.46
N ALA A 1321 4.99 30.08 4.88
CA ALA A 1321 3.72 29.88 5.58
C ALA A 1321 3.90 29.06 6.85
N GLY A 1322 4.72 28.00 6.78
CA GLY A 1322 4.92 27.16 7.94
C GLY A 1322 5.57 27.90 9.10
N ALA A 1323 6.46 28.85 8.80
CA ALA A 1323 7.03 29.68 9.85
C ALA A 1323 5.95 30.50 10.55
N VAL A 1324 5.00 31.04 9.78
CA VAL A 1324 3.90 31.78 10.38
C VAL A 1324 3.04 30.86 11.23
N VAL A 1325 2.79 29.63 10.77
CA VAL A 1325 1.98 28.69 11.55
C VAL A 1325 2.67 28.39 12.88
N VAL A 1326 3.99 28.12 12.83
CA VAL A 1326 4.71 27.83 14.07
C VAL A 1326 4.72 29.04 14.99
N LYS A 1327 4.90 30.24 14.43
CA LYS A 1327 4.90 31.45 15.25
C LYS A 1327 3.55 31.66 15.93
N ARG A 1328 2.45 31.38 15.22
CA ARG A 1328 1.14 31.46 15.85
C ARG A 1328 0.99 30.41 16.93
N ARG A 1329 1.51 29.20 16.69
CA ARG A 1329 1.40 28.14 17.69
C ARG A 1329 2.23 28.44 18.94
N ILE A 1330 3.36 29.12 18.78
CA ILE A 1330 4.24 29.40 19.91
C ILE A 1330 3.57 30.36 20.88
N ASN A 1331 3.01 31.45 20.36
CA ASN A 1331 2.34 32.44 21.20
C ASN A 1331 1.03 31.90 21.76
N ALA A 1336 6.46 24.50 23.29
CA ALA A 1336 5.74 25.04 22.15
C ALA A 1336 6.68 25.25 20.97
N GLU A 1337 7.88 25.74 21.26
CA GLU A 1337 8.86 25.99 20.22
C GLU A 1337 9.27 24.68 19.56
N PRO A 1338 9.46 24.66 18.24
CA PRO A 1338 9.91 23.43 17.57
C PRO A 1338 11.42 23.31 17.56
N GLN A 1339 11.92 22.23 16.98
CA GLN A 1339 13.36 22.02 16.81
C GLN A 1339 13.81 22.50 15.44
N TYR A 1340 15.13 22.60 15.28
CA TYR A 1340 15.69 23.14 14.05
C TYR A 1340 15.54 22.14 12.91
N LYS A 1341 15.15 22.66 11.74
CA LYS A 1341 14.98 21.87 10.52
C LYS A 1341 13.95 20.76 10.71
N GLU A 1342 12.70 21.18 10.88
CA GLU A 1342 11.58 20.27 11.11
C GLU A 1342 10.58 20.35 9.97
N ARG A 1343 10.20 19.21 9.43
CA ARG A 1343 9.06 19.14 8.53
C ARG A 1343 7.78 19.32 9.34
N ILE A 1344 7.07 20.41 9.09
CA ILE A 1344 5.94 20.84 9.91
C ILE A 1344 4.70 20.87 9.02
N PRO A 1345 3.54 20.44 9.52
CA PRO A 1345 2.33 20.42 8.69
C PRO A 1345 1.73 21.82 8.55
N TYR A 1346 1.41 22.19 7.31
CA TYR A 1346 0.83 23.50 7.04
C TYR A 1346 -0.25 23.41 5.97
N LEU A 1347 -1.08 24.45 5.91
CA LEU A 1347 -2.08 24.64 4.87
C LEU A 1347 -2.95 23.41 4.64
N VAL A 1348 -3.73 23.01 5.65
CA VAL A 1348 -4.55 21.81 5.51
C VAL A 1348 -5.70 22.09 4.56
N VAL A 1349 -6.62 22.96 4.97
CA VAL A 1349 -7.69 23.40 4.08
C VAL A 1349 -8.38 24.63 4.65
N LYS A 1350 -8.94 25.45 3.77
CA LYS A 1350 -9.63 26.69 4.14
C LYS A 1350 -8.88 27.53 5.19
N GLN A 1355 -6.42 38.98 1.27
CA GLN A 1355 -6.27 37.64 1.85
C GLN A 1355 -5.10 36.92 1.20
N LEU A 1356 -3.91 37.11 1.76
CA LEU A 1356 -2.72 36.47 1.23
C LEU A 1356 -2.68 35.00 1.63
N LEU A 1357 -1.81 34.24 0.96
CA LEU A 1357 -1.59 32.85 1.34
C LEU A 1357 -0.99 32.78 2.73
N ARG A 1358 -0.15 33.75 3.09
CA ARG A 1358 0.35 33.87 4.45
C ARG A 1358 -0.78 34.34 5.38
N CYS A 1361 -2.85 29.68 6.05
CA CYS A 1361 -1.88 29.19 7.01
C CYS A 1361 -2.54 28.38 8.12
N VAL A 1362 -3.59 27.64 7.78
CA VAL A 1362 -4.29 26.83 8.77
C VAL A 1362 -3.54 25.52 8.97
N SER A 1363 -3.21 25.22 10.22
CA SER A 1363 -2.61 23.94 10.56
C SER A 1363 -3.66 22.84 10.56
N PRO A 1364 -3.26 21.58 10.35
CA PRO A 1364 -4.22 20.48 10.33
C PRO A 1364 -5.00 20.32 11.63
N GLU A 1366 -5.96 23.04 13.30
CA GLU A 1366 -7.07 23.97 13.47
C GLU A 1366 -8.18 23.70 12.46
N PHE A 1367 -7.85 22.97 11.41
CA PHE A 1367 -8.89 22.54 10.47
C PHE A 1367 -9.80 21.49 11.09
N LEU A 1368 -9.20 20.48 11.73
CA LEU A 1368 -10.00 19.35 12.23
C LEU A 1368 -10.93 19.81 13.33
N GLU A 1369 -10.47 20.70 14.20
CA GLU A 1369 -11.33 21.31 15.21
C GLU A 1369 -12.11 22.50 14.66
N GLY A 1370 -11.85 22.92 13.43
CA GLY A 1370 -12.55 24.05 12.84
C GLY A 1370 -13.74 23.64 12.00
N LEU A 1375 -13.47 23.99 2.52
CA LEU A 1375 -12.35 24.20 1.61
C LEU A 1375 -12.81 24.83 0.31
N ASP A 1376 -12.07 25.84 -0.15
CA ASP A 1376 -12.36 26.53 -1.40
C ASP A 1376 -11.65 25.77 -2.52
N SER A 1377 -12.34 24.75 -3.04
CA SER A 1377 -11.69 23.77 -3.92
C SER A 1377 -11.05 24.41 -5.14
N GLU A 1378 -11.52 25.57 -5.56
CA GLU A 1378 -10.94 26.24 -6.72
C GLU A 1378 -9.46 26.53 -6.50
N TYR A 1379 -9.12 27.07 -5.33
CA TYR A 1379 -7.72 27.39 -5.04
C TYR A 1379 -6.85 26.15 -5.08
N TYR A 1380 -7.25 25.10 -4.35
CA TYR A 1380 -6.46 23.88 -4.32
C TYR A 1380 -6.30 23.30 -5.72
N ILE A 1381 -7.41 23.11 -6.43
CA ILE A 1381 -7.36 22.55 -7.78
C ILE A 1381 -6.39 23.35 -8.64
N ASN A 1382 -6.67 24.64 -8.82
CA ASN A 1382 -5.86 25.45 -9.70
C ASN A 1382 -4.40 25.47 -9.25
N LYS A 1383 -4.13 26.08 -8.10
CA LYS A 1383 -2.76 26.36 -7.70
C LYS A 1383 -2.03 25.15 -7.12
N ILE A 1384 -2.57 23.93 -7.24
CA ILE A 1384 -1.79 22.79 -6.81
C ILE A 1384 -1.68 21.78 -7.95
N LEU A 1385 -2.63 21.78 -8.89
CA LEU A 1385 -2.62 20.78 -9.95
C LEU A 1385 -2.43 21.37 -11.33
N ILE A 1386 -2.94 22.57 -11.61
CA ILE A 1386 -2.79 23.15 -12.95
C ILE A 1386 -1.32 23.39 -13.32
N PRO A 1387 -0.48 23.97 -12.45
CA PRO A 1387 0.91 24.21 -12.86
C PRO A 1387 1.66 22.92 -13.18
N PRO A 1388 1.68 21.91 -12.30
CA PRO A 1388 2.50 20.73 -12.62
C PRO A 1388 1.94 19.90 -13.76
N LEU A 1389 0.62 19.72 -13.81
CA LEU A 1389 0.03 18.98 -14.91
C LEU A 1389 0.22 19.73 -16.23
N ASP A 1390 0.16 21.06 -16.20
CA ASP A 1390 0.44 21.84 -17.40
C ASP A 1390 1.90 21.70 -17.81
N ARG A 1391 2.82 21.67 -16.86
CA ARG A 1391 4.22 21.45 -17.21
C ARG A 1391 4.41 20.09 -17.85
N LEU A 1392 3.70 19.08 -17.36
CA LEU A 1392 3.88 17.73 -17.89
C LEU A 1392 3.19 17.54 -19.25
N PHE A 1393 2.03 18.18 -19.45
CA PHE A 1393 1.22 17.90 -20.64
C PHE A 1393 1.36 18.93 -21.74
N ASN A 1394 1.87 20.14 -21.44
CA ASN A 1394 2.14 21.09 -22.51
C ASN A 1394 3.23 20.60 -23.45
N LEU A 1395 4.06 19.66 -22.98
CA LEU A 1395 5.01 19.00 -23.88
C LEU A 1395 4.27 18.21 -24.95
N ILE A 1396 3.18 17.54 -24.57
CA ILE A 1396 2.36 16.85 -25.56
C ILE A 1396 1.60 17.85 -26.43
N GLY A 1397 1.05 18.89 -25.82
CA GLY A 1397 0.38 19.93 -26.57
C GLY A 1397 -1.08 20.13 -26.18
N ILE A 1398 -1.43 19.74 -24.96
CA ILE A 1398 -2.80 19.87 -24.47
C ILE A 1398 -2.82 20.76 -23.25
N ASN A 1399 -3.89 21.52 -23.10
CA ASN A 1399 -4.06 22.45 -21.98
C ASN A 1399 -4.99 21.80 -20.95
N VAL A 1400 -4.48 21.55 -19.75
CA VAL A 1400 -5.28 20.93 -18.70
C VAL A 1400 -6.34 21.90 -18.19
N GLY A 1401 -6.04 23.20 -18.22
CA GLY A 1401 -6.99 24.18 -17.69
C GLY A 1401 -8.32 24.18 -18.43
N ASN A 1402 -8.30 23.90 -19.73
CA ASN A 1402 -9.55 23.80 -20.48
C ASN A 1402 -10.40 22.66 -19.97
N TRP A 1403 -9.77 21.53 -19.60
CA TRP A 1403 -10.52 20.42 -19.04
C TRP A 1403 -11.14 20.80 -17.70
N ALA A 1404 -10.40 21.55 -16.88
CA ALA A 1404 -10.91 21.93 -15.57
C ALA A 1404 -12.00 22.98 -15.67
N GLN A 1405 -11.98 23.81 -16.72
CA GLN A 1405 -12.99 24.85 -16.87
C GLN A 1405 -14.38 24.26 -17.01
N GLU A 1406 -14.52 23.20 -17.80
CA GLU A 1406 -15.83 22.56 -17.97
C GLU A 1406 -16.33 21.97 -16.65
N ILE A 1407 -15.45 21.31 -15.92
CA ILE A 1407 -15.79 20.68 -14.64
C ILE A 1407 -16.95 19.71 -14.79
N LYS A 1454 -47.77 9.07 2.54
CA LYS A 1454 -47.47 7.83 1.86
C LYS A 1454 -46.47 8.06 0.72
N ARG A 1455 -45.20 7.81 1.01
CA ARG A 1455 -44.14 7.97 0.00
C ARG A 1455 -43.05 6.97 0.31
N SER A 1456 -42.87 5.97 -0.55
CA SER A 1456 -41.88 4.93 -0.35
C SER A 1456 -40.63 5.12 -1.19
N THR A 1457 -40.52 6.23 -1.92
CA THR A 1457 -39.38 6.47 -2.80
C THR A 1457 -38.28 7.29 -2.13
N THR A 1458 -38.61 8.52 -1.71
CA THR A 1458 -37.60 9.39 -1.10
C THR A 1458 -37.18 8.87 0.27
N THR A 1459 -38.14 8.39 1.06
CA THR A 1459 -37.80 7.86 2.39
C THR A 1459 -36.89 6.66 2.28
N LEU A 1460 -37.11 5.80 1.29
CA LEU A 1460 -36.25 4.64 1.12
C LEU A 1460 -34.82 5.07 0.84
N SER A 1461 -34.64 6.10 0.00
CA SER A 1461 -33.30 6.63 -0.25
C SER A 1461 -32.70 7.24 1.01
N PHE A 1462 -33.52 7.92 1.82
CA PHE A 1462 -33.02 8.48 3.07
C PHE A 1462 -32.50 7.39 3.99
N LEU A 1463 -33.28 6.31 4.16
CA LEU A 1463 -32.81 5.19 4.96
C LEU A 1463 -31.56 4.55 4.37
N ILE A 1464 -31.49 4.42 3.04
CA ILE A 1464 -30.30 3.84 2.42
C ILE A 1464 -29.07 4.65 2.79
N LYS A 1465 -29.14 5.97 2.62
CA LYS A 1465 -28.00 6.83 2.93
C LYS A 1465 -27.64 6.77 4.41
N LYS A 1466 -28.65 6.88 5.28
CA LYS A 1466 -28.39 6.90 6.71
C LYS A 1466 -27.78 5.59 7.19
N LEU A 1467 -28.29 4.47 6.68
CA LEU A 1467 -27.76 3.17 7.09
C LEU A 1467 -26.36 2.93 6.56
N LYS A 1468 -26.08 3.37 5.33
CA LYS A 1468 -24.71 3.26 4.83
C LYS A 1468 -23.76 4.08 5.69
N ARG A 1469 -24.15 5.30 6.05
CA ARG A 1469 -23.30 6.13 6.89
C ARG A 1469 -23.07 5.50 8.26
N GLN A 1470 -24.14 4.96 8.86
CA GLN A 1470 -24.03 4.35 10.17
C GLN A 1470 -23.13 3.12 10.14
N LYS A 1471 -23.26 2.29 9.11
CA LYS A 1471 -22.42 1.10 9.03
C LYS A 1471 -20.96 1.48 8.81
N GLU A 1472 -20.71 2.50 7.99
CA GLU A 1472 -19.33 2.98 7.83
C GLU A 1472 -18.76 3.47 9.15
N TYR A 1473 -19.56 4.22 9.92
CA TYR A 1473 -19.12 4.71 11.21
C TYR A 1473 -18.82 3.55 12.17
N GLN A 1474 -19.68 2.53 12.16
CA GLN A 1474 -19.46 1.38 13.02
C GLN A 1474 -18.19 0.64 12.64
N THR A 1475 -17.94 0.49 11.34
CA THR A 1475 -16.71 -0.16 10.91
C THR A 1475 -15.49 0.63 11.35
N LEU A 1476 -15.55 1.95 11.24
CA LEU A 1476 -14.43 2.78 11.69
C LEU A 1476 -14.20 2.64 13.19
N LYS A 1477 -15.29 2.62 13.97
CA LYS A 1477 -15.14 2.46 15.42
C LYS A 1477 -14.55 1.11 15.76
N THR A 1478 -14.98 0.05 15.07
CA THR A 1478 -14.42 -1.28 15.30
C THR A 1478 -12.93 -1.32 15.00
N VAL A 1479 -12.53 -0.70 13.88
CA VAL A 1479 -11.11 -0.67 13.53
C VAL A 1479 -10.31 0.09 14.59
N CYS A 1480 -10.85 1.23 15.05
CA CYS A 1480 -10.15 2.01 16.07
C CYS A 1480 -10.02 1.22 17.36
N ARG A 1481 -11.08 0.52 17.77
CA ARG A 1481 -11.02 -0.29 18.98
C ARG A 1481 -9.99 -1.40 18.85
N THR A 1482 -9.96 -2.07 17.70
CA THR A 1482 -8.97 -3.13 17.50
C THR A 1482 -7.55 -2.58 17.55
N CYS A 1483 -7.32 -1.41 16.96
CA CYS A 1483 -5.99 -0.82 17.00
C CYS A 1483 -5.62 -0.39 18.42
N SER A 1484 -6.58 0.15 19.18
CA SER A 1484 -6.31 0.58 20.54
C SER A 1484 -6.16 -0.60 21.50
N TYR A 1485 -6.58 -1.80 21.08
CA TYR A 1485 -6.32 -2.99 21.88
C TYR A 1485 -4.83 -3.20 22.14
N ARG A 1486 -3.96 -2.66 21.28
CA ARG A 1486 -2.52 -2.79 21.49
C ARG A 1486 -2.11 -2.23 22.84
N TYR A 1487 -2.61 -1.05 23.18
CA TYR A 1487 -2.31 -0.44 24.47
C TYR A 1487 -3.26 -0.89 25.57
N THR A 1488 -4.56 -0.94 25.28
CA THR A 1488 -5.54 -1.21 26.33
C THR A 1488 -5.53 -2.67 26.75
N SER A 1489 -5.36 -3.58 25.79
CA SER A 1489 -5.52 -5.02 26.02
C SER A 1489 -6.88 -5.35 26.61
N ASP A 1490 -7.89 -4.56 26.25
CA ASP A 1490 -9.25 -4.71 26.73
C ASP A 1490 -10.20 -4.76 25.53
N ALA A 1491 -11.34 -5.41 25.71
CA ALA A 1491 -12.31 -5.57 24.65
C ALA A 1491 -13.62 -4.84 24.90
N GLY A 1492 -14.10 -4.82 26.14
CA GLY A 1492 -15.38 -4.21 26.47
C GLY A 1492 -15.31 -2.69 26.53
N ILE A 1493 -16.11 -2.13 27.44
CA ILE A 1493 -16.11 -0.69 27.62
C ILE A 1493 -14.77 -0.23 28.18
N GLU A 1494 -14.51 1.07 28.08
CA GLU A 1494 -13.28 1.76 28.43
C GLU A 1494 -12.15 1.49 27.44
N ASN A 1495 -12.35 0.60 26.47
CA ASN A 1495 -11.42 0.47 25.36
C ASN A 1495 -11.83 1.39 24.21
N ASP A 1496 -13.11 1.37 23.83
CA ASP A 1496 -13.59 2.31 22.83
C ASP A 1496 -13.52 3.74 23.32
N HIS A 1497 -13.73 3.96 24.62
CA HIS A 1497 -13.61 5.29 25.19
C HIS A 1497 -12.19 5.81 25.04
N ILE A 1498 -11.19 4.95 25.28
CA ILE A 1498 -9.80 5.36 25.10
C ILE A 1498 -9.49 5.57 23.62
N ALA A 1499 -10.00 4.68 22.76
CA ALA A 1499 -9.75 4.80 21.33
C ALA A 1499 -10.34 6.08 20.76
N SER A 1500 -11.44 6.56 21.35
CA SER A 1500 -12.06 7.79 20.87
C SER A 1500 -11.24 9.03 21.19
N LYS A 1501 -10.24 8.92 22.06
CA LYS A 1501 -9.40 10.06 22.41
C LYS A 1501 -8.10 10.10 21.62
N CYS A 1502 -7.93 9.23 20.63
CA CYS A 1502 -6.74 9.23 19.81
C CYS A 1502 -6.86 10.28 18.71
N ASN A 1503 -5.85 11.15 18.62
CA ASN A 1503 -5.86 12.21 17.62
C ASN A 1503 -4.62 12.14 16.74
N SER A 1504 -4.30 10.93 16.26
CA SER A 1504 -3.15 10.76 15.39
C SER A 1504 -3.45 11.33 14.00
N TYR A 1505 -2.65 12.31 13.58
CA TYR A 1505 -2.82 12.92 12.27
C TYR A 1505 -2.11 12.17 11.15
N ASP A 1506 -1.37 11.11 11.47
CA ASP A 1506 -0.63 10.36 10.47
C ASP A 1506 -1.40 9.17 9.92
N CYS A 1507 -2.63 8.92 10.38
CA CYS A 1507 -3.41 7.81 9.91
C CYS A 1507 -4.71 8.30 9.27
N PRO A 1508 -5.04 7.86 8.07
CA PRO A 1508 -6.29 8.30 7.44
C PRO A 1508 -7.54 7.85 8.19
N VAL A 1509 -7.45 6.80 9.01
CA VAL A 1509 -8.62 6.31 9.72
C VAL A 1509 -9.14 7.36 10.69
N PHE A 1510 -8.23 8.13 11.30
CA PHE A 1510 -8.66 9.21 12.18
C PHE A 1510 -9.47 10.26 11.42
N TYR A 1511 -8.99 10.65 10.24
CA TYR A 1511 -9.73 11.63 9.43
C TYR A 1511 -11.10 11.08 9.02
N SER A 1512 -11.14 9.82 8.60
CA SER A 1512 -12.41 9.22 8.21
C SER A 1512 -13.37 9.16 9.40
N ARG A 1513 -12.86 8.81 10.58
CA ARG A 1513 -13.71 8.71 11.76
C ARG A 1513 -14.28 10.07 12.14
N VAL A 1514 -13.44 11.11 12.15
CA VAL A 1514 -13.94 12.43 12.54
C VAL A 1514 -14.91 12.95 11.49
N LYS A 1515 -14.66 12.67 10.20
CA LYS A 1515 -15.61 13.06 9.16
C LYS A 1515 -16.95 12.38 9.37
N ALA A 1516 -16.94 11.07 9.65
CA ALA A 1516 -18.20 10.36 9.88
C ALA A 1516 -18.92 10.90 11.11
N GLU A 1517 -18.19 11.17 12.18
CA GLU A 1517 -18.81 11.70 13.39
C GLU A 1517 -19.44 13.06 13.14
N ARG A 1518 -18.76 13.92 12.38
CA ARG A 1518 -19.33 15.21 12.03
C ARG A 1518 -20.57 15.04 11.15
N TYR A 1519 -20.54 14.07 10.23
CA TYR A 1519 -21.67 13.87 9.32
C TYR A 1519 -22.88 13.32 10.05
N LEU A 1520 -22.68 12.50 11.08
CA LEU A 1520 -23.82 12.01 11.86
C LEU A 1520 -24.52 13.15 12.59
N ARG A 1521 -23.76 14.12 13.09
CA ARG A 1521 -24.31 15.29 13.77
C ARG A 1521 -24.63 16.41 12.80
N ASP A 1522 -24.55 16.16 11.49
CA ASP A 1522 -24.81 17.17 10.48
C ASP A 1522 -26.30 17.37 10.25
N ASN A 1523 -26.66 18.00 9.13
CA ASN A 1523 -28.04 18.34 8.80
C ASN A 1523 -28.96 17.13 8.72
N GLN A 1524 -28.40 15.93 8.90
CA GLN A 1524 -29.21 14.71 8.88
C GLN A 1524 -30.30 14.72 9.94
N SER A 1525 -30.16 15.53 10.99
CA SER A 1525 -31.23 15.70 11.95
C SER A 1525 -32.49 16.26 11.29
N VAL A 1526 -32.30 17.22 10.38
CA VAL A 1526 -33.44 17.73 9.62
C VAL A 1526 -33.99 16.66 8.69
N GLN A 1527 -33.11 15.83 8.13
CA GLN A 1527 -33.56 14.73 7.28
C GLN A 1527 -34.39 13.72 8.09
N ARG A 1528 -33.98 13.45 9.32
CA ARG A 1528 -34.76 12.56 10.18
C ARG A 1528 -36.15 13.16 10.48
N GLU A 1529 -36.20 14.47 10.71
CA GLU A 1529 -37.48 15.12 10.94
C GLU A 1529 -38.38 15.03 9.72
N GLU A 1530 -37.80 15.18 8.52
CA GLU A 1530 -38.58 15.04 7.30
C GLU A 1530 -39.14 13.64 7.15
N ALA A 1531 -38.34 12.62 7.50
CA ALA A 1531 -38.83 11.25 7.45
C ALA A 1531 -39.96 11.03 8.43
N LEU A 1532 -39.85 11.64 9.63
CA LEU A 1532 -40.92 11.50 10.62
C LEU A 1532 -42.22 12.11 10.13
N ILE A 1533 -42.14 13.28 9.48
CA ILE A 1533 -43.34 13.91 8.95
C ILE A 1533 -43.97 13.06 7.86
N SER A 1534 -43.16 12.53 6.95
CA SER A 1534 -43.68 11.70 5.87
C SER A 1534 -44.28 10.41 6.40
N LEU A 1535 -43.65 9.79 7.39
CA LEU A 1535 -44.16 8.55 7.96
C LEU A 1535 -45.51 8.76 8.62
N ASN A 1536 -45.67 9.87 9.34
CA ASN A 1536 -46.93 10.16 10.02
C ASN A 1536 -48.03 10.52 9.01
N ASN B 2 -21.08 0.43 -64.77
CA ASN B 2 -19.78 -0.18 -65.02
C ASN B 2 -18.66 0.85 -64.89
N ARG B 3 -19.01 2.04 -64.45
CA ARG B 3 -18.04 3.13 -64.30
C ARG B 3 -17.39 3.11 -62.92
N TRP B 4 -18.19 3.22 -61.86
CA TRP B 4 -17.65 3.26 -60.51
C TRP B 4 -17.28 1.88 -59.99
N VAL B 5 -17.72 0.81 -60.67
CA VAL B 5 -17.33 -0.53 -60.26
C VAL B 5 -15.82 -0.68 -60.33
N GLU B 6 -15.17 0.01 -61.27
CA GLU B 6 -13.72 -0.08 -61.38
C GLU B 6 -13.02 0.47 -60.14
N LYS B 7 -13.37 1.70 -59.74
CA LYS B 7 -12.73 2.30 -58.58
C LYS B 7 -13.07 1.53 -57.29
N TRP B 8 -14.34 1.13 -57.14
CA TRP B 8 -14.71 0.41 -55.93
C TRP B 8 -14.06 -0.96 -55.86
N LEU B 9 -13.90 -1.62 -57.01
CA LEU B 9 -13.19 -2.89 -57.04
C LEU B 9 -11.71 -2.71 -56.74
N ARG B 10 -11.12 -1.60 -57.22
CA ARG B 10 -9.72 -1.32 -56.88
C ARG B 10 -9.54 -1.17 -55.38
N VAL B 11 -10.43 -0.39 -54.74
CA VAL B 11 -10.33 -0.20 -53.30
C VAL B 11 -10.56 -1.51 -52.58
N TYR B 12 -11.55 -2.28 -53.01
CA TYR B 12 -11.85 -3.55 -52.36
C TYR B 12 -10.69 -4.54 -52.50
N LEU B 13 -10.05 -4.57 -53.66
CA LEU B 13 -8.92 -5.47 -53.85
C LEU B 13 -7.71 -5.05 -53.03
N LYS B 14 -7.48 -3.74 -52.91
CA LYS B 14 -6.40 -3.27 -52.05
C LYS B 14 -6.66 -3.69 -50.60
N CYS B 15 -7.90 -3.52 -50.13
CA CYS B 15 -8.25 -3.96 -48.79
C CYS B 15 -8.09 -5.47 -48.64
N TYR B 16 -8.51 -6.21 -49.66
CA TYR B 16 -8.35 -7.67 -49.68
C TYR B 16 -6.90 -8.06 -49.46
N ILE B 17 -6.00 -7.51 -50.27
CA ILE B 17 -4.60 -7.89 -50.22
C ILE B 17 -3.98 -7.48 -48.89
N ASN B 18 -4.25 -6.26 -48.43
CA ASN B 18 -3.67 -5.81 -47.17
C ASN B 18 -4.18 -6.64 -45.99
N LEU B 19 -5.48 -6.94 -45.99
CA LEU B 19 -6.04 -7.75 -44.91
C LEU B 19 -5.45 -9.15 -44.90
N ILE B 20 -5.28 -9.76 -46.06
CA ILE B 20 -4.69 -11.09 -46.12
C ILE B 20 -3.24 -11.05 -45.65
N LEU B 21 -2.50 -10.01 -46.06
CA LEU B 21 -1.10 -9.91 -45.67
C LEU B 21 -0.92 -9.64 -44.19
N PHE B 22 -1.87 -8.92 -43.57
CA PHE B 22 -1.71 -8.58 -42.15
C PHE B 22 -2.25 -9.65 -41.24
N TYR B 23 -3.48 -10.13 -41.50
CA TYR B 23 -4.08 -11.12 -40.60
C TYR B 23 -3.31 -12.43 -40.63
N ARG B 24 -2.91 -12.88 -41.81
CA ARG B 24 -1.89 -13.91 -41.86
C ARG B 24 -0.53 -13.26 -41.60
N ASN B 25 0.46 -14.09 -41.29
CA ASN B 25 1.75 -13.57 -40.83
C ASN B 25 2.74 -13.50 -42.00
N VAL B 26 2.23 -13.15 -43.18
CA VAL B 26 3.08 -13.04 -44.36
C VAL B 26 4.14 -11.97 -44.15
N TYR B 27 3.76 -10.83 -43.60
CA TYR B 27 4.66 -9.75 -43.26
C TYR B 27 4.50 -9.44 -41.78
N PRO B 28 5.57 -8.98 -41.12
CA PRO B 28 5.50 -8.81 -39.67
C PRO B 28 4.50 -7.74 -39.30
N PRO B 29 3.89 -7.83 -38.11
CA PRO B 29 3.08 -6.71 -37.60
C PRO B 29 3.95 -5.51 -37.32
N GLN B 30 3.37 -4.44 -36.79
CA GLN B 30 4.03 -3.15 -36.58
C GLN B 30 4.72 -2.65 -37.85
N SER B 31 4.33 -3.22 -38.99
CA SER B 31 4.72 -2.74 -40.30
C SER B 31 3.53 -2.28 -41.12
N PHE B 32 2.33 -2.39 -40.56
CA PHE B 32 1.10 -1.95 -41.21
C PHE B 32 0.53 -0.76 -40.46
N ASP B 33 -0.22 0.07 -41.18
CA ASP B 33 -0.87 1.25 -40.59
C ASP B 33 -2.26 0.83 -40.16
N TYR B 34 -2.44 0.65 -38.85
CA TYR B 34 -3.62 -0.01 -38.31
C TYR B 34 -4.68 0.95 -37.79
N THR B 35 -4.30 2.14 -37.32
CA THR B 35 -5.21 3.05 -36.65
C THR B 35 -5.31 4.39 -37.37
N THR B 36 -5.32 4.36 -38.68
CA THR B 36 -5.43 5.61 -39.43
C THR B 36 -6.53 5.60 -40.48
N TYR B 37 -6.78 4.47 -41.12
CA TYR B 37 -7.66 4.41 -42.27
C TYR B 37 -8.94 3.63 -41.95
N GLN B 38 -9.97 3.93 -42.72
CA GLN B 38 -11.23 3.20 -42.73
C GLN B 38 -11.49 2.68 -44.14
N SER B 39 -11.90 1.41 -44.24
CA SER B 39 -11.98 0.77 -45.55
C SER B 39 -13.27 1.10 -46.27
N PHE B 40 -14.41 0.71 -45.72
CA PHE B 40 -15.72 0.93 -46.31
C PHE B 40 -16.70 1.41 -45.25
N ASN B 41 -16.26 2.40 -44.46
CA ASN B 41 -16.99 2.88 -43.29
C ASN B 41 -17.21 1.78 -42.26
N LEU B 42 -16.40 0.74 -42.31
CA LEU B 42 -16.54 -0.36 -41.36
C LEU B 42 -16.00 0.06 -40.00
N PRO B 43 -16.61 -0.41 -38.91
CA PRO B 43 -16.09 -0.06 -37.58
C PRO B 43 -14.74 -0.67 -37.27
N GLN B 44 -14.33 -1.72 -37.98
CA GLN B 44 -13.07 -2.38 -37.70
C GLN B 44 -11.89 -1.55 -38.19
N PHE B 45 -10.70 -1.92 -37.73
CA PHE B 45 -9.46 -1.29 -38.16
C PHE B 45 -8.93 -2.01 -39.38
N VAL B 46 -8.71 -1.27 -40.45
CA VAL B 46 -8.15 -1.82 -41.69
C VAL B 46 -6.66 -1.50 -41.72
N PRO B 47 -5.78 -2.50 -41.82
CA PRO B 47 -4.35 -2.23 -41.89
C PRO B 47 -3.86 -1.96 -43.30
N ILE B 48 -2.94 -1.01 -43.41
CA ILE B 48 -2.31 -0.64 -44.68
C ILE B 48 -0.81 -0.68 -44.48
N ASN B 49 -0.10 -1.34 -45.40
CA ASN B 49 1.34 -1.49 -45.27
C ASN B 49 2.02 -0.12 -45.30
N ARG B 50 2.99 0.05 -44.39
CA ARG B 50 3.66 1.34 -44.27
C ARG B 50 4.67 1.58 -45.38
N HIS B 51 5.25 0.53 -45.94
CA HIS B 51 6.27 0.71 -46.98
C HIS B 51 5.61 1.16 -48.28
N PRO B 52 5.99 2.32 -48.83
CA PRO B 52 5.36 2.77 -50.07
C PRO B 52 5.59 1.85 -51.25
N ALA B 53 6.73 1.16 -51.30
CA ALA B 53 7.03 0.30 -52.45
C ALA B 53 6.06 -0.86 -52.54
N LEU B 54 5.74 -1.49 -51.41
CA LEU B 54 4.78 -2.60 -51.44
C LEU B 54 3.39 -2.12 -51.84
N ILE B 55 2.99 -0.94 -51.35
CA ILE B 55 1.70 -0.38 -51.73
C ILE B 55 1.65 -0.10 -53.23
N ASP B 56 2.73 0.47 -53.78
CA ASP B 56 2.78 0.73 -55.20
C ASP B 56 2.73 -0.57 -56.00
N TYR B 57 3.44 -1.60 -55.54
CA TYR B 57 3.40 -2.89 -56.22
C TYR B 57 2.00 -3.49 -56.20
N ILE B 58 1.30 -3.36 -55.07
CA ILE B 58 -0.08 -3.83 -54.99
C ILE B 58 -0.97 -3.08 -55.96
N GLU B 59 -0.78 -1.75 -56.04
CA GLU B 59 -1.59 -0.96 -56.96
C GLU B 59 -1.34 -1.34 -58.41
N GLU B 60 -0.07 -1.58 -58.77
CA GLU B 60 0.23 -2.02 -60.14
C GLU B 60 -0.38 -3.39 -60.41
N LEU B 61 -0.34 -4.30 -59.42
CA LEU B 61 -0.98 -5.59 -59.59
C LEU B 61 -2.47 -5.44 -59.84
N ILE B 62 -3.13 -4.57 -59.06
CA ILE B 62 -4.57 -4.37 -59.21
C ILE B 62 -4.89 -3.77 -60.58
N LEU B 63 -4.10 -2.79 -61.01
CA LEU B 63 -4.32 -2.19 -62.33
C LEU B 63 -4.14 -3.21 -63.44
N ASP B 64 -3.11 -4.07 -63.32
CA ASP B 64 -2.91 -5.10 -64.34
C ASP B 64 -4.06 -6.10 -64.34
N VAL B 65 -4.58 -6.46 -63.16
CA VAL B 65 -5.68 -7.41 -63.09
C VAL B 65 -6.93 -6.82 -63.73
N LEU B 66 -7.27 -5.57 -63.39
CA LEU B 66 -8.45 -4.95 -63.97
C LEU B 66 -8.28 -4.61 -65.45
N SER B 67 -7.04 -4.51 -65.93
CA SER B 67 -6.82 -4.25 -67.35
C SER B 67 -7.36 -5.39 -68.20
N LYS B 68 -7.15 -6.63 -67.77
CA LYS B 68 -7.61 -7.83 -68.46
C LYS B 68 -8.73 -8.52 -67.69
N LEU B 69 -9.62 -7.73 -67.09
CA LEU B 69 -10.69 -8.30 -66.28
C LEU B 69 -11.66 -9.14 -67.10
N THR B 70 -11.85 -8.78 -68.38
CA THR B 70 -12.76 -9.55 -69.22
C THR B 70 -12.24 -10.96 -69.46
N HIS B 71 -10.92 -11.11 -69.66
CA HIS B 71 -10.36 -12.41 -69.98
C HIS B 71 -10.25 -13.32 -68.76
N VAL B 72 -10.13 -12.75 -67.57
CA VAL B 72 -9.99 -13.54 -66.35
C VAL B 72 -11.37 -13.99 -65.86
N TYR B 73 -11.45 -15.23 -65.40
CA TYR B 73 -12.64 -15.74 -64.75
C TYR B 73 -12.41 -16.09 -63.29
N ARG B 74 -11.18 -16.00 -62.81
CA ARG B 74 -10.87 -16.30 -61.41
C ARG B 74 -9.56 -15.65 -61.04
N PHE B 75 -9.58 -14.77 -60.04
CA PHE B 75 -8.38 -14.16 -59.48
C PHE B 75 -8.17 -14.70 -58.08
N SER B 76 -6.99 -15.24 -57.82
CA SER B 76 -6.73 -15.92 -56.56
C SER B 76 -5.37 -15.51 -56.02
N ILE B 77 -5.24 -15.58 -54.69
CA ILE B 77 -3.98 -15.37 -53.99
C ILE B 77 -3.66 -16.63 -53.19
N CYS B 78 -2.45 -17.15 -53.38
CA CYS B 78 -2.05 -18.40 -52.76
C CYS B 78 -0.99 -18.14 -51.69
N ILE B 79 -1.08 -18.91 -50.61
CA ILE B 79 -0.13 -18.82 -49.50
C ILE B 79 0.81 -20.02 -49.59
N ILE B 80 2.10 -19.74 -49.74
CA ILE B 80 3.12 -20.77 -49.95
C ILE B 80 4.04 -20.77 -48.74
N ASN B 81 4.26 -21.95 -48.17
CA ASN B 81 5.16 -22.11 -47.04
C ASN B 81 6.57 -22.39 -47.54
N LYS B 82 7.54 -21.71 -46.93
CA LYS B 82 8.93 -21.85 -47.36
C LYS B 82 9.47 -23.24 -47.05
N LYS B 83 10.46 -23.65 -47.84
CA LYS B 83 11.15 -24.93 -47.76
C LYS B 83 10.27 -26.12 -48.11
N ASN B 84 9.01 -25.89 -48.49
CA ASN B 84 8.13 -26.98 -48.89
C ASN B 84 7.43 -26.66 -50.21
N ASP B 85 7.27 -25.38 -50.50
CA ASP B 85 6.65 -24.91 -51.74
C ASP B 85 5.27 -25.54 -51.94
N LEU B 86 4.46 -25.52 -50.88
CA LEU B 86 3.13 -26.08 -50.89
C LEU B 86 2.12 -25.03 -50.48
N CYS B 87 0.99 -25.01 -51.17
CA CYS B 87 -0.06 -24.02 -50.91
C CYS B 87 -0.80 -24.41 -49.64
N ILE B 88 -0.44 -23.76 -48.53
CA ILE B 88 -1.09 -24.04 -47.24
C ILE B 88 -2.55 -23.63 -47.30
N GLU B 89 -2.83 -22.44 -47.83
CA GLU B 89 -4.19 -21.94 -47.94
C GLU B 89 -4.28 -21.07 -49.19
N LYS B 90 -5.50 -20.89 -49.68
CA LYS B 90 -5.72 -20.16 -50.92
C LYS B 90 -7.04 -19.40 -50.83
N TYR B 91 -6.98 -18.09 -51.03
CA TYR B 91 -8.16 -17.24 -51.02
C TYR B 91 -8.50 -16.87 -52.47
N VAL B 92 -9.71 -17.22 -52.90
CA VAL B 92 -10.10 -17.08 -54.29
C VAL B 92 -11.39 -16.28 -54.38
N LEU B 93 -11.43 -15.35 -55.33
CA LEU B 93 -12.65 -14.64 -55.69
C LEU B 93 -12.94 -14.85 -57.17
N ASP B 94 -14.20 -15.14 -57.47
CA ASP B 94 -14.57 -15.44 -58.86
C ASP B 94 -14.59 -14.16 -59.68
N PHE B 95 -14.23 -14.29 -60.96
CA PHE B 95 -14.08 -13.16 -61.87
C PHE B 95 -13.17 -12.08 -61.28
N ILE B 107 -28.38 -1.63 -64.99
CA ILE B 107 -28.37 -0.36 -64.28
C ILE B 107 -27.85 -0.55 -62.86
N ILE B 108 -26.60 -0.16 -62.64
CA ILE B 108 -25.96 -0.28 -61.34
C ILE B 108 -25.53 1.12 -60.88
N THR B 109 -25.91 1.49 -59.66
CA THR B 109 -25.59 2.78 -59.09
C THR B 109 -24.57 2.63 -57.97
N GLU B 110 -24.28 3.76 -57.31
CA GLU B 110 -23.26 3.78 -56.26
C GLU B 110 -23.62 2.85 -55.11
N THR B 111 -24.86 2.97 -54.62
CA THR B 111 -25.20 2.44 -53.30
C THR B 111 -25.08 0.92 -53.27
N GLU B 112 -25.60 0.24 -54.28
CA GLU B 112 -25.63 -1.22 -54.23
C GLU B 112 -24.23 -1.82 -54.32
N VAL B 113 -23.41 -1.37 -55.28
CA VAL B 113 -22.08 -1.92 -55.40
C VAL B 113 -21.28 -1.62 -54.13
N PHE B 114 -21.46 -0.41 -53.59
CA PHE B 114 -20.80 -0.08 -52.32
C PHE B 114 -21.23 -1.03 -51.22
N ASP B 115 -22.53 -1.36 -51.17
CA ASP B 115 -23.05 -2.20 -50.09
C ASP B 115 -22.54 -3.63 -50.18
N GLU B 116 -22.60 -4.24 -51.37
CA GLU B 116 -22.05 -5.60 -51.46
C GLU B 116 -20.54 -5.64 -51.26
N PHE B 117 -19.80 -4.62 -51.70
CA PHE B 117 -18.37 -4.61 -51.40
C PHE B 117 -18.14 -4.51 -49.90
N ARG B 118 -18.91 -3.65 -49.21
CA ARG B 118 -18.79 -3.54 -47.76
C ARG B 118 -19.10 -4.86 -47.06
N SER B 119 -20.17 -5.52 -47.50
CA SER B 119 -20.56 -6.79 -46.89
C SER B 119 -19.51 -7.87 -47.14
N SER B 120 -18.96 -7.93 -48.35
CA SER B 120 -17.93 -8.92 -48.64
C SER B 120 -16.68 -8.67 -47.81
N LEU B 121 -16.28 -7.41 -47.66
CA LEU B 121 -15.13 -7.10 -46.83
C LEU B 121 -15.39 -7.46 -45.37
N ASN B 122 -16.59 -7.19 -44.88
CA ASN B 122 -16.92 -7.56 -43.50
C ASN B 122 -16.88 -9.07 -43.30
N SER B 123 -17.40 -9.82 -44.27
CA SER B 123 -17.34 -11.28 -44.19
C SER B 123 -15.91 -11.77 -44.20
N LEU B 124 -15.06 -11.17 -45.04
CA LEU B 124 -13.65 -11.55 -45.06
C LEU B 124 -12.98 -11.26 -43.72
N ILE B 125 -13.28 -10.11 -43.12
CA ILE B 125 -12.71 -9.77 -41.82
C ILE B 125 -13.16 -10.78 -40.77
N MET B 126 -14.44 -11.13 -40.78
CA MET B 126 -14.95 -12.12 -39.84
C MET B 126 -14.24 -13.46 -40.00
N HIS B 127 -14.07 -13.91 -41.24
CA HIS B 127 -13.42 -15.19 -41.48
C HIS B 127 -11.95 -15.16 -41.09
N LEU B 128 -11.27 -14.05 -41.34
CA LEU B 128 -9.84 -13.96 -41.05
C LEU B 128 -9.55 -13.78 -39.57
N GLU B 129 -10.45 -13.13 -38.82
CA GLU B 129 -10.17 -12.84 -37.42
C GLU B 129 -10.14 -14.09 -36.57
N LYS B 130 -10.90 -15.13 -36.95
CA LYS B 130 -10.98 -16.35 -36.17
C LYS B 130 -10.06 -17.46 -36.70
N LEU B 131 -8.99 -17.09 -37.39
CA LEU B 131 -8.06 -18.09 -37.89
C LEU B 131 -6.90 -18.28 -36.92
N PRO B 132 -6.29 -19.46 -36.90
CA PRO B 132 -5.13 -19.67 -36.03
C PRO B 132 -3.95 -18.81 -36.44
N LYS B 133 -3.13 -18.47 -35.45
CA LYS B 133 -1.96 -17.63 -35.69
C LYS B 133 -0.93 -18.39 -36.53
N VAL B 134 -0.03 -17.63 -37.15
CA VAL B 134 0.98 -18.16 -38.05
C VAL B 134 2.36 -17.75 -37.56
N ASN B 135 3.31 -18.69 -37.63
CA ASN B 135 4.65 -18.43 -37.14
C ASN B 135 5.37 -17.42 -38.03
N ASP B 136 6.45 -16.85 -37.50
CA ASP B 136 7.16 -15.76 -38.15
C ASP B 136 8.13 -16.28 -39.20
N ASP B 137 8.23 -15.55 -40.31
CA ASP B 137 9.20 -15.81 -41.38
C ASP B 137 9.07 -17.25 -41.88
N THR B 138 7.85 -17.66 -42.16
CA THR B 138 7.59 -18.99 -42.70
C THR B 138 6.60 -18.99 -43.87
N ILE B 139 6.08 -17.84 -44.27
CA ILE B 139 5.00 -17.76 -45.24
C ILE B 139 5.34 -16.71 -46.30
N THR B 140 5.15 -17.06 -47.56
CA THR B 140 5.22 -16.12 -48.67
C THR B 140 3.98 -16.30 -49.54
N PHE B 141 3.54 -15.21 -50.18
CA PHE B 141 2.33 -15.23 -50.97
C PHE B 141 2.64 -15.36 -52.45
N GLU B 142 1.59 -15.58 -53.23
CA GLU B 142 1.72 -15.70 -54.68
C GLU B 142 0.36 -15.43 -55.31
N ALA B 143 0.28 -14.39 -56.13
CA ALA B 143 -0.97 -14.04 -56.79
C ALA B 143 -1.03 -14.72 -58.15
N VAL B 144 -2.15 -15.38 -58.43
CA VAL B 144 -2.33 -16.13 -59.67
C VAL B 144 -3.61 -15.65 -60.36
N ILE B 145 -3.56 -15.59 -61.68
CA ILE B 145 -4.69 -15.19 -62.50
C ILE B 145 -5.05 -16.33 -63.44
N ASN B 146 -6.31 -16.70 -63.47
CA ASN B 146 -6.81 -17.80 -64.29
C ASN B 146 -7.57 -17.22 -65.47
N ALA B 147 -7.09 -17.49 -66.68
CA ALA B 147 -7.69 -16.99 -67.90
C ALA B 147 -8.22 -18.15 -68.72
N ILE B 148 -9.48 -18.05 -69.16
CA ILE B 148 -10.10 -19.09 -69.97
C ILE B 148 -11.24 -18.49 -70.79
N PRO B 195 -5.67 -33.45 -52.21
CA PRO B 195 -5.80 -34.14 -50.91
C PRO B 195 -6.94 -33.58 -50.07
N LYS B 196 -6.85 -33.72 -48.75
CA LYS B 196 -7.86 -33.20 -47.84
C LYS B 196 -7.90 -31.68 -47.91
N ILE B 197 -9.02 -31.12 -48.37
CA ILE B 197 -9.17 -29.69 -48.57
C ILE B 197 -10.37 -29.21 -47.77
N LYS B 198 -10.20 -28.13 -47.03
CA LYS B 198 -11.26 -27.48 -46.28
C LYS B 198 -11.65 -26.19 -46.98
N LEU B 199 -12.92 -26.08 -47.37
CA LEU B 199 -13.41 -24.94 -48.13
C LEU B 199 -14.39 -24.13 -47.28
N THR B 200 -14.27 -22.81 -47.36
CA THR B 200 -15.13 -21.90 -46.63
C THR B 200 -15.78 -20.94 -47.62
N SER B 201 -17.10 -20.78 -47.48
CA SER B 201 -17.87 -19.92 -48.37
C SER B 201 -18.04 -18.54 -47.75
N LEU B 202 -17.72 -17.50 -48.52
CA LEU B 202 -17.83 -16.13 -48.07
C LEU B 202 -18.84 -15.38 -48.92
N VAL B 203 -19.19 -14.17 -48.47
CA VAL B 203 -20.20 -13.37 -49.14
C VAL B 203 -19.56 -12.62 -50.29
N GLY B 204 -20.23 -12.63 -51.45
CA GLY B 204 -19.76 -11.89 -52.61
C GLY B 204 -20.88 -11.04 -53.19
N SER B 205 -20.49 -10.17 -54.12
CA SER B 205 -21.45 -9.27 -54.75
C SER B 205 -22.33 -10.04 -55.72
N ASP B 206 -23.62 -9.71 -55.73
CA ASP B 206 -24.58 -10.38 -56.59
C ASP B 206 -25.53 -9.46 -57.34
N VAL B 207 -25.71 -8.21 -56.89
CA VAL B 207 -26.66 -7.32 -57.55
C VAL B 207 -26.15 -6.91 -58.92
N GLY B 208 -24.86 -6.61 -59.03
CA GLY B 208 -24.28 -6.15 -60.27
C GLY B 208 -24.14 -7.24 -61.30
N PRO B 209 -23.98 -6.85 -62.57
CA PRO B 209 -23.79 -7.85 -63.64
C PRO B 209 -22.48 -8.60 -63.55
N LEU B 210 -21.56 -8.17 -62.70
CA LEU B 210 -20.24 -8.80 -62.54
C LEU B 210 -20.18 -9.64 -61.27
N ILE B 211 -21.24 -10.40 -60.98
CA ILE B 211 -21.35 -11.23 -59.78
C ILE B 211 -20.06 -11.99 -59.51
N ILE B 212 -19.53 -11.87 -58.29
CA ILE B 212 -18.33 -12.56 -57.88
C ILE B 212 -18.66 -13.50 -56.73
N HIS B 213 -17.87 -14.54 -56.59
CA HIS B 213 -18.01 -15.51 -55.52
C HIS B 213 -16.72 -15.54 -54.71
N GLN B 214 -16.84 -15.34 -53.40
CA GLN B 214 -15.70 -15.28 -52.50
C GLN B 214 -15.65 -16.57 -51.68
N PHE B 215 -14.52 -17.27 -51.74
CA PHE B 215 -14.34 -18.48 -50.96
C PHE B 215 -12.86 -18.66 -50.66
N SER B 216 -12.58 -19.40 -49.59
CA SER B 216 -11.21 -19.65 -49.15
C SER B 216 -11.00 -21.14 -48.99
N GLU B 217 -9.74 -21.56 -49.10
CA GLU B 217 -9.36 -22.96 -49.02
C GLU B 217 -8.26 -23.13 -47.99
N LYS B 218 -8.15 -24.35 -47.47
CA LYS B 218 -7.16 -24.67 -46.45
C LYS B 218 -6.80 -26.14 -46.56
N LEU B 219 -5.52 -26.42 -46.78
CA LEU B 219 -5.05 -27.80 -46.92
C LEU B 219 -5.12 -28.55 -45.60
N ASN C 2 -43.88 6.60 -27.04
CA ASN C 2 -42.45 6.55 -26.70
C ASN C 2 -42.22 7.08 -25.29
N ARG C 3 -43.29 7.17 -24.50
CA ARG C 3 -43.15 7.62 -23.13
C ARG C 3 -42.70 6.49 -22.22
N TRP C 4 -43.50 5.43 -22.14
CA TRP C 4 -43.15 4.24 -21.37
C TRP C 4 -42.90 3.03 -22.27
N VAL C 5 -43.10 3.16 -23.58
CA VAL C 5 -42.90 2.04 -24.49
C VAL C 5 -41.44 1.62 -24.51
N GLU C 6 -40.53 2.59 -24.47
CA GLU C 6 -39.11 2.26 -24.61
C GLU C 6 -38.61 1.40 -23.45
N LYS C 7 -39.05 1.70 -22.22
CA LYS C 7 -38.57 0.95 -21.07
C LYS C 7 -39.07 -0.48 -21.09
N TRP C 8 -40.37 -0.67 -21.31
CA TRP C 8 -40.92 -2.01 -21.37
C TRP C 8 -40.34 -2.82 -22.52
N LEU C 9 -40.17 -2.18 -23.68
CA LEU C 9 -39.57 -2.86 -24.82
C LEU C 9 -38.13 -3.27 -24.53
N ARG C 10 -37.37 -2.39 -23.88
CA ARG C 10 -36.00 -2.75 -23.51
C ARG C 10 -35.96 -3.91 -22.53
N VAL C 11 -36.86 -3.91 -21.55
CA VAL C 11 -36.91 -5.02 -20.60
C VAL C 11 -37.24 -6.32 -21.31
N TYR C 12 -38.24 -6.28 -22.21
CA TYR C 12 -38.61 -7.49 -22.94
C TYR C 12 -37.48 -8.00 -23.81
N LEU C 13 -36.78 -7.09 -24.49
CA LEU C 13 -35.65 -7.50 -25.33
C LEU C 13 -34.53 -8.09 -24.50
N LYS C 14 -34.25 -7.50 -23.34
CA LYS C 14 -33.21 -8.05 -22.46
C LYS C 14 -33.58 -9.46 -22.01
N CYS C 15 -34.82 -9.66 -21.58
CA CYS C 15 -35.25 -10.98 -21.16
C CYS C 15 -35.19 -11.98 -22.31
N TYR C 16 -35.62 -11.58 -23.50
CA TYR C 16 -35.58 -12.45 -24.67
C TYR C 16 -34.16 -12.89 -24.97
N ILE C 17 -33.24 -11.92 -25.07
CA ILE C 17 -31.86 -12.24 -25.44
C ILE C 17 -31.21 -13.11 -24.38
N ASN C 18 -31.41 -12.77 -23.11
CA ASN C 18 -30.78 -13.56 -22.04
C ASN C 18 -31.33 -14.97 -22.00
N LEU C 19 -32.65 -15.15 -22.18
CA LEU C 19 -33.22 -16.49 -22.21
C LEU C 19 -32.68 -17.30 -23.38
N ILE C 20 -32.59 -16.69 -24.55
CA ILE C 20 -32.08 -17.40 -25.73
C ILE C 20 -30.63 -17.80 -25.51
N LEU C 21 -29.82 -16.89 -24.95
CA LEU C 21 -28.42 -17.22 -24.70
C LEU C 21 -28.29 -18.34 -23.68
N PHE C 22 -29.09 -18.31 -22.62
CA PHE C 22 -28.95 -19.29 -21.54
C PHE C 22 -29.43 -20.67 -21.98
N TYR C 23 -30.59 -20.75 -22.61
CA TYR C 23 -31.19 -22.05 -22.89
C TYR C 23 -30.58 -22.74 -24.11
N ARG C 24 -29.85 -22.02 -24.95
CA ARG C 24 -29.19 -22.62 -26.10
C ARG C 24 -27.69 -22.84 -25.85
N ASN C 25 -27.23 -22.63 -24.62
CA ASN C 25 -25.84 -22.86 -24.23
C ASN C 25 -24.88 -22.02 -25.08
N VAL C 26 -25.31 -20.82 -25.43
CA VAL C 26 -24.41 -19.90 -26.13
C VAL C 26 -23.28 -19.47 -25.21
N TYR C 27 -23.55 -19.40 -23.91
CA TYR C 27 -22.58 -19.08 -22.88
C TYR C 27 -22.75 -20.05 -21.72
N PRO C 28 -21.69 -20.30 -20.95
CA PRO C 28 -21.77 -21.31 -19.88
C PRO C 28 -22.87 -20.98 -18.89
N PRO C 29 -23.65 -21.98 -18.46
CA PRO C 29 -24.72 -21.71 -17.50
C PRO C 29 -24.23 -21.21 -16.16
N GLN C 30 -22.97 -21.45 -15.80
CA GLN C 30 -22.46 -20.94 -14.53
C GLN C 30 -22.36 -19.43 -14.51
N SER C 31 -22.25 -18.78 -15.67
CA SER C 31 -22.17 -17.33 -15.73
C SER C 31 -23.52 -16.65 -15.62
N PHE C 32 -24.61 -17.41 -15.60
CA PHE C 32 -25.95 -16.86 -15.49
C PHE C 32 -26.46 -17.03 -14.07
N ASP C 33 -27.22 -16.05 -13.59
CA ASP C 33 -27.91 -16.14 -12.31
C ASP C 33 -29.35 -15.70 -12.48
N TYR C 34 -30.24 -16.32 -11.71
CA TYR C 34 -31.64 -15.95 -11.74
C TYR C 34 -31.87 -14.71 -10.88
N THR C 35 -32.50 -13.70 -11.46
CA THR C 35 -32.69 -12.44 -10.76
C THR C 35 -33.89 -11.71 -11.34
N THR C 36 -34.37 -10.72 -10.60
CA THR C 36 -35.49 -9.89 -11.01
C THR C 36 -35.10 -8.46 -11.33
N TYR C 37 -33.97 -7.99 -10.84
CA TYR C 37 -33.51 -6.62 -11.08
C TYR C 37 -32.15 -6.65 -11.78
N GLN C 38 -32.08 -6.06 -12.97
CA GLN C 38 -30.84 -5.92 -13.72
C GLN C 38 -30.78 -4.48 -14.27
N SER C 39 -30.96 -3.52 -13.37
CA SER C 39 -31.14 -2.08 -13.61
C SER C 39 -32.57 -1.82 -14.08
N PHE C 40 -33.42 -2.85 -14.14
CA PHE C 40 -34.83 -2.72 -14.46
C PHE C 40 -35.56 -3.90 -13.84
N ASN C 41 -36.75 -3.64 -13.32
CA ASN C 41 -37.56 -4.69 -12.71
C ASN C 41 -38.08 -5.65 -13.77
N LEU C 42 -37.46 -6.83 -13.85
CA LEU C 42 -37.86 -7.82 -14.85
C LEU C 42 -39.21 -8.43 -14.48
N PRO C 43 -40.00 -8.83 -15.49
CA PRO C 43 -41.31 -9.43 -15.19
C PRO C 43 -41.23 -10.73 -14.44
N GLN C 44 -40.10 -11.44 -14.49
CA GLN C 44 -39.96 -12.74 -13.85
C GLN C 44 -38.58 -12.81 -13.23
N PHE C 45 -38.20 -14.02 -12.83
CA PHE C 45 -36.81 -14.32 -12.45
C PHE C 45 -36.12 -14.82 -13.70
N VAL C 46 -35.52 -13.90 -14.45
CA VAL C 46 -34.90 -14.20 -15.74
C VAL C 46 -33.40 -14.43 -15.52
N PRO C 47 -32.84 -15.53 -16.00
CA PRO C 47 -31.39 -15.73 -15.88
C PRO C 47 -30.61 -14.75 -16.74
N ILE C 48 -29.85 -13.87 -16.11
CA ILE C 48 -29.10 -12.83 -16.79
C ILE C 48 -27.61 -13.04 -16.56
N ASN C 49 -26.84 -13.01 -17.64
CA ASN C 49 -25.39 -13.16 -17.54
C ASN C 49 -24.77 -11.97 -16.80
N ARG C 50 -23.68 -12.24 -16.08
CA ARG C 50 -23.01 -11.22 -15.29
C ARG C 50 -21.65 -10.85 -15.87
N HIS C 51 -21.38 -11.20 -17.12
CA HIS C 51 -20.13 -10.80 -17.75
C HIS C 51 -20.26 -9.34 -18.20
N PRO C 52 -19.41 -8.44 -17.72
CA PRO C 52 -19.60 -7.01 -18.04
C PRO C 52 -19.56 -6.71 -19.54
N ALA C 53 -18.67 -7.37 -20.28
CA ALA C 53 -18.59 -7.13 -21.72
C ALA C 53 -19.85 -7.60 -22.42
N LEU C 54 -20.36 -8.78 -22.04
CA LEU C 54 -21.60 -9.27 -22.64
C LEU C 54 -22.78 -8.38 -22.29
N ILE C 55 -22.83 -7.90 -21.04
CA ILE C 55 -23.92 -7.01 -20.63
C ILE C 55 -23.89 -5.73 -21.44
N ASP C 56 -22.69 -5.15 -21.61
CA ASP C 56 -22.57 -3.93 -22.39
C ASP C 56 -22.95 -4.17 -23.85
N TYR C 57 -22.53 -5.30 -24.42
CA TYR C 57 -22.86 -5.63 -25.80
C TYR C 57 -24.36 -5.76 -25.99
N ILE C 58 -25.02 -6.47 -25.08
CA ILE C 58 -26.47 -6.65 -25.18
C ILE C 58 -27.19 -5.32 -25.05
N GLU C 59 -26.76 -4.50 -24.08
CA GLU C 59 -27.40 -3.19 -23.88
C GLU C 59 -27.23 -2.30 -25.11
N GLU C 60 -26.02 -2.29 -25.69
CA GLU C 60 -25.80 -1.49 -26.89
C GLU C 60 -26.66 -1.96 -28.05
N LEU C 61 -26.76 -3.29 -28.24
CA LEU C 61 -27.59 -3.82 -29.32
C LEU C 61 -29.05 -3.44 -29.12
N ILE C 62 -29.54 -3.56 -27.87
CA ILE C 62 -30.93 -3.24 -27.60
C ILE C 62 -31.19 -1.75 -27.82
N LEU C 63 -30.25 -0.89 -27.40
CA LEU C 63 -30.41 0.54 -27.62
C LEU C 63 -30.43 0.88 -29.11
N ASP C 64 -29.57 0.23 -29.89
CA ASP C 64 -29.56 0.44 -31.33
C ASP C 64 -30.89 0.02 -31.95
N VAL C 65 -31.41 -1.14 -31.54
CA VAL C 65 -32.69 -1.61 -32.07
C VAL C 65 -33.82 -0.66 -31.70
N LEU C 66 -33.82 -0.16 -30.46
CA LEU C 66 -34.84 0.79 -30.05
C LEU C 66 -34.74 2.08 -30.84
N SER C 67 -33.51 2.52 -31.13
CA SER C 67 -33.32 3.74 -31.93
C SER C 67 -33.86 3.54 -33.34
N LYS C 68 -33.63 2.37 -33.93
CA LYS C 68 -34.08 2.10 -35.30
C LYS C 68 -35.49 1.53 -35.36
N LEU C 69 -36.18 1.43 -34.23
CA LEU C 69 -37.52 0.85 -34.20
C LEU C 69 -38.48 1.52 -35.16
N THR C 70 -38.27 2.82 -35.44
CA THR C 70 -39.20 3.53 -36.31
C THR C 70 -39.19 3.00 -37.74
N HIS C 71 -38.18 2.22 -38.12
CA HIS C 71 -38.08 1.71 -39.48
C HIS C 71 -37.89 0.19 -39.58
N VAL C 72 -37.71 -0.51 -38.47
CA VAL C 72 -37.53 -1.96 -38.48
C VAL C 72 -38.83 -2.63 -38.09
N TYR C 73 -39.21 -3.67 -38.82
CA TYR C 73 -40.44 -4.39 -38.56
C TYR C 73 -40.21 -5.83 -38.16
N ARG C 74 -38.96 -6.26 -37.97
CA ARG C 74 -38.67 -7.64 -37.61
C ARG C 74 -37.26 -7.71 -37.04
N PHE C 75 -37.15 -8.28 -35.83
CA PHE C 75 -35.87 -8.48 -35.17
C PHE C 75 -35.65 -9.97 -34.97
N SER C 76 -34.48 -10.45 -35.36
CA SER C 76 -34.17 -11.87 -35.31
C SER C 76 -32.81 -12.10 -34.68
N ILE C 77 -32.73 -13.12 -33.84
CA ILE C 77 -31.47 -13.59 -33.27
C ILE C 77 -31.19 -14.96 -33.87
N CYS C 78 -30.14 -15.06 -34.66
CA CYS C 78 -29.81 -16.28 -35.38
C CYS C 78 -28.72 -17.06 -34.65
N ILE C 79 -28.87 -18.37 -34.58
CA ILE C 79 -27.88 -19.25 -33.98
C ILE C 79 -27.10 -19.88 -35.13
N ILE C 80 -25.80 -19.56 -35.20
CA ILE C 80 -24.94 -20.00 -36.30
C ILE C 80 -23.80 -20.82 -35.72
N ASN C 81 -23.52 -21.95 -36.36
CA ASN C 81 -22.39 -22.79 -35.97
C ASN C 81 -21.08 -22.11 -36.33
N LYS C 82 -20.01 -22.53 -35.67
CA LYS C 82 -18.69 -21.97 -35.93
C LYS C 82 -17.81 -22.87 -36.80
N LYS C 83 -18.07 -24.17 -36.83
CA LYS C 83 -17.36 -25.02 -37.78
C LYS C 83 -17.69 -24.66 -39.21
N ASN C 84 -18.93 -24.21 -39.46
CA ASN C 84 -19.34 -23.65 -40.73
C ASN C 84 -20.34 -22.54 -40.49
N ASP C 85 -20.28 -21.49 -41.32
CA ASP C 85 -21.11 -20.30 -41.13
C ASP C 85 -22.51 -20.58 -41.66
N LEU C 86 -23.25 -21.40 -40.92
CA LEU C 86 -24.61 -21.77 -41.26
C LEU C 86 -25.52 -21.57 -40.06
N CYS C 87 -26.71 -21.02 -40.32
CA CYS C 87 -27.68 -20.80 -39.26
C CYS C 87 -28.53 -22.05 -39.05
N ILE C 88 -28.60 -22.51 -37.80
CA ILE C 88 -29.36 -23.70 -37.48
C ILE C 88 -30.65 -23.39 -36.72
N GLU C 89 -30.71 -22.28 -35.99
CA GLU C 89 -31.91 -21.89 -35.27
C GLU C 89 -32.10 -20.38 -35.42
N LYS C 90 -33.34 -19.97 -35.68
CA LYS C 90 -33.69 -18.58 -35.85
C LYS C 90 -34.91 -18.25 -35.01
N TYR C 91 -34.83 -17.20 -34.21
CA TYR C 91 -35.93 -16.74 -33.38
C TYR C 91 -36.34 -15.35 -33.87
N VAL C 92 -37.56 -15.26 -34.40
CA VAL C 92 -38.05 -14.05 -35.04
C VAL C 92 -39.01 -13.34 -34.09
N LEU C 93 -38.81 -12.03 -33.94
CA LEU C 93 -39.67 -11.19 -33.10
C LEU C 93 -40.34 -10.18 -34.02
N ASP C 94 -41.59 -10.45 -34.39
CA ASP C 94 -42.29 -9.60 -35.35
C ASP C 94 -42.59 -8.24 -34.74
N PHE C 95 -42.53 -7.20 -35.59
CA PHE C 95 -42.78 -5.82 -35.20
C PHE C 95 -43.69 -5.14 -36.22
N SER C 96 -44.83 -5.77 -36.51
CA SER C 96 -45.72 -5.30 -37.56
C SER C 96 -46.39 -4.02 -37.09
N GLU C 97 -45.64 -2.93 -37.17
CA GLU C 97 -46.05 -1.56 -36.83
C GLU C 97 -46.18 -1.38 -35.32
N LEU C 98 -46.13 -2.47 -34.56
CA LEU C 98 -45.99 -2.44 -33.11
C LEU C 98 -47.13 -1.69 -32.43
N GLN C 99 -48.11 -1.20 -33.21
CA GLN C 99 -49.10 -0.26 -32.74
C GLN C 99 -48.43 0.94 -32.07
N HIS C 100 -47.66 1.67 -32.88
CA HIS C 100 -46.84 2.76 -32.37
C HIS C 100 -47.71 3.82 -31.71
N VAL C 101 -47.24 4.32 -30.57
CA VAL C 101 -47.97 5.32 -29.80
C VAL C 101 -47.72 6.69 -30.45
N ASP C 102 -48.66 7.12 -31.30
CA ASP C 102 -48.56 8.44 -31.89
C ASP C 102 -48.69 9.53 -30.83
N LYS C 103 -49.59 9.34 -29.88
CA LYS C 103 -49.77 10.30 -28.80
C LYS C 103 -48.86 9.97 -27.62
N ILE C 107 -48.51 3.81 -22.01
CA ILE C 107 -49.67 4.62 -21.73
C ILE C 107 -50.73 3.80 -20.99
N ILE C 108 -50.33 2.62 -20.52
CA ILE C 108 -51.21 1.73 -19.78
C ILE C 108 -50.47 1.23 -18.55
N THR C 109 -51.23 0.73 -17.58
CA THR C 109 -50.65 0.28 -16.32
C THR C 109 -49.62 -0.83 -16.55
N GLU C 110 -48.55 -0.79 -15.77
CA GLU C 110 -47.42 -1.69 -15.98
C GLU C 110 -47.77 -3.14 -15.67
N THR C 111 -48.76 -3.36 -14.81
CA THR C 111 -49.07 -4.73 -14.36
C THR C 111 -49.49 -5.62 -15.52
N GLU C 112 -50.39 -5.13 -16.38
CA GLU C 112 -50.84 -5.93 -17.51
C GLU C 112 -49.72 -6.14 -18.52
N VAL C 113 -48.87 -5.14 -18.71
CA VAL C 113 -47.73 -5.29 -19.61
C VAL C 113 -46.81 -6.40 -19.12
N PHE C 114 -46.52 -6.40 -17.82
CA PHE C 114 -45.67 -7.46 -17.27
C PHE C 114 -46.36 -8.82 -17.31
N ASP C 115 -47.69 -8.86 -17.15
CA ASP C 115 -48.40 -10.13 -17.27
C ASP C 115 -48.29 -10.70 -18.68
N GLU C 116 -48.46 -9.84 -19.69
CA GLU C 116 -48.33 -10.30 -21.07
C GLU C 116 -46.90 -10.72 -21.38
N PHE C 117 -45.92 -9.96 -20.87
CA PHE C 117 -44.53 -10.35 -21.03
C PHE C 117 -44.27 -11.70 -20.37
N ARG C 118 -44.87 -11.93 -19.21
CA ARG C 118 -44.74 -13.22 -18.53
C ARG C 118 -45.30 -14.34 -19.38
N SER C 119 -46.47 -14.13 -19.97
CA SER C 119 -47.06 -15.16 -20.83
C SER C 119 -46.16 -15.46 -22.02
N SER C 120 -45.66 -14.41 -22.68
CA SER C 120 -44.83 -14.60 -23.87
C SER C 120 -43.52 -15.30 -23.51
N LEU C 121 -42.87 -14.88 -22.42
CA LEU C 121 -41.62 -15.49 -22.03
C LEU C 121 -41.83 -16.93 -21.54
N ASN C 122 -42.96 -17.21 -20.91
CA ASN C 122 -43.26 -18.59 -20.53
C ASN C 122 -43.45 -19.47 -21.75
N SER C 123 -44.12 -18.95 -22.78
CA SER C 123 -44.24 -19.71 -24.02
C SER C 123 -42.86 -19.97 -24.63
N LEU C 124 -42.01 -18.94 -24.65
CA LEU C 124 -40.66 -19.11 -25.19
C LEU C 124 -39.88 -20.14 -24.41
N ILE C 125 -39.95 -20.10 -23.07
CA ILE C 125 -39.22 -21.04 -22.24
C ILE C 125 -39.74 -22.46 -22.45
N MET C 126 -41.05 -22.61 -22.54
CA MET C 126 -41.62 -23.94 -22.77
C MET C 126 -41.18 -24.50 -24.11
N HIS C 127 -41.12 -23.65 -25.13
CA HIS C 127 -40.61 -24.12 -26.42
C HIS C 127 -39.13 -24.46 -26.34
N LEU C 128 -38.35 -23.67 -25.61
CA LEU C 128 -36.90 -23.90 -25.56
C LEU C 128 -36.54 -25.13 -24.74
N GLU C 129 -37.37 -25.49 -23.76
CA GLU C 129 -37.04 -26.61 -22.89
C GLU C 129 -37.02 -27.93 -23.66
N LYS C 130 -37.97 -28.12 -24.58
CA LYS C 130 -38.07 -29.38 -25.31
C LYS C 130 -37.04 -29.49 -26.43
N LEU C 131 -36.30 -28.43 -26.73
CA LEU C 131 -35.28 -28.51 -27.76
C LEU C 131 -34.12 -29.38 -27.28
N PRO C 132 -33.43 -30.04 -28.21
CA PRO C 132 -32.28 -30.86 -27.81
C PRO C 132 -31.17 -30.02 -27.21
N LYS C 133 -30.43 -30.61 -26.29
CA LYS C 133 -29.33 -29.90 -25.63
C LYS C 133 -28.25 -29.53 -26.64
N VAL C 134 -27.66 -28.36 -26.45
CA VAL C 134 -26.64 -27.81 -27.33
C VAL C 134 -25.30 -27.88 -26.61
N ASN C 135 -24.29 -28.43 -27.27
CA ASN C 135 -22.98 -28.57 -26.67
C ASN C 135 -22.29 -27.21 -26.55
N ASP C 136 -21.31 -27.16 -25.65
CA ASP C 136 -20.45 -26.00 -25.46
C ASP C 136 -19.37 -26.00 -26.54
N ASP C 137 -18.29 -25.24 -26.30
CA ASP C 137 -17.13 -25.23 -27.20
C ASP C 137 -17.50 -24.67 -28.59
N THR C 138 -17.70 -23.35 -28.59
CA THR C 138 -17.78 -22.55 -29.82
C THR C 138 -19.09 -22.70 -30.58
N ILE C 139 -20.22 -22.63 -29.88
CA ILE C 139 -21.50 -22.29 -30.47
C ILE C 139 -21.75 -20.80 -30.21
N THR C 140 -22.15 -20.07 -31.24
CA THR C 140 -22.29 -18.62 -31.15
C THR C 140 -23.63 -18.19 -31.72
N PHE C 141 -23.95 -16.91 -31.52
CA PHE C 141 -25.22 -16.33 -31.92
C PHE C 141 -24.97 -15.11 -32.81
N GLU C 142 -26.04 -14.61 -33.42
CA GLU C 142 -25.96 -13.54 -34.38
C GLU C 142 -27.28 -12.77 -34.40
N ALA C 143 -27.20 -11.49 -34.73
CA ALA C 143 -28.36 -10.60 -34.73
C ALA C 143 -28.62 -10.09 -36.14
N VAL C 144 -29.86 -10.26 -36.61
CA VAL C 144 -30.28 -9.82 -37.94
C VAL C 144 -31.63 -9.13 -37.82
N ILE C 145 -31.80 -8.03 -38.55
CA ILE C 145 -33.06 -7.29 -38.55
C ILE C 145 -33.55 -7.15 -39.99
N ASN C 146 -34.85 -6.94 -40.11
CA ASN C 146 -35.51 -6.72 -41.40
C ASN C 146 -36.08 -5.31 -41.42
N ALA C 147 -35.67 -4.52 -42.41
CA ALA C 147 -35.98 -3.10 -42.46
C ALA C 147 -36.97 -2.79 -43.57
N ILE C 148 -37.54 -1.59 -43.50
CA ILE C 148 -38.51 -1.11 -44.48
C ILE C 148 -37.91 -0.02 -45.38
N GLU C 149 -37.52 1.11 -44.79
CA GLU C 149 -36.97 2.24 -45.55
C GLU C 149 -35.80 2.82 -44.76
N LEU C 150 -34.60 2.30 -45.01
CA LEU C 150 -33.40 2.87 -44.41
C LEU C 150 -32.18 2.42 -45.19
N GLU C 151 -31.06 3.11 -44.96
CA GLU C 151 -29.79 2.76 -45.58
C GLU C 151 -28.68 3.12 -44.61
N LEU C 152 -27.94 2.12 -44.15
CA LEU C 152 -26.91 2.31 -43.14
C LEU C 152 -25.53 2.18 -43.75
N GLY C 153 -24.54 2.69 -43.02
CA GLY C 153 -23.18 2.73 -43.50
C GLY C 153 -22.86 3.87 -44.45
N HIS C 154 -23.79 4.80 -44.64
CA HIS C 154 -23.62 5.89 -45.57
C HIS C 154 -23.58 7.26 -44.89
N LYS C 155 -23.44 7.30 -43.57
CA LYS C 155 -23.42 8.55 -42.83
C LYS C 155 -22.01 9.07 -42.58
N LEU C 156 -20.99 8.39 -43.10
CA LEU C 156 -19.59 8.78 -42.90
C LEU C 156 -18.98 9.38 -44.16
N ASP C 157 -19.79 10.00 -45.01
CA ASP C 157 -19.31 10.63 -46.23
C ASP C 157 -19.22 12.14 -46.11
N ARG C 158 -19.44 12.70 -44.92
CA ARG C 158 -19.34 14.13 -44.69
C ARG C 158 -18.34 14.47 -43.59
N ASN C 159 -17.46 13.52 -43.23
CA ASN C 159 -16.43 13.66 -42.21
C ASN C 159 -17.01 13.69 -40.81
N ARG C 160 -18.34 13.78 -40.72
CA ARG C 160 -19.12 13.59 -39.49
C ARG C 160 -18.42 14.17 -38.27
N ARG C 161 -18.16 15.48 -38.32
CA ARG C 161 -17.51 16.15 -37.21
C ARG C 161 -18.47 16.15 -36.01
N VAL C 162 -18.18 15.31 -35.02
CA VAL C 162 -19.07 15.15 -33.88
C VAL C 162 -18.93 16.33 -32.93
N ASP C 163 -19.99 16.61 -32.19
CA ASP C 163 -20.00 17.68 -31.21
C ASP C 163 -20.36 17.20 -29.81
N SER C 164 -21.24 16.21 -29.67
CA SER C 164 -21.64 15.69 -28.38
C SER C 164 -21.70 14.17 -28.48
N LEU C 165 -22.07 13.53 -27.36
CA LEU C 165 -22.14 12.08 -27.33
C LEU C 165 -23.29 11.55 -28.20
N GLU C 166 -24.34 12.34 -28.37
CA GLU C 166 -25.48 11.89 -29.19
C GLU C 166 -25.06 11.70 -30.64
N GLU C 167 -24.30 12.66 -31.19
CA GLU C 167 -23.86 12.53 -32.58
C GLU C 167 -22.92 11.35 -32.75
N LYS C 168 -22.01 11.14 -31.81
CA LYS C 168 -21.11 9.99 -31.88
C LYS C 168 -21.89 8.68 -31.81
N ALA C 169 -22.90 8.62 -30.93
CA ALA C 169 -23.72 7.43 -30.84
C ALA C 169 -24.48 7.17 -32.14
N GLU C 170 -25.02 8.24 -32.75
CA GLU C 170 -25.73 8.07 -34.01
C GLU C 170 -24.80 7.57 -35.10
N ILE C 171 -23.59 8.14 -35.19
CA ILE C 171 -22.64 7.73 -36.22
C ILE C 171 -22.23 6.27 -36.01
N GLU C 172 -21.94 5.88 -34.77
CA GLU C 172 -21.49 4.52 -34.52
C GLU C 172 -22.63 3.52 -34.70
N ARG C 173 -23.88 3.92 -34.44
CA ARG C 173 -25.01 3.02 -34.64
C ARG C 173 -25.35 2.87 -36.11
N ASP C 174 -25.18 3.93 -36.91
CA ASP C 174 -25.43 3.81 -38.34
C ASP C 174 -24.40 2.92 -39.02
N SER C 175 -23.15 2.92 -38.53
CA SER C 175 -22.07 2.19 -39.15
C SER C 175 -21.83 0.81 -38.55
N ASN C 176 -22.67 0.38 -37.59
CA ASN C 176 -22.48 -0.89 -36.91
C ASN C 176 -23.26 -2.03 -37.56
N TRP C 177 -23.88 -1.79 -38.71
CA TRP C 177 -24.66 -2.81 -39.41
C TRP C 177 -24.15 -2.96 -40.84
N VAL C 178 -24.30 -4.17 -41.38
CA VAL C 178 -23.94 -4.45 -42.76
C VAL C 178 -25.16 -5.05 -43.46
N LYS C 179 -25.17 -4.94 -44.78
CA LYS C 179 -26.29 -5.44 -45.57
C LYS C 179 -26.17 -6.93 -45.79
N CYS C 180 -27.28 -7.64 -45.60
CA CYS C 180 -27.37 -9.07 -45.81
C CYS C 180 -28.57 -9.36 -46.71
N GLN C 181 -28.73 -10.63 -47.08
CA GLN C 181 -29.81 -11.07 -47.95
C GLN C 181 -30.82 -11.88 -47.15
N GLU C 182 -31.86 -12.34 -47.85
CA GLU C 182 -32.89 -13.14 -47.19
C GLU C 182 -32.33 -14.45 -46.66
N ASP C 183 -31.46 -15.10 -47.43
CA ASP C 183 -30.86 -16.36 -47.02
C ASP C 183 -29.89 -16.15 -45.85
N PRO C 195 -35.37 -26.09 -47.67
CA PRO C 195 -34.87 -27.32 -47.04
C PRO C 195 -35.88 -27.96 -46.10
N LYS C 196 -35.52 -28.07 -44.83
CA LYS C 196 -36.39 -28.65 -43.80
C LYS C 196 -36.68 -27.64 -42.70
N ILE C 197 -36.99 -26.41 -43.09
CA ILE C 197 -37.28 -25.36 -42.12
C ILE C 197 -38.61 -25.65 -41.44
N LYS C 198 -38.61 -25.64 -40.10
CA LYS C 198 -39.80 -25.88 -39.31
C LYS C 198 -40.16 -24.58 -38.58
N LEU C 199 -41.38 -24.11 -38.80
CA LEU C 199 -41.86 -22.85 -38.25
C LEU C 199 -42.82 -23.13 -37.10
N THR C 200 -42.52 -22.59 -35.93
CA THR C 200 -43.36 -22.76 -34.74
C THR C 200 -43.70 -21.38 -34.20
N SER C 201 -44.96 -20.99 -34.38
CA SER C 201 -45.42 -19.71 -33.84
C SER C 201 -45.56 -19.80 -32.33
N LEU C 202 -45.22 -18.71 -31.65
CA LEU C 202 -45.29 -18.64 -30.20
C LEU C 202 -46.28 -17.55 -29.79
N VAL C 203 -46.37 -17.30 -28.48
CA VAL C 203 -47.33 -16.35 -27.92
C VAL C 203 -46.63 -15.00 -27.74
N GLY C 204 -47.26 -13.95 -28.24
CA GLY C 204 -46.74 -12.60 -28.09
C GLY C 204 -47.54 -11.78 -27.10
N SER C 205 -47.50 -10.46 -27.26
CA SER C 205 -48.23 -9.54 -26.40
C SER C 205 -49.37 -8.90 -27.18
N ASP C 206 -50.59 -8.98 -26.64
CA ASP C 206 -51.77 -8.41 -27.26
C ASP C 206 -52.25 -7.15 -26.54
N VAL C 207 -51.42 -6.57 -25.69
CA VAL C 207 -51.80 -5.33 -25.00
C VAL C 207 -51.92 -4.21 -26.02
N GLY C 208 -52.62 -3.15 -25.61
CA GLY C 208 -52.90 -2.02 -26.48
C GLY C 208 -51.68 -1.40 -27.13
N PRO C 209 -50.82 -0.77 -26.34
CA PRO C 209 -49.65 -0.10 -26.93
C PRO C 209 -48.67 -1.03 -27.64
N LEU C 210 -48.51 -2.26 -27.15
CA LEU C 210 -47.52 -3.19 -27.69
C LEU C 210 -48.22 -4.38 -28.32
N ILE C 211 -48.08 -4.52 -29.63
CA ILE C 211 -48.60 -5.67 -30.37
C ILE C 211 -47.39 -6.35 -30.99
N ILE C 212 -46.93 -7.43 -30.37
CA ILE C 212 -45.72 -8.13 -30.78
C ILE C 212 -46.06 -9.58 -31.04
N HIS C 213 -45.59 -10.10 -32.18
CA HIS C 213 -45.76 -11.50 -32.54
C HIS C 213 -44.43 -12.21 -32.45
N GLN C 214 -44.45 -13.45 -31.99
CA GLN C 214 -43.24 -14.22 -31.74
C GLN C 214 -43.20 -15.44 -32.65
N PHE C 215 -42.03 -15.70 -33.23
CA PHE C 215 -41.82 -16.83 -34.13
C PHE C 215 -40.54 -17.55 -33.75
N SER C 216 -40.39 -18.76 -34.27
CA SER C 216 -39.18 -19.54 -34.06
C SER C 216 -38.94 -20.41 -35.28
N GLU C 217 -37.68 -20.78 -35.49
CA GLU C 217 -37.29 -21.60 -36.63
C GLU C 217 -36.33 -22.69 -36.18
N LYS C 218 -36.33 -23.79 -36.93
CA LYS C 218 -35.48 -24.93 -36.64
C LYS C 218 -34.91 -25.46 -37.95
N LEU C 219 -33.77 -26.15 -37.84
CA LEU C 219 -33.09 -26.73 -38.99
C LEU C 219 -32.71 -25.67 -40.03
N ASP D 5 -42.26 -47.42 -1.00
CA ASP D 5 -42.90 -48.72 -0.94
C ASP D 5 -43.89 -48.90 -2.09
N LEU D 6 -44.20 -47.81 -2.77
CA LEU D 6 -45.15 -47.84 -3.87
C LEU D 6 -44.87 -46.65 -4.78
N HIS D 7 -45.44 -46.71 -5.98
CA HIS D 7 -45.32 -45.62 -6.93
C HIS D 7 -46.13 -44.40 -6.47
N MET D 8 -45.76 -43.24 -7.01
CA MET D 8 -46.43 -42.00 -6.61
C MET D 8 -47.91 -42.02 -6.99
N ASP D 9 -48.23 -42.60 -8.14
CA ASP D 9 -49.63 -42.65 -8.58
C ASP D 9 -50.48 -43.45 -7.61
N ALA D 10 -49.93 -44.53 -7.06
CA ALA D 10 -50.68 -45.33 -6.09
C ALA D 10 -51.03 -44.50 -4.85
N LEU D 11 -50.04 -43.76 -4.34
CA LEU D 11 -50.30 -42.92 -3.17
C LEU D 11 -51.30 -41.81 -3.48
N LEU D 12 -51.19 -41.20 -4.66
CA LEU D 12 -52.13 -40.15 -5.04
C LEU D 12 -53.55 -40.71 -5.12
N THR D 13 -53.71 -41.89 -5.73
CA THR D 13 -55.04 -42.50 -5.80
C THR D 13 -55.56 -42.87 -4.41
N LYS D 14 -54.69 -43.38 -3.55
CA LYS D 14 -55.12 -43.77 -2.21
C LYS D 14 -55.57 -42.58 -1.39
N PHE D 15 -54.87 -41.46 -1.50
CA PHE D 15 -55.16 -40.31 -0.65
C PHE D 15 -56.26 -39.41 -1.21
N ASN D 16 -56.21 -39.11 -2.50
CA ASN D 16 -57.13 -38.11 -3.06
C ASN D 16 -58.55 -38.65 -3.23
N GLU D 17 -58.68 -39.92 -3.60
CA GLU D 17 -60.01 -40.47 -3.85
C GLU D 17 -60.85 -40.60 -2.58
N ASP D 18 -60.21 -40.59 -1.42
CA ASP D 18 -60.88 -40.71 -0.13
C ASP D 18 -60.94 -39.36 0.58
N ARG D 19 -61.12 -38.29 -0.17
CA ARG D 19 -61.17 -36.95 0.42
C ARG D 19 -62.41 -36.79 1.29
N SER D 20 -62.22 -36.13 2.44
CA SER D 20 -63.32 -35.98 3.39
C SER D 20 -64.44 -35.11 2.83
N LEU D 21 -64.08 -33.93 2.32
CA LEU D 21 -65.05 -32.97 1.79
C LEU D 21 -66.11 -32.64 2.83
N GLN D 22 -65.69 -32.48 4.07
CA GLN D 22 -66.59 -32.25 5.19
C GLN D 22 -66.15 -31.02 5.96
N ASP D 23 -67.13 -30.39 6.64
CA ASP D 23 -66.90 -29.24 7.51
C ASP D 23 -66.40 -28.02 6.74
N GLU D 24 -66.35 -28.12 5.41
CA GLU D 24 -65.90 -27.01 4.57
C GLU D 24 -67.10 -26.27 3.99
N ASN D 25 -67.91 -25.68 4.87
CA ASN D 25 -69.08 -24.94 4.43
C ASN D 25 -68.69 -23.71 3.63
N LEU D 26 -67.62 -23.03 4.05
CA LEU D 26 -67.04 -21.84 3.43
C LEU D 26 -67.95 -20.63 3.57
N SER D 27 -69.15 -20.77 4.14
CA SER D 27 -70.03 -19.65 4.44
C SER D 27 -69.91 -19.20 5.87
N GLN D 28 -69.55 -20.09 6.79
CA GLN D 28 -69.31 -19.76 8.19
C GLN D 28 -67.94 -20.32 8.57
N PRO D 29 -66.87 -19.67 8.15
CA PRO D 29 -65.53 -20.20 8.41
C PRO D 29 -65.22 -20.22 9.90
N ARG D 30 -64.37 -21.16 10.30
CA ARG D 30 -63.99 -21.29 11.69
C ARG D 30 -63.19 -20.07 12.14
N THR D 31 -63.58 -19.50 13.28
CA THR D 31 -62.93 -18.31 13.79
C THR D 31 -61.60 -18.69 14.45
N ARG D 32 -60.56 -17.94 14.12
CA ARG D 32 -59.26 -18.16 14.74
C ARG D 32 -59.32 -17.86 16.22
N VAL D 33 -58.53 -18.61 17.01
CA VAL D 33 -58.50 -18.39 18.45
C VAL D 33 -57.97 -16.99 18.74
N ARG D 34 -58.58 -16.34 19.73
CA ARG D 34 -58.26 -14.95 20.03
C ARG D 34 -57.01 -14.90 20.92
N ILE D 35 -55.99 -14.19 20.44
CA ILE D 35 -54.77 -13.94 21.22
C ILE D 35 -54.53 -12.43 21.22
N VAL D 36 -54.38 -11.87 22.42
CA VAL D 36 -54.28 -10.43 22.58
C VAL D 36 -52.89 -10.07 23.11
N ASP D 37 -52.53 -8.81 22.96
CA ASP D 37 -51.31 -8.24 23.51
C ASP D 37 -51.71 -7.17 24.52
N ASP D 38 -51.42 -7.42 25.80
CA ASP D 38 -51.78 -6.47 26.83
C ASP D 38 -50.91 -5.22 26.82
N ASN D 39 -49.82 -5.22 26.07
CA ASN D 39 -48.90 -4.09 26.01
C ASN D 39 -49.12 -3.21 24.78
N LEU D 40 -50.25 -3.36 24.10
CA LEU D 40 -50.51 -2.53 22.93
C LEU D 40 -50.61 -1.06 23.29
N TYR D 41 -51.27 -0.74 24.41
CA TYR D 41 -51.51 0.65 24.76
C TYR D 41 -51.25 0.97 26.23
N ASN D 42 -50.63 0.08 26.99
CA ASN D 42 -50.56 0.28 28.43
C ASN D 42 -49.77 1.54 28.81
N LYS D 43 -48.45 1.53 28.61
CA LYS D 43 -47.59 2.69 28.85
C LYS D 43 -46.15 2.30 28.56
N SER D 44 -45.33 3.34 28.32
CA SER D 44 -43.88 3.31 28.52
C SER D 44 -43.22 2.06 27.94
N ASN D 45 -43.26 1.96 26.61
CA ASN D 45 -42.47 0.95 25.94
C ASN D 45 -40.99 1.22 26.21
N PRO D 46 -40.31 0.34 26.94
CA PRO D 46 -38.93 0.67 27.38
C PRO D 46 -37.96 0.88 26.24
N PHE D 47 -38.15 0.20 25.11
CA PHE D 47 -37.21 0.25 24.00
C PHE D 47 -37.62 1.25 22.93
N GLN D 48 -38.66 2.04 23.17
CA GLN D 48 -39.10 3.06 22.23
C GLN D 48 -38.34 4.35 22.52
N LEU D 49 -37.41 4.70 21.62
CA LEU D 49 -36.57 5.88 21.76
C LEU D 49 -36.96 6.92 20.72
N CYS D 50 -36.25 8.04 20.73
CA CYS D 50 -36.43 9.12 19.77
C CYS D 50 -35.17 9.26 18.94
N TYR D 51 -35.30 9.12 17.63
CA TYR D 51 -34.14 9.27 16.75
C TYR D 51 -33.66 10.71 16.69
N LYS D 52 -34.58 11.68 16.81
CA LYS D 52 -34.19 13.08 16.75
C LYS D 52 -33.29 13.46 17.91
N LYS D 53 -33.55 12.92 19.10
CA LYS D 53 -32.74 13.26 20.27
C LYS D 53 -31.29 12.80 20.08
N ARG D 54 -31.09 11.61 19.54
CA ARG D 54 -29.76 11.05 19.27
C ARG D 54 -28.88 11.06 20.52
N SER D 58 -18.45 10.27 23.29
CA SER D 58 -19.03 8.94 23.54
C SER D 58 -19.85 8.94 24.81
N GLN D 59 -21.10 8.47 24.71
CA GLN D 59 -22.00 8.40 25.84
C GLN D 59 -21.96 7.06 26.56
N TYR D 60 -21.06 6.16 26.14
CA TYR D 60 -20.96 4.85 26.78
C TYR D 60 -20.51 4.93 28.24
N TYR D 61 -19.88 6.04 28.64
CA TYR D 61 -19.38 6.15 30.00
C TYR D 61 -20.51 6.15 31.02
N HIS D 62 -21.58 6.91 30.74
CA HIS D 62 -22.72 6.94 31.66
C HIS D 62 -23.40 5.59 31.74
N ILE D 63 -23.55 4.91 30.60
CA ILE D 63 -24.16 3.59 30.59
C ILE D 63 -23.32 2.61 31.39
N TYR D 64 -21.99 2.67 31.22
CA TYR D 64 -21.10 1.79 31.98
C TYR D 64 -21.20 2.06 33.47
N GLN D 65 -21.24 3.34 33.86
CA GLN D 65 -21.34 3.67 35.28
C GLN D 65 -22.65 3.17 35.87
N TYR D 66 -23.76 3.37 35.16
CA TYR D 66 -25.05 2.92 35.66
C TYR D 66 -25.10 1.40 35.76
N ARG D 67 -24.59 0.70 34.74
CA ARG D 67 -24.56 -0.76 34.78
C ARG D 67 -23.72 -1.26 35.95
N LEU D 68 -22.54 -0.67 36.15
CA LEU D 68 -21.68 -1.09 37.24
C LEU D 68 -22.36 -0.87 38.58
N LYS D 69 -22.97 0.30 38.78
CA LYS D 69 -23.63 0.58 40.05
C LYS D 69 -24.77 -0.39 40.31
N THR D 70 -25.64 -0.59 39.32
CA THR D 70 -26.80 -1.45 39.51
C THR D 70 -26.37 -2.89 39.77
N PHE D 71 -25.45 -3.41 38.96
CA PHE D 71 -25.01 -4.79 39.11
C PHE D 71 -24.29 -4.99 40.44
N ARG D 72 -23.46 -4.03 40.85
CA ARG D 72 -22.78 -4.16 42.14
C ARG D 72 -23.78 -4.15 43.28
N GLU D 73 -24.80 -3.28 43.22
CA GLU D 73 -25.81 -3.25 44.27
C GLU D 73 -26.54 -4.58 44.35
N ARG D 74 -26.94 -5.13 43.19
CA ARG D 74 -27.66 -6.40 43.19
C ARG D 74 -26.81 -7.54 43.71
N VAL D 75 -25.54 -7.59 43.31
CA VAL D 75 -24.66 -8.67 43.75
C VAL D 75 -24.38 -8.57 45.24
N LEU D 76 -24.21 -7.33 45.75
CA LEU D 76 -24.04 -7.16 47.19
C LEU D 76 -25.29 -7.60 47.95
N LYS D 77 -26.48 -7.29 47.43
CA LYS D 77 -27.70 -7.76 48.09
C LYS D 77 -27.75 -9.27 48.12
N GLU D 78 -27.44 -9.92 46.99
CA GLU D 78 -27.46 -11.38 46.95
C GLU D 78 -26.43 -11.98 47.90
N CYS D 79 -25.22 -11.41 47.95
CA CYS D 79 -24.19 -11.92 48.84
C CYS D 79 -24.58 -11.76 50.30
N ASP D 80 -25.17 -10.61 50.65
CA ASP D 80 -25.64 -10.42 52.01
C ASP D 80 -26.73 -11.42 52.36
N LYS D 81 -27.60 -11.73 51.39
CA LYS D 81 -28.61 -12.76 51.62
C LYS D 81 -27.98 -14.13 51.83
N ARG D 82 -26.93 -14.45 51.07
CA ARG D 82 -26.35 -15.79 51.08
C ARG D 82 -25.13 -15.91 52.00
N TRP D 83 -24.21 -14.95 51.95
CA TRP D 83 -22.99 -14.99 52.75
C TRP D 83 -23.11 -14.12 54.00
N ASP D 84 -24.29 -14.10 54.62
CA ASP D 84 -24.51 -13.25 55.78
C ASP D 84 -23.56 -13.65 56.92
N ALA D 85 -23.43 -12.72 57.88
CA ALA D 85 -22.55 -12.96 59.03
C ALA D 85 -23.00 -14.19 59.81
N GLY D 86 -22.03 -15.00 60.21
CA GLY D 86 -22.30 -16.25 60.88
C GLY D 86 -22.15 -17.48 60.00
N PHE D 87 -22.06 -17.30 58.69
CA PHE D 87 -21.86 -18.42 57.77
C PHE D 87 -20.39 -18.85 57.84
N THR D 88 -20.15 -20.04 58.39
CA THR D 88 -18.80 -20.58 58.49
C THR D 88 -18.56 -21.61 57.40
N LEU D 89 -17.32 -21.70 56.95
CA LEU D 89 -16.91 -22.73 56.00
C LEU D 89 -16.54 -24.00 56.79
N ASN D 90 -15.91 -24.96 56.11
CA ASN D 90 -15.54 -26.21 56.78
C ASN D 90 -14.56 -25.96 57.91
N GLY D 91 -13.56 -25.11 57.68
CA GLY D 91 -12.53 -24.89 58.68
C GLY D 91 -12.75 -23.69 59.56
N GLN D 92 -13.05 -22.53 58.97
CA GLN D 92 -13.17 -21.29 59.72
C GLN D 92 -14.34 -20.49 59.17
N LEU D 93 -14.50 -19.27 59.68
CA LEU D 93 -15.55 -18.36 59.26
C LEU D 93 -15.08 -17.54 58.07
N VAL D 94 -16.02 -17.19 57.19
CA VAL D 94 -15.71 -16.39 56.01
C VAL D 94 -15.85 -14.92 56.38
N LEU D 95 -14.90 -14.10 55.92
CA LEU D 95 -14.93 -12.68 56.18
C LEU D 95 -15.35 -11.90 54.93
N LYS D 96 -15.78 -10.67 55.15
CA LYS D 96 -16.21 -9.78 54.08
C LYS D 96 -15.11 -8.77 53.80
N LYS D 97 -14.69 -8.70 52.53
CA LYS D 97 -13.64 -7.80 52.10
C LYS D 97 -14.20 -6.81 51.09
N ASP D 98 -13.94 -5.53 51.30
CA ASP D 98 -14.48 -4.49 50.43
C ASP D 98 -13.62 -4.27 49.19
N LYS D 99 -12.31 -4.35 49.32
CA LYS D 99 -11.39 -4.11 48.23
C LYS D 99 -10.69 -5.40 47.83
N VAL D 100 -10.11 -5.39 46.62
CA VAL D 100 -9.40 -6.56 46.12
C VAL D 100 -8.11 -6.79 46.91
N LEU D 101 -7.52 -5.73 47.44
CA LEU D 101 -6.26 -5.85 48.17
C LEU D 101 -6.45 -6.36 49.60
N ASP D 102 -7.69 -6.48 50.08
CA ASP D 102 -7.94 -6.98 51.42
C ASP D 102 -8.02 -8.49 51.50
N ILE D 103 -8.04 -9.19 50.36
CA ILE D 103 -8.11 -10.66 50.38
C ILE D 103 -6.67 -11.16 50.41
N GLN D 104 -6.13 -11.24 51.63
CA GLN D 104 -4.75 -11.68 51.82
C GLN D 104 -4.68 -12.40 53.18
N GLY D 105 -4.62 -13.71 53.13
CA GLY D 105 -4.54 -14.50 54.35
C GLY D 105 -5.05 -15.90 54.11
N ASN D 106 -4.77 -16.77 55.08
CA ASN D 106 -5.20 -18.16 55.02
C ASN D 106 -6.59 -18.35 55.63
N GLN D 107 -7.53 -17.50 55.22
CA GLN D 107 -8.91 -17.59 55.66
C GLN D 107 -9.83 -17.31 54.48
N PRO D 108 -11.00 -17.95 54.44
CA PRO D 108 -11.93 -17.71 53.34
C PRO D 108 -12.49 -16.29 53.38
N CYS D 109 -12.75 -15.75 52.20
CA CYS D 109 -13.27 -14.40 52.07
C CYS D 109 -13.94 -14.25 50.71
N TRP D 110 -14.83 -13.26 50.61
CA TRP D 110 -15.55 -13.01 49.37
C TRP D 110 -15.56 -11.52 49.08
N CYS D 111 -15.55 -11.18 47.79
CA CYS D 111 -15.58 -9.81 47.35
C CYS D 111 -16.31 -9.74 46.01
N VAL D 112 -16.73 -8.53 45.65
CA VAL D 112 -17.54 -8.30 44.46
C VAL D 112 -16.78 -7.38 43.52
N GLY D 113 -16.65 -7.79 42.27
CA GLY D 113 -15.97 -6.98 41.26
C GLY D 113 -16.27 -7.50 39.88
N SER D 114 -15.89 -6.71 38.89
CA SER D 114 -16.10 -7.08 37.50
C SER D 114 -15.07 -8.11 37.06
N ILE D 115 -15.42 -8.84 36.00
CA ILE D 115 -14.59 -9.92 35.47
C ILE D 115 -13.82 -9.37 34.26
N TYR D 116 -12.52 -9.64 34.22
CA TYR D 116 -11.67 -9.21 33.12
C TYR D 116 -11.22 -10.43 32.32
N CYS D 117 -11.44 -10.39 31.00
CA CYS D 117 -11.06 -11.47 30.10
C CYS D 117 -10.36 -10.86 28.89
N GLU D 118 -9.88 -11.74 28.00
CA GLU D 118 -9.16 -11.27 26.82
C GLU D 118 -10.13 -10.84 25.71
N MET D 119 -10.92 -11.78 25.21
CA MET D 119 -11.94 -11.51 24.18
C MET D 119 -11.34 -10.83 22.95
N LYS D 120 -10.47 -11.57 22.27
CA LYS D 120 -9.94 -11.10 20.99
C LYS D 120 -10.95 -11.32 19.88
N TYR D 121 -10.88 -10.47 18.86
CA TYR D 121 -11.79 -10.58 17.73
C TYR D 121 -11.44 -11.78 16.86
N LYS D 122 -12.44 -12.30 16.15
CA LYS D 122 -12.21 -13.39 15.24
C LYS D 122 -11.57 -12.89 13.95
N PRO D 123 -10.72 -13.70 13.31
CA PRO D 123 -10.03 -13.23 12.10
C PRO D 123 -10.95 -12.83 10.96
N ASN D 124 -12.10 -13.49 10.80
CA ASN D 124 -13.01 -13.14 9.73
C ASN D 124 -13.55 -11.73 9.92
N VAL D 125 -13.90 -11.37 11.15
CA VAL D 125 -14.38 -10.01 11.44
C VAL D 125 -13.28 -9.00 11.14
N LEU D 126 -12.04 -9.32 11.52
CA LEU D 126 -10.92 -8.42 11.24
C LEU D 126 -10.74 -8.21 9.74
N ASP D 127 -10.81 -9.29 8.97
CA ASP D 127 -10.69 -9.15 7.51
C ASP D 127 -11.83 -8.33 6.94
N GLU D 128 -13.06 -8.56 7.42
CA GLU D 128 -14.20 -7.81 6.93
C GLU D 128 -14.08 -6.32 7.21
N VAL D 129 -13.63 -5.97 8.41
CA VAL D 129 -13.52 -4.55 8.73
C VAL D 129 -12.30 -3.92 8.06
N ILE D 130 -11.24 -4.70 7.81
CA ILE D 130 -10.06 -4.17 7.14
C ILE D 130 -10.37 -3.88 5.68
N ASN D 131 -11.10 -4.79 5.02
CA ASN D 131 -11.38 -4.62 3.60
C ASN D 131 -12.31 -3.46 3.29
N ASP D 132 -12.94 -2.86 4.29
CA ASP D 132 -13.89 -1.77 4.09
C ASP D 132 -13.53 -0.56 4.94
N THR D 133 -12.24 -0.21 4.98
CA THR D 133 -11.82 0.94 5.78
C THR D 133 -10.91 1.87 4.99
N TYR D 134 -10.19 1.33 4.00
CA TYR D 134 -9.24 2.09 3.18
C TYR D 134 -8.17 2.75 4.05
N GLY D 135 -7.36 1.90 4.66
CA GLY D 135 -6.28 2.38 5.50
C GLY D 135 -6.20 1.64 6.82
N ALA D 136 -6.97 0.57 6.96
CA ALA D 136 -6.93 -0.22 8.17
C ALA D 136 -5.57 -0.91 8.29
N PRO D 137 -4.90 -0.80 9.44
CA PRO D 137 -3.58 -1.42 9.57
C PRO D 137 -3.65 -2.93 9.69
N ASP D 138 -2.50 -3.57 9.87
CA ASP D 138 -2.47 -5.01 10.09
C ASP D 138 -2.91 -5.31 11.52
N LEU D 139 -4.22 -5.43 11.73
CA LEU D 139 -4.75 -5.60 13.08
C LEU D 139 -4.31 -6.92 13.72
N THR D 140 -3.87 -7.89 12.92
CA THR D 140 -3.34 -9.13 13.48
C THR D 140 -2.08 -8.86 14.31
N LYS D 141 -1.35 -7.80 13.97
CA LYS D 141 -0.18 -7.43 14.77
C LYS D 141 -0.57 -6.99 16.17
N SER D 142 -1.78 -6.43 16.33
CA SER D 142 -2.24 -6.03 17.65
C SER D 142 -2.46 -7.22 18.56
N TYR D 143 -2.76 -8.40 17.99
CA TYR D 143 -2.97 -9.60 18.77
C TYR D 143 -1.73 -10.48 18.86
N THR D 144 -0.84 -10.42 17.87
CA THR D 144 0.36 -11.25 17.89
C THR D 144 1.50 -10.62 18.68
N ASP D 145 1.54 -9.29 18.77
CA ASP D 145 2.59 -8.64 19.54
C ASP D 145 2.50 -9.00 21.02
N LYS D 146 1.29 -9.01 21.57
CA LYS D 146 1.11 -9.41 22.96
C LYS D 146 1.46 -10.88 23.16
N GLU D 147 1.06 -11.73 22.22
CA GLU D 147 1.32 -13.17 22.29
C GLU D 147 0.81 -13.79 23.58
N SER D 150 -2.78 -14.08 28.65
CA SER D 150 -3.34 -14.78 27.50
C SER D 150 -4.61 -15.53 27.88
N ASP D 151 -4.46 -16.62 28.62
CA ASP D 151 -5.56 -17.47 29.06
C ASP D 151 -5.66 -17.35 30.58
N GLU D 152 -6.40 -16.36 31.05
CA GLU D 152 -6.55 -16.10 32.47
C GLU D 152 -7.73 -15.17 32.68
N ILE D 153 -8.24 -15.16 33.92
CA ILE D 153 -9.38 -14.33 34.30
C ILE D 153 -9.00 -13.56 35.56
N MET D 154 -9.26 -12.26 35.56
CA MET D 154 -9.03 -11.40 36.71
C MET D 154 -10.36 -10.91 37.29
N LEU D 155 -10.26 -10.24 38.43
CA LEU D 155 -11.42 -9.67 39.11
C LEU D 155 -11.09 -8.24 39.50
N GLU D 156 -11.73 -7.28 38.84
CA GLU D 156 -11.45 -5.86 39.03
C GLU D 156 -12.60 -5.23 39.81
N ASP D 157 -12.28 -4.63 40.95
CA ASP D 157 -13.27 -4.01 41.82
C ASP D 157 -12.79 -2.65 42.31
N GLU D 158 -12.31 -1.83 41.38
CA GLU D 158 -11.87 -0.45 41.62
C GLU D 158 -10.67 -0.36 42.54
N SER D 159 -9.98 -1.46 42.82
CA SER D 159 -8.79 -1.42 43.65
C SER D 159 -7.67 -2.33 43.16
N GLY D 160 -7.82 -2.97 42.01
CA GLY D 160 -6.82 -3.86 41.48
C GLY D 160 -7.46 -5.11 40.93
N ARG D 161 -6.63 -6.06 40.53
CA ARG D 161 -7.08 -7.33 39.97
C ARG D 161 -6.33 -8.48 40.62
N VAL D 162 -6.98 -9.64 40.66
CA VAL D 162 -6.38 -10.87 41.14
C VAL D 162 -6.73 -12.00 40.19
N LEU D 163 -5.77 -12.90 39.98
CA LEU D 163 -5.99 -14.03 39.08
C LEU D 163 -6.91 -15.04 39.74
N LEU D 164 -7.94 -15.45 38.99
CA LEU D 164 -8.94 -16.40 39.49
C LEU D 164 -8.54 -17.80 39.01
N VAL D 165 -7.74 -18.48 39.82
CA VAL D 165 -7.34 -19.84 39.53
C VAL D 165 -8.32 -20.81 40.15
N GLY D 166 -8.29 -22.06 39.68
CA GLY D 166 -9.12 -23.12 40.21
C GLY D 166 -9.80 -23.87 39.10
N ASP D 167 -10.89 -24.55 39.44
CA ASP D 167 -11.68 -25.31 38.50
C ASP D 167 -13.11 -24.83 38.36
N PHE D 168 -13.70 -24.29 39.43
CA PHE D 168 -15.07 -23.79 39.35
C PHE D 168 -15.16 -22.60 38.41
N ILE D 169 -14.11 -21.79 38.31
CA ILE D 169 -14.13 -20.64 37.41
C ILE D 169 -13.90 -21.05 35.96
N ARG D 170 -13.29 -22.20 35.72
CA ARG D 170 -13.03 -22.64 34.35
C ARG D 170 -14.30 -23.13 33.66
N SER D 171 -15.16 -23.84 34.38
CA SER D 171 -16.37 -24.41 33.79
C SER D 171 -17.53 -23.43 33.84
N THR D 172 -17.30 -22.22 33.35
CA THR D 172 -18.33 -21.20 33.26
C THR D 172 -17.92 -20.14 32.23
N PRO D 173 -18.72 -19.90 31.20
CA PRO D 173 -18.38 -18.84 30.24
C PRO D 173 -18.54 -17.47 30.88
N PHE D 174 -17.60 -16.58 30.59
CA PHE D 174 -17.57 -15.25 31.16
C PHE D 174 -17.31 -14.22 30.07
N ILE D 175 -17.83 -13.01 30.30
CA ILE D 175 -17.64 -11.87 29.41
C ILE D 175 -17.12 -10.72 30.25
N THR D 176 -16.19 -9.94 29.69
CA THR D 176 -15.61 -8.85 30.44
C THR D 176 -16.68 -7.82 30.82
N GLY D 177 -16.52 -7.22 31.99
CA GLY D 177 -17.47 -6.26 32.49
C GLY D 177 -18.59 -6.83 33.34
N VAL D 178 -18.67 -8.15 33.47
CA VAL D 178 -19.70 -8.79 34.28
C VAL D 178 -19.19 -8.91 35.70
N VAL D 179 -19.99 -8.46 36.66
CA VAL D 179 -19.62 -8.52 38.06
C VAL D 179 -20.20 -9.79 38.67
N VAL D 180 -19.48 -10.36 39.64
CA VAL D 180 -19.83 -11.61 40.28
C VAL D 180 -19.49 -11.52 41.77
N GLY D 181 -19.76 -12.61 42.49
CA GLY D 181 -19.58 -12.66 43.92
C GLY D 181 -18.57 -13.69 44.38
N ILE D 182 -17.41 -13.72 43.71
CA ILE D 182 -16.39 -14.74 43.95
C ILE D 182 -16.13 -14.92 45.44
N LEU D 183 -16.14 -16.18 45.89
CA LEU D 183 -15.83 -16.54 47.27
C LEU D 183 -14.81 -17.67 47.22
N GLY D 184 -13.57 -17.36 47.62
CA GLY D 184 -12.52 -18.36 47.61
C GLY D 184 -11.49 -18.18 48.71
N MET D 185 -10.31 -18.75 48.51
CA MET D 185 -9.24 -18.67 49.50
C MET D 185 -7.91 -18.41 48.79
N GLU D 186 -7.14 -17.47 49.33
CA GLU D 186 -5.78 -17.26 48.84
C GLU D 186 -4.90 -18.41 49.30
N ALA D 187 -4.09 -18.95 48.38
CA ALA D 187 -3.33 -20.16 48.65
C ALA D 187 -1.83 -19.91 48.77
N GLU D 188 -1.19 -19.38 47.74
CA GLU D 188 0.26 -19.20 47.78
C GLU D 188 0.78 -17.94 47.14
N ALA D 189 -0.09 -17.06 46.62
CA ALA D 189 0.34 -15.89 45.88
C ALA D 189 -0.85 -14.94 45.77
N GLY D 190 -0.73 -13.93 44.92
CA GLY D 190 -1.82 -13.01 44.67
C GLY D 190 -2.91 -13.60 43.80
N THR D 191 -2.86 -14.92 43.60
CA THR D 191 -3.89 -15.62 42.85
C THR D 191 -4.97 -16.10 43.82
N PHE D 192 -6.22 -15.83 43.46
CA PHE D 192 -7.36 -16.15 44.32
C PHE D 192 -8.10 -17.36 43.77
N GLN D 193 -8.33 -18.35 44.62
CA GLN D 193 -9.12 -19.50 44.23
C GLN D 193 -10.60 -19.14 44.19
N VAL D 194 -11.37 -19.96 43.49
CA VAL D 194 -12.81 -19.76 43.35
C VAL D 194 -13.51 -21.02 43.85
N LEU D 195 -14.43 -20.85 44.79
CA LEU D 195 -15.23 -21.94 45.31
C LEU D 195 -16.71 -21.80 45.00
N ASP D 196 -17.27 -20.60 45.16
CA ASP D 196 -18.66 -20.34 44.82
C ASP D 196 -18.75 -18.97 44.17
N ILE D 197 -19.77 -18.81 43.33
CA ILE D 197 -20.00 -17.58 42.58
C ILE D 197 -21.43 -17.12 42.82
N CYS D 198 -21.59 -15.81 43.07
CA CYS D 198 -22.89 -15.22 43.29
C CYS D 198 -23.26 -14.35 42.09
N TYR D 199 -24.55 -14.33 41.76
CA TYR D 199 -25.08 -13.56 40.64
C TYR D 199 -26.06 -12.53 41.18
N PRO D 200 -26.54 -11.59 40.36
CA PRO D 200 -27.51 -10.61 40.87
C PRO D 200 -28.76 -11.30 41.41
N THR D 201 -29.36 -10.66 42.41
CA THR D 201 -30.50 -11.26 43.10
C THR D 201 -31.64 -11.51 42.12
N PRO D 202 -32.40 -12.59 42.30
CA PRO D 202 -33.48 -12.91 41.34
C PRO D 202 -34.50 -11.78 41.26
N LEU D 203 -34.95 -11.51 40.04
CA LEU D 203 -35.91 -10.49 39.69
C LEU D 203 -37.33 -11.02 39.81
N PRO D 204 -38.31 -10.13 40.04
CA PRO D 204 -39.71 -10.59 40.07
C PRO D 204 -40.17 -11.08 38.71
N GLN D 205 -41.11 -12.02 38.73
CA GLN D 205 -41.69 -12.58 37.53
C GLN D 205 -43.20 -12.62 37.67
N ASN D 206 -43.91 -12.31 36.59
CA ASN D 206 -45.36 -12.34 36.63
C ASN D 206 -45.84 -13.77 36.85
N PRO D 207 -46.94 -13.95 37.59
CA PRO D 207 -47.45 -15.30 37.82
C PRO D 207 -47.93 -15.95 36.53
N PHE D 208 -47.78 -17.26 36.47
CA PHE D 208 -48.19 -18.00 35.29
C PHE D 208 -49.72 -18.02 35.21
N PRO D 209 -50.32 -17.60 34.09
CA PRO D 209 -51.79 -17.53 34.00
C PRO D 209 -52.45 -18.89 33.82
N ALA D 210 -52.62 -19.60 34.93
CA ALA D 210 -53.31 -20.87 34.90
C ALA D 210 -54.78 -20.67 34.56
N PRO D 211 -55.38 -21.55 33.75
CA PRO D 211 -56.78 -21.41 33.35
C PRO D 211 -57.72 -22.29 34.17
N THR D 217 -59.78 -22.26 24.36
CA THR D 217 -59.19 -21.91 25.65
C THR D 217 -57.93 -21.07 25.45
N ARG D 218 -56.85 -21.72 25.03
CA ARG D 218 -55.57 -21.06 24.79
C ARG D 218 -55.03 -21.48 23.44
N GLY D 219 -54.37 -20.53 22.77
CA GLY D 219 -53.85 -20.74 21.44
C GLY D 219 -52.33 -20.86 21.42
N LYS D 220 -51.80 -20.89 20.20
CA LYS D 220 -50.38 -20.99 19.96
C LYS D 220 -49.92 -19.81 19.10
N ILE D 221 -48.61 -19.60 19.07
CA ILE D 221 -48.00 -18.54 18.28
C ILE D 221 -46.87 -19.16 17.45
N ALA D 222 -46.75 -18.70 16.20
CA ALA D 222 -45.75 -19.21 15.27
C ALA D 222 -44.53 -18.29 15.29
N LEU D 223 -43.35 -18.89 15.42
CA LEU D 223 -42.09 -18.15 15.47
C LEU D 223 -41.33 -18.41 14.17
N VAL D 224 -41.17 -17.36 13.37
CA VAL D 224 -40.42 -17.44 12.12
C VAL D 224 -39.50 -16.23 12.03
N SER D 225 -38.29 -16.44 11.54
CA SER D 225 -37.33 -15.35 11.40
C SER D 225 -36.37 -15.69 10.26
N GLY D 226 -35.78 -14.65 9.69
CA GLY D 226 -34.84 -14.83 8.60
C GLY D 226 -35.51 -15.12 7.28
N LEU D 227 -36.52 -14.32 6.93
CA LEU D 227 -37.17 -14.48 5.63
C LEU D 227 -36.17 -14.23 4.49
N ASN D 228 -35.39 -13.16 4.62
CA ASN D 228 -34.31 -12.84 3.68
C ASN D 228 -34.84 -12.78 2.24
N LEU D 229 -35.89 -11.99 2.04
CA LEU D 229 -36.46 -11.81 0.71
C LEU D 229 -35.45 -11.11 -0.19
N ASN D 230 -34.87 -11.86 -1.11
CA ASN D 230 -33.82 -11.37 -1.99
C ASN D 230 -34.30 -11.42 -3.44
N ASN D 231 -33.69 -10.60 -4.27
CA ASN D 231 -34.03 -10.56 -5.69
C ASN D 231 -33.31 -11.63 -6.50
N THR D 232 -32.46 -12.43 -5.86
CA THR D 232 -31.70 -13.47 -6.55
C THR D 232 -32.20 -14.88 -6.28
N SER D 233 -32.68 -15.16 -5.06
CA SER D 233 -33.13 -16.50 -4.71
C SER D 233 -34.64 -16.55 -4.76
N PRO D 234 -35.24 -17.25 -5.73
CA PRO D 234 -36.70 -17.38 -5.77
C PRO D 234 -37.26 -18.51 -4.92
N ASP D 235 -36.42 -19.43 -4.47
CA ASP D 235 -36.89 -20.53 -3.64
C ASP D 235 -37.41 -20.03 -2.29
N ARG D 236 -36.83 -18.95 -1.77
CA ARG D 236 -37.32 -18.37 -0.52
C ARG D 236 -38.75 -17.87 -0.68
N LEU D 237 -39.08 -17.32 -1.85
CA LEU D 237 -40.46 -16.93 -2.12
C LEU D 237 -41.38 -18.16 -2.11
N LEU D 238 -40.92 -19.27 -2.68
CA LEU D 238 -41.71 -20.50 -2.65
C LEU D 238 -41.95 -20.95 -1.22
N ARG D 239 -40.91 -20.94 -0.39
CA ARG D 239 -41.08 -21.34 1.01
C ARG D 239 -42.02 -20.42 1.75
N LEU D 240 -41.93 -19.11 1.49
CA LEU D 240 -42.84 -18.16 2.12
C LEU D 240 -44.28 -18.40 1.70
N GLU D 241 -44.50 -18.69 0.41
CA GLU D 241 -45.84 -18.98 -0.06
C GLU D 241 -46.38 -20.26 0.56
N ILE D 242 -45.53 -21.29 0.69
CA ILE D 242 -45.96 -22.53 1.33
C ILE D 242 -46.33 -22.27 2.79
N LEU D 243 -45.54 -21.44 3.48
CA LEU D 243 -45.87 -21.08 4.84
C LEU D 243 -47.20 -20.33 4.91
N ARG D 244 -47.43 -19.41 3.96
CA ARG D 244 -48.70 -18.69 3.92
C ARG D 244 -49.87 -19.64 3.73
N GLU D 245 -49.72 -20.64 2.85
CA GLU D 245 -50.78 -21.61 2.63
C GLU D 245 -51.00 -22.47 3.86
N PHE D 246 -49.92 -22.89 4.52
CA PHE D 246 -50.03 -23.76 5.69
C PHE D 246 -50.70 -23.06 6.85
N LEU D 247 -50.35 -21.79 7.09
CA LEU D 247 -50.95 -21.04 8.18
C LEU D 247 -52.43 -20.79 7.97
N MET D 248 -52.90 -20.79 6.73
CA MET D 248 -54.31 -20.59 6.42
C MET D 248 -55.12 -21.88 6.48
N GLY D 249 -54.47 -23.01 6.72
CA GLY D 249 -55.16 -24.29 6.75
C GLY D 249 -55.44 -24.90 5.39
N ARG D 250 -54.84 -24.37 4.32
CA ARG D 250 -55.08 -24.90 2.99
C ARG D 250 -54.35 -26.21 2.75
N ILE D 251 -53.23 -26.44 3.43
CA ILE D 251 -52.38 -27.60 3.19
C ILE D 251 -52.67 -28.71 4.20
N ASN D 252 -52.67 -28.38 5.49
CA ASN D 252 -52.84 -29.41 6.52
C ASN D 252 -54.25 -30.00 6.49
N ASN D 253 -55.25 -29.19 6.12
CA ASN D 253 -56.65 -29.60 6.02
C ASN D 253 -57.25 -30.04 7.35
N LYS D 254 -56.57 -29.77 8.46
CA LYS D 254 -57.08 -30.04 9.80
C LYS D 254 -57.30 -28.69 10.48
N ILE D 255 -58.52 -28.14 10.29
CA ILE D 255 -58.83 -26.82 10.84
C ILE D 255 -58.79 -26.85 12.37
N ASP D 256 -59.09 -27.99 12.98
CA ASP D 256 -59.12 -28.09 14.43
C ASP D 256 -57.77 -27.81 15.06
N ASP D 257 -56.68 -27.96 14.31
CA ASP D 257 -55.35 -27.62 14.82
C ASP D 257 -54.82 -26.32 14.26
N ILE D 258 -55.14 -25.98 13.01
CA ILE D 258 -54.66 -24.73 12.42
C ILE D 258 -55.32 -23.54 13.10
N SER D 259 -56.60 -23.66 13.45
CA SER D 259 -57.31 -22.55 14.08
C SER D 259 -56.78 -22.22 15.47
N LEU D 260 -55.93 -23.08 16.04
CA LEU D 260 -55.34 -22.80 17.34
C LEU D 260 -54.10 -21.92 17.26
N ILE D 261 -53.61 -21.63 16.05
CA ILE D 261 -52.43 -20.78 15.88
C ILE D 261 -52.94 -19.34 15.86
N GLY D 262 -52.94 -18.70 17.03
CA GLY D 262 -53.55 -17.39 17.17
C GLY D 262 -52.84 -16.30 16.39
N ARG D 263 -51.51 -16.28 16.44
CA ARG D 263 -50.75 -15.18 15.86
C ARG D 263 -49.52 -15.70 15.14
N LEU D 264 -49.02 -14.88 14.23
CA LEU D 264 -47.78 -15.12 13.51
C LEU D 264 -46.78 -14.05 13.90
N LEU D 265 -45.54 -14.45 14.19
CA LEU D 265 -44.51 -13.54 14.66
C LEU D 265 -43.29 -13.65 13.75
N ILE D 266 -42.97 -12.57 13.05
CA ILE D 266 -41.74 -12.46 12.27
C ILE D 266 -40.71 -11.75 13.14
N CYS D 267 -39.56 -12.38 13.33
CA CYS D 267 -38.55 -11.91 14.27
C CYS D 267 -37.32 -11.32 13.57
N GLY D 268 -37.54 -10.60 12.48
CA GLY D 268 -36.48 -9.87 11.82
C GLY D 268 -35.95 -10.57 10.58
N ASN D 269 -35.01 -9.89 9.93
CA ASN D 269 -34.38 -10.37 8.69
C ASN D 269 -35.43 -10.71 7.64
N SER D 270 -36.40 -9.81 7.47
CA SER D 270 -37.41 -10.01 6.43
C SER D 270 -36.80 -9.95 5.04
N VAL D 271 -35.89 -9.01 4.82
CA VAL D 271 -35.23 -8.83 3.54
C VAL D 271 -33.73 -8.80 3.75
N ASP D 272 -32.98 -9.42 2.84
CA ASP D 272 -31.53 -9.47 2.90
C ASP D 272 -30.94 -8.71 1.72
N PHE D 273 -30.04 -7.78 2.01
CA PHE D 273 -29.42 -6.97 0.96
C PHE D 273 -28.08 -6.44 1.46
N ASP D 274 -27.27 -5.99 0.51
CA ASP D 274 -25.98 -5.38 0.80
C ASP D 274 -26.17 -3.87 0.83
N ILE D 275 -26.16 -3.29 2.04
CA ILE D 275 -26.41 -1.86 2.18
C ILE D 275 -25.27 -1.03 1.60
N LYS D 276 -24.07 -1.62 1.45
CA LYS D 276 -22.95 -0.88 0.88
C LYS D 276 -23.23 -0.49 -0.56
N SER D 277 -23.82 -1.40 -1.34
CA SER D 277 -24.15 -1.16 -2.74
C SER D 277 -25.61 -1.58 -2.95
N VAL D 278 -26.52 -0.61 -2.89
CA VAL D 278 -27.94 -0.87 -3.02
C VAL D 278 -28.62 0.39 -3.53
N ASN D 279 -29.73 0.21 -4.23
CA ASN D 279 -30.56 1.31 -4.71
C ASN D 279 -32.00 1.07 -4.27
N LYS D 280 -32.87 2.03 -4.61
CA LYS D 280 -34.24 1.99 -4.12
C LYS D 280 -35.10 0.97 -4.85
N ASP D 281 -34.79 0.68 -6.11
CA ASP D 281 -35.72 -0.10 -6.94
C ASP D 281 -35.80 -1.56 -6.46
N GLU D 282 -34.66 -2.20 -6.26
CA GLU D 282 -34.67 -3.62 -5.89
C GLU D 282 -35.21 -3.81 -4.47
N LEU D 283 -34.85 -2.91 -3.55
CA LEU D 283 -35.43 -2.96 -2.22
C LEU D 283 -36.93 -2.75 -2.27
N MET D 284 -37.39 -1.86 -3.15
CA MET D 284 -38.83 -1.65 -3.31
C MET D 284 -39.52 -2.90 -3.84
N ILE D 285 -38.86 -3.61 -4.76
CA ILE D 285 -39.42 -4.86 -5.26
C ILE D 285 -39.58 -5.87 -4.12
N SER D 286 -38.53 -6.00 -3.29
CA SER D 286 -38.60 -6.94 -2.18
C SER D 286 -39.70 -6.55 -1.18
N LEU D 287 -39.80 -5.26 -0.87
CA LEU D 287 -40.86 -4.82 0.04
C LEU D 287 -42.24 -4.99 -0.56
N THR D 288 -42.39 -4.85 -1.88
CA THR D 288 -43.68 -5.11 -2.50
C THR D 288 -44.04 -6.59 -2.42
N GLU D 289 -43.06 -7.47 -2.59
CA GLU D 289 -43.32 -8.90 -2.40
C GLU D 289 -43.74 -9.19 -0.95
N PHE D 290 -43.06 -8.57 0.00
CA PHE D 290 -43.42 -8.74 1.41
C PHE D 290 -44.83 -8.23 1.67
N SER D 291 -45.19 -7.09 1.08
CA SER D 291 -46.52 -6.53 1.25
C SER D 291 -47.58 -7.41 0.62
N LYS D 292 -47.28 -8.01 -0.53
CA LYS D 292 -48.21 -8.97 -1.14
C LYS D 292 -48.44 -10.15 -0.22
N PHE D 293 -47.37 -10.70 0.36
CA PHE D 293 -47.52 -11.81 1.30
C PHE D 293 -48.38 -11.39 2.50
N LEU D 294 -48.11 -10.20 3.04
CA LEU D 294 -48.87 -9.73 4.19
C LEU D 294 -50.35 -9.57 3.86
N HIS D 295 -50.64 -8.94 2.71
CA HIS D 295 -52.03 -8.73 2.31
C HIS D 295 -52.74 -10.04 2.07
N ASN D 296 -52.03 -11.04 1.55
CA ASN D 296 -52.65 -12.34 1.32
C ASN D 296 -52.73 -13.19 2.58
N ILE D 297 -52.03 -12.82 3.66
CA ILE D 297 -52.12 -13.55 4.91
C ILE D 297 -52.85 -12.80 6.01
N LEU D 298 -52.97 -11.47 5.90
CA LEU D 298 -53.61 -10.70 6.97
C LEU D 298 -55.07 -11.07 7.24
N PRO D 299 -55.94 -11.27 6.24
CA PRO D 299 -57.35 -11.53 6.56
C PRO D 299 -57.59 -12.80 7.35
N SER D 300 -56.63 -13.72 7.38
CA SER D 300 -56.84 -14.99 8.07
C SER D 300 -56.14 -15.07 9.42
N ILE D 301 -55.09 -14.28 9.65
CA ILE D 301 -54.32 -14.35 10.89
C ILE D 301 -53.65 -13.00 11.14
N SER D 302 -53.36 -12.73 12.41
CA SER D 302 -52.70 -11.49 12.79
C SER D 302 -51.18 -11.64 12.65
N VAL D 303 -50.52 -10.52 12.34
CA VAL D 303 -49.10 -10.50 12.03
C VAL D 303 -48.41 -9.46 12.90
N ASP D 304 -47.31 -9.85 13.55
CA ASP D 304 -46.44 -8.95 14.28
C ASP D 304 -45.05 -9.01 13.66
N ILE D 305 -44.50 -7.86 13.31
CA ILE D 305 -43.26 -7.77 12.54
C ILE D 305 -42.19 -7.10 13.39
N MET D 306 -40.99 -7.67 13.35
CA MET D 306 -39.83 -7.19 14.09
C MET D 306 -38.71 -6.78 13.14
N PRO D 307 -38.02 -5.67 13.42
CA PRO D 307 -36.86 -5.32 12.61
C PRO D 307 -35.72 -6.30 12.80
N GLY D 308 -34.91 -6.44 11.76
CA GLY D 308 -33.79 -7.37 11.76
C GLY D 308 -32.46 -6.67 11.58
N THR D 309 -31.40 -7.47 11.64
CA THR D 309 -30.05 -6.93 11.49
C THR D 309 -29.82 -6.38 10.08
N ASN D 310 -30.28 -7.10 9.06
CA ASN D 310 -30.13 -6.66 7.67
C ASN D 310 -31.38 -5.99 7.14
N ASP D 311 -32.39 -5.78 7.98
CA ASP D 311 -33.59 -5.08 7.58
C ASP D 311 -33.33 -3.58 7.45
N PRO D 312 -34.15 -2.87 6.67
CA PRO D 312 -33.95 -1.41 6.55
C PRO D 312 -34.34 -0.66 7.81
N SER D 313 -33.58 -0.87 8.88
CA SER D 313 -33.79 -0.19 10.14
C SER D 313 -32.44 0.09 10.77
N ASP D 314 -32.46 0.77 11.91
CA ASP D 314 -31.23 1.26 12.53
C ASP D 314 -30.25 0.14 12.82
N LYS D 315 -28.96 0.41 12.59
CA LYS D 315 -27.93 -0.60 12.81
C LYS D 315 -27.77 -0.97 14.28
N SER D 316 -28.25 -0.14 15.20
CA SER D 316 -28.13 -0.44 16.61
C SER D 316 -29.16 -1.50 17.01
N LEU D 317 -29.11 -1.92 18.26
CA LEU D 317 -29.98 -3.01 18.70
C LEU D 317 -31.40 -2.53 18.99
N PRO D 318 -31.62 -1.40 19.70
CA PRO D 318 -33.00 -0.91 19.85
C PRO D 318 -33.55 -0.32 18.56
N GLN D 319 -33.96 -1.19 17.64
CA GLN D 319 -34.47 -0.75 16.35
C GLN D 319 -35.96 -0.42 16.45
N GLN D 320 -36.30 0.81 16.05
CA GLN D 320 -37.68 1.28 16.13
C GLN D 320 -38.54 0.60 15.07
N PRO D 321 -39.87 0.64 15.23
CA PRO D 321 -40.75 0.09 14.19
C PRO D 321 -40.44 0.69 12.83
N PHE D 322 -40.76 -0.07 11.77
CA PHE D 322 -40.23 0.25 10.45
C PHE D 322 -40.64 1.63 9.98
N HIS D 323 -41.90 1.79 9.61
CA HIS D 323 -42.57 3.01 9.12
C HIS D 323 -44.01 2.63 8.80
N LYS D 324 -44.83 3.65 8.59
CA LYS D 324 -46.12 3.42 7.92
C LYS D 324 -45.91 3.22 6.42
N SER D 325 -44.84 3.78 5.87
CA SER D 325 -44.51 3.63 4.47
C SER D 325 -43.76 2.31 4.26
N LEU D 326 -43.11 2.17 3.11
CA LEU D 326 -42.38 0.98 2.71
C LEU D 326 -43.29 -0.24 2.55
N PHE D 327 -44.58 -0.01 2.39
CA PHE D 327 -45.55 -1.07 2.15
C PHE D 327 -46.48 -0.65 1.02
N ASP D 328 -47.07 -1.64 0.36
CA ASP D 328 -47.93 -1.37 -0.77
C ASP D 328 -49.19 -0.62 -0.34
N LYS D 329 -49.77 0.09 -1.29
CA LYS D 329 -51.00 0.85 -1.03
C LYS D 329 -52.19 -0.04 -0.71
N SER D 330 -52.09 -1.34 -0.98
CA SER D 330 -53.17 -2.25 -0.61
C SER D 330 -53.27 -2.45 0.89
N LEU D 331 -52.22 -2.12 1.64
CA LEU D 331 -52.21 -2.27 3.09
C LEU D 331 -52.50 -0.98 3.82
N GLU D 332 -52.93 0.07 3.10
CA GLU D 332 -53.18 1.36 3.75
C GLU D 332 -54.33 1.30 4.75
N SER D 333 -55.25 0.34 4.58
CA SER D 333 -56.35 0.21 5.53
C SER D 333 -55.87 -0.26 6.89
N TYR D 334 -54.84 -1.12 6.92
CA TYR D 334 -54.32 -1.63 8.18
C TYR D 334 -53.50 -0.59 8.93
N PHE D 335 -53.02 0.44 8.25
CA PHE D 335 -52.16 1.45 8.85
C PHE D 335 -52.89 2.71 9.25
N ASN D 336 -54.22 2.70 9.23
CA ASN D 336 -54.99 3.87 9.62
C ASN D 336 -54.93 4.14 11.12
N GLY D 337 -54.41 3.21 11.92
CA GLY D 337 -54.26 3.36 13.34
C GLY D 337 -55.28 2.59 14.16
N SER D 338 -56.50 2.45 13.65
CA SER D 338 -57.54 1.73 14.39
C SER D 338 -57.32 0.22 14.34
N ASN D 339 -56.66 -0.29 13.30
CA ASN D 339 -56.46 -1.73 13.14
C ASN D 339 -55.04 -2.06 13.56
N LYS D 340 -54.86 -2.26 14.86
CA LYS D 340 -53.56 -2.62 15.42
C LYS D 340 -53.49 -4.06 15.91
N GLU D 341 -54.64 -4.69 16.20
CA GLU D 341 -54.65 -6.07 16.66
C GLU D 341 -54.40 -7.08 15.55
N ILE D 342 -54.47 -6.67 14.29
CA ILE D 342 -54.30 -7.59 13.17
C ILE D 342 -52.93 -7.37 12.53
N LEU D 343 -52.42 -6.16 12.62
CA LEU D 343 -51.08 -5.84 12.14
C LEU D 343 -50.42 -4.91 13.14
N ASN D 344 -49.17 -5.22 13.50
CA ASN D 344 -48.45 -4.42 14.50
C ASN D 344 -46.97 -4.43 14.18
N LEU D 345 -46.41 -3.25 13.94
CA LEU D 345 -44.97 -3.08 13.78
C LEU D 345 -44.39 -2.62 15.10
N VAL D 346 -43.34 -3.30 15.56
CA VAL D 346 -42.90 -3.18 16.94
C VAL D 346 -41.39 -3.00 16.98
N THR D 347 -40.91 -2.50 18.11
CA THR D 347 -39.48 -2.33 18.34
C THR D 347 -38.79 -3.69 18.35
N ASN D 348 -37.51 -3.70 17.98
CA ASN D 348 -36.77 -4.96 17.87
C ASN D 348 -36.73 -5.73 19.19
N PRO D 349 -36.36 -5.14 20.33
CA PRO D 349 -36.59 -5.85 21.61
C PRO D 349 -37.95 -5.48 22.16
N TYR D 350 -38.77 -6.48 22.51
CA TYR D 350 -40.11 -6.21 23.00
C TYR D 350 -40.56 -7.34 23.91
N GLU D 351 -41.55 -7.02 24.74
CA GLU D 351 -42.12 -7.96 25.70
C GLU D 351 -43.62 -8.05 25.42
N PHE D 352 -44.02 -9.03 24.61
CA PHE D 352 -45.43 -9.26 24.33
C PHE D 352 -46.10 -9.93 25.52
N SER D 353 -47.25 -9.40 25.92
CA SER D 353 -48.07 -10.03 26.95
C SER D 353 -49.17 -10.86 26.30
N TYR D 354 -48.74 -11.97 25.71
CA TYR D 354 -49.65 -12.85 24.96
C TYR D 354 -50.56 -13.58 25.94
N ASN D 355 -51.78 -13.06 26.12
CA ASN D 355 -52.77 -13.66 27.02
C ASN D 355 -52.20 -13.82 28.43
N GLY D 356 -51.43 -12.83 28.87
CA GLY D 356 -50.82 -12.87 30.18
C GLY D 356 -49.46 -13.53 30.23
N VAL D 357 -49.03 -14.17 29.14
CA VAL D 357 -47.72 -14.83 29.08
C VAL D 357 -46.74 -13.80 28.53
N ASP D 358 -45.92 -13.23 29.41
CA ASP D 358 -44.94 -12.23 29.00
C ASP D 358 -43.77 -12.93 28.30
N VAL D 359 -43.54 -12.61 27.03
CA VAL D 359 -42.48 -13.20 26.23
C VAL D 359 -41.56 -12.10 25.75
N LEU D 360 -40.26 -12.30 25.91
CA LEU D 360 -39.24 -11.34 25.49
C LEU D 360 -38.60 -11.84 24.21
N ALA D 361 -38.62 -10.99 23.17
CA ALA D 361 -38.13 -11.36 21.85
C ALA D 361 -36.93 -10.49 21.48
N VAL D 362 -35.86 -11.14 21.05
CA VAL D 362 -34.65 -10.46 20.55
C VAL D 362 -34.30 -11.07 19.21
N SER D 363 -33.97 -10.21 18.24
CA SER D 363 -33.62 -10.69 16.91
C SER D 363 -32.30 -11.44 16.87
N GLY D 364 -31.52 -11.42 17.95
CA GLY D 364 -30.31 -12.19 18.03
C GLY D 364 -29.02 -11.43 17.79
N LYS D 365 -29.07 -10.10 17.70
CA LYS D 365 -27.86 -9.34 17.47
C LYS D 365 -26.90 -9.42 18.65
N ASN D 366 -27.42 -9.48 19.88
CA ASN D 366 -26.55 -9.54 21.06
C ASN D 366 -25.74 -10.82 21.07
N ILE D 367 -26.41 -11.96 20.89
CA ILE D 367 -25.69 -13.24 20.93
C ILE D 367 -24.75 -13.37 19.75
N ASN D 368 -25.15 -12.86 18.58
CA ASN D 368 -24.27 -12.87 17.42
C ASN D 368 -23.03 -12.02 17.65
N ASP D 369 -23.19 -10.87 18.31
CA ASP D 369 -22.04 -10.02 18.62
C ASP D 369 -21.14 -10.67 19.67
N ILE D 370 -21.72 -11.39 20.62
CA ILE D 370 -20.88 -12.10 21.59
C ILE D 370 -20.09 -13.21 20.90
N CYS D 371 -20.70 -13.88 19.92
CA CYS D 371 -20.06 -15.01 19.27
C CYS D 371 -18.99 -14.61 18.27
N LYS D 372 -18.86 -13.32 17.94
CA LYS D 372 -17.78 -12.89 17.06
C LYS D 372 -16.46 -12.71 17.79
N TYR D 373 -16.45 -12.90 19.10
CA TYR D 373 -15.24 -12.84 19.91
C TYR D 373 -14.72 -14.24 20.17
N VAL D 374 -13.41 -14.42 20.02
CA VAL D 374 -12.75 -15.65 20.43
C VAL D 374 -12.14 -15.41 21.81
N ILE D 375 -12.57 -16.20 22.79
CA ILE D 375 -12.17 -16.03 24.18
C ILE D 375 -11.22 -17.18 24.53
N PRO D 376 -9.94 -16.91 24.79
CA PRO D 376 -9.03 -17.99 25.19
C PRO D 376 -9.30 -18.46 26.62
N SER D 377 -10.54 -18.87 26.87
CA SER D 377 -10.95 -19.38 28.17
C SER D 377 -12.09 -20.37 27.97
N ASN D 378 -12.65 -20.85 29.07
CA ASN D 378 -13.74 -21.83 29.04
C ASN D 378 -13.35 -23.07 28.24
N ASP D 379 -12.26 -23.70 28.67
CA ASP D 379 -11.76 -24.89 27.98
C ASP D 379 -12.77 -26.02 28.04
N ASN D 380 -13.40 -26.22 29.19
CA ASN D 380 -14.40 -27.27 29.34
C ASN D 380 -15.79 -26.67 29.56
N PHE D 395 -17.82 -26.45 24.12
CA PHE D 395 -18.37 -26.62 22.78
C PHE D 395 -17.83 -25.56 21.83
N LYS D 396 -17.71 -25.93 20.55
CA LYS D 396 -17.18 -25.05 19.51
C LYS D 396 -18.26 -24.85 18.45
N ASP D 397 -18.85 -23.66 18.42
CA ASP D 397 -19.89 -23.31 17.44
C ASP D 397 -21.03 -24.33 17.45
N ASP D 398 -21.45 -24.72 18.65
CA ASP D 398 -22.51 -25.70 18.83
C ASP D 398 -23.74 -25.04 19.47
N ILE D 399 -24.87 -25.73 19.36
CA ILE D 399 -26.11 -25.22 19.93
C ILE D 399 -26.00 -25.13 21.45
N GLU D 400 -25.30 -26.08 22.06
CA GLU D 400 -25.17 -26.07 23.52
C GLU D 400 -24.42 -24.84 24.00
N HIS D 401 -23.37 -24.44 23.27
CA HIS D 401 -22.59 -23.27 23.68
C HIS D 401 -23.43 -22.00 23.61
N ARG D 402 -24.21 -21.83 22.55
CA ARG D 402 -25.07 -20.66 22.43
C ARG D 402 -26.17 -20.67 23.48
N LEU D 403 -26.73 -21.86 23.76
CA LEU D 403 -27.73 -21.96 24.83
C LEU D 403 -27.14 -21.57 26.18
N ASP D 404 -25.92 -21.99 26.45
CA ASP D 404 -25.25 -21.58 27.67
C ASP D 404 -25.03 -20.07 27.71
N LEU D 405 -24.69 -19.48 26.56
CA LEU D 405 -24.53 -18.04 26.50
C LEU D 405 -25.84 -17.32 26.84
N MET D 406 -26.96 -17.80 26.30
CA MET D 406 -28.25 -17.20 26.61
C MET D 406 -28.62 -17.37 28.07
N GLU D 407 -28.33 -18.54 28.63
CA GLU D 407 -28.58 -18.77 30.05
C GLU D 407 -27.76 -17.82 30.91
N CYS D 408 -26.51 -17.58 30.53
CA CYS D 408 -25.69 -16.60 31.23
C CYS D 408 -26.26 -15.20 31.09
N THR D 409 -26.79 -14.89 29.91
CA THR D 409 -27.43 -13.59 29.69
C THR D 409 -28.57 -13.37 30.68
N MET D 410 -29.41 -14.38 30.88
CA MET D 410 -30.42 -14.29 31.93
C MET D 410 -29.80 -14.23 33.33
N LYS D 411 -28.73 -14.99 33.57
CA LYS D 411 -28.12 -14.96 34.89
C LYS D 411 -27.54 -13.59 35.21
N TRP D 412 -26.89 -12.94 34.24
CA TRP D 412 -26.31 -11.63 34.46
C TRP D 412 -27.33 -10.50 34.44
N GLN D 413 -28.56 -10.77 34.00
CA GLN D 413 -29.60 -9.76 33.85
C GLN D 413 -29.15 -8.63 32.93
N ASN D 414 -28.39 -8.96 31.89
CA ASN D 414 -27.91 -7.99 30.92
C ASN D 414 -28.15 -8.56 29.52
N ILE D 415 -29.09 -7.96 28.80
CA ILE D 415 -29.44 -8.46 27.47
C ILE D 415 -28.25 -8.34 26.52
N ALA D 416 -27.49 -7.26 26.64
CA ALA D 416 -26.37 -6.97 25.75
C ALA D 416 -25.09 -6.81 26.56
N PRO D 417 -24.41 -7.91 26.88
CA PRO D 417 -23.12 -7.78 27.60
C PRO D 417 -22.08 -7.00 26.83
N THR D 418 -22.06 -7.11 25.51
CA THR D 418 -21.09 -6.39 24.67
C THR D 418 -21.73 -5.08 24.23
N ALA D 419 -21.74 -4.11 25.15
CA ALA D 419 -22.33 -2.81 24.86
C ALA D 419 -21.67 -2.09 23.69
N PRO D 420 -20.34 -2.01 23.58
CA PRO D 420 -19.75 -1.29 22.43
C PRO D 420 -20.09 -1.90 21.09
N ASP D 421 -20.47 -3.17 21.03
CA ASP D 421 -20.78 -3.82 19.77
C ASP D 421 -22.25 -3.69 19.39
N THR D 422 -23.15 -3.97 20.32
CA THR D 422 -24.58 -3.93 20.04
C THR D 422 -25.18 -2.57 20.30
N LEU D 423 -24.90 -1.99 21.45
CA LEU D 423 -25.50 -0.71 21.84
C LEU D 423 -24.86 0.44 21.06
N TRP D 424 -25.60 1.54 20.96
CA TRP D 424 -25.17 2.74 20.28
C TRP D 424 -25.09 3.89 21.27
N CYS D 425 -24.77 5.08 20.76
CA CYS D 425 -24.70 6.26 21.60
C CYS D 425 -26.08 6.63 22.12
N TYR D 426 -26.14 7.02 23.39
CA TYR D 426 -27.37 7.45 24.06
C TYR D 426 -28.43 6.34 24.02
N PRO D 427 -28.25 5.24 24.76
CA PRO D 427 -29.35 4.28 24.91
C PRO D 427 -30.49 4.87 25.73
N TYR D 428 -30.15 5.52 26.84
CA TYR D 428 -31.11 6.17 27.72
C TYR D 428 -30.33 7.03 28.70
N THR D 429 -31.06 7.68 29.62
CA THR D 429 -30.47 8.54 30.64
C THR D 429 -30.77 7.95 32.01
N ASP D 430 -29.73 7.46 32.68
CA ASP D 430 -29.74 6.96 34.05
C ASP D 430 -30.59 5.72 34.24
N LYS D 431 -31.22 5.19 33.18
CA LYS D 431 -32.02 3.96 33.29
C LYS D 431 -31.89 3.23 31.96
N ASP D 432 -30.93 2.32 31.88
CA ASP D 432 -30.72 1.53 30.68
C ASP D 432 -31.76 0.43 30.61
N PRO D 433 -32.56 0.36 29.54
CA PRO D 433 -33.57 -0.70 29.44
C PRO D 433 -32.99 -2.07 29.23
N PHE D 434 -31.74 -2.17 28.78
CA PHE D 434 -31.16 -3.47 28.48
C PHE D 434 -30.79 -4.24 29.74
N VAL D 435 -30.67 -3.56 30.88
CA VAL D 435 -30.52 -4.25 32.16
C VAL D 435 -31.89 -4.73 32.60
N LEU D 436 -32.01 -6.04 32.82
CA LEU D 436 -33.32 -6.63 33.07
C LEU D 436 -33.92 -6.12 34.36
N ASP D 437 -35.22 -5.80 34.31
CA ASP D 437 -35.97 -5.40 35.49
C ASP D 437 -37.07 -6.39 35.84
N LYS D 438 -37.38 -7.34 34.98
CA LYS D 438 -38.41 -8.34 35.24
C LYS D 438 -38.19 -9.51 34.30
N TRP D 439 -37.98 -10.70 34.86
CA TRP D 439 -37.78 -11.89 34.05
C TRP D 439 -39.07 -12.25 33.30
N PRO D 440 -38.98 -12.57 32.01
CA PRO D 440 -40.17 -12.97 31.26
C PRO D 440 -40.45 -14.46 31.43
N HIS D 441 -41.61 -14.86 30.94
CA HIS D 441 -41.96 -16.29 30.96
C HIS D 441 -41.18 -17.06 29.89
N VAL D 442 -41.06 -16.49 28.69
CA VAL D 442 -40.43 -17.14 27.56
C VAL D 442 -39.42 -16.19 26.95
N TYR D 443 -38.24 -16.73 26.62
CA TYR D 443 -37.17 -15.96 26.01
C TYR D 443 -36.92 -16.47 24.60
N ILE D 444 -36.90 -15.54 23.63
CA ILE D 444 -36.74 -15.89 22.22
C ILE D 444 -35.54 -15.15 21.67
N VAL D 445 -34.63 -15.88 21.04
CA VAL D 445 -33.51 -15.31 20.30
C VAL D 445 -33.56 -15.88 18.89
N ALA D 446 -33.71 -15.01 17.90
CA ALA D 446 -33.95 -15.43 16.53
C ALA D 446 -32.67 -15.30 15.69
N ASN D 447 -32.79 -15.71 14.43
CA ASN D 447 -31.70 -15.63 13.47
C ASN D 447 -30.46 -16.37 13.96
N GLN D 448 -30.68 -17.51 14.60
CA GLN D 448 -29.58 -18.34 15.08
C GLN D 448 -29.30 -19.47 14.11
N PRO D 449 -28.06 -19.92 14.00
CA PRO D 449 -27.75 -20.99 13.04
C PRO D 449 -28.46 -22.31 13.33
N TYR D 450 -28.81 -22.57 14.59
CA TYR D 450 -29.45 -23.82 14.96
C TYR D 450 -30.61 -23.56 15.89
N PHE D 451 -31.54 -24.51 15.94
CA PHE D 451 -32.72 -24.43 16.79
C PHE D 451 -32.49 -25.24 18.06
N GLY D 452 -32.98 -24.70 19.18
CA GLY D 452 -32.86 -25.40 20.45
C GLY D 452 -33.66 -24.74 21.56
N THR D 453 -34.22 -25.55 22.46
CA THR D 453 -34.97 -25.06 23.59
C THR D 453 -34.37 -25.59 24.89
N ARG D 454 -34.42 -24.77 25.93
CA ARG D 454 -33.90 -25.15 27.24
C ARG D 454 -34.57 -24.28 28.29
N VAL D 455 -35.07 -24.92 29.34
CA VAL D 455 -35.65 -24.22 30.48
C VAL D 455 -34.64 -24.21 31.61
N VAL D 456 -34.48 -23.05 32.24
CA VAL D 456 -33.48 -22.85 33.28
C VAL D 456 -34.17 -22.41 34.56
N GLU D 457 -33.69 -22.92 35.68
CA GLU D 457 -34.19 -22.57 37.01
C GLU D 457 -33.18 -21.63 37.65
N ILE D 458 -33.53 -20.35 37.76
CA ILE D 458 -32.67 -19.33 38.34
C ILE D 458 -33.41 -18.72 39.52
N GLY D 459 -32.90 -18.95 40.72
CA GLY D 459 -33.49 -18.34 41.91
C GLY D 459 -34.94 -18.69 42.15
N GLY D 460 -35.32 -19.92 41.83
CA GLY D 460 -36.69 -20.36 42.02
C GLY D 460 -37.64 -20.02 40.90
N LYS D 461 -37.20 -19.27 39.89
CA LYS D 461 -38.02 -18.92 38.75
C LYS D 461 -37.64 -19.76 37.55
N ASN D 462 -38.57 -19.85 36.59
CA ASN D 462 -38.40 -20.65 35.39
C ASN D 462 -38.54 -19.76 34.16
N ILE D 463 -37.51 -19.75 33.32
CA ILE D 463 -37.51 -19.01 32.06
C ILE D 463 -37.20 -19.97 30.95
N LYS D 464 -38.01 -19.96 29.89
CA LYS D 464 -37.81 -20.84 28.75
C LYS D 464 -37.06 -20.09 27.65
N ILE D 465 -35.98 -20.69 27.17
CA ILE D 465 -35.13 -20.09 26.15
C ILE D 465 -35.37 -20.81 24.83
N ILE D 466 -35.66 -20.04 23.79
CA ILE D 466 -35.96 -20.57 22.46
C ILE D 466 -34.99 -19.96 21.46
N SER D 467 -34.34 -20.80 20.68
CA SER D 467 -33.42 -20.37 19.64
C SER D 467 -34.09 -20.61 18.28
N VAL D 468 -34.47 -19.53 17.62
CA VAL D 468 -35.21 -19.60 16.36
C VAL D 468 -34.20 -19.64 15.21
N PRO D 469 -34.23 -20.66 14.37
CA PRO D 469 -33.32 -20.70 13.22
C PRO D 469 -33.78 -19.80 12.10
N GLU D 470 -32.87 -19.55 11.17
CA GLU D 470 -33.18 -18.76 9.99
C GLU D 470 -34.14 -19.51 9.08
N PHE D 471 -35.02 -18.77 8.42
CA PHE D 471 -35.98 -19.37 7.51
C PHE D 471 -35.46 -19.55 6.10
N SER D 472 -34.44 -18.78 5.70
CA SER D 472 -33.90 -18.92 4.36
C SER D 472 -33.28 -20.29 4.14
N SER D 473 -32.52 -20.77 5.13
CA SER D 473 -31.94 -22.10 5.12
C SER D 473 -32.55 -22.92 6.24
N THR D 474 -33.02 -24.13 5.92
CA THR D 474 -33.72 -24.98 6.86
C THR D 474 -34.90 -24.24 7.48
N GLY D 475 -35.88 -23.95 6.62
CA GLY D 475 -36.97 -23.07 6.96
C GLY D 475 -37.96 -23.67 7.95
N MET D 476 -37.51 -23.86 9.18
CA MET D 476 -38.38 -24.33 10.25
C MET D 476 -39.06 -23.16 10.95
N ILE D 477 -40.30 -23.39 11.37
CA ILE D 477 -41.01 -22.43 12.20
C ILE D 477 -41.35 -23.11 13.52
N ILE D 478 -41.39 -22.31 14.58
CA ILE D 478 -41.61 -22.82 15.93
C ILE D 478 -43.03 -22.47 16.36
N LEU D 479 -43.80 -23.50 16.71
CA LEU D 479 -45.15 -23.32 17.22
C LEU D 479 -45.09 -23.42 18.75
N LEU D 480 -45.27 -22.29 19.42
CA LEU D 480 -45.17 -22.22 20.87
C LEU D 480 -46.56 -22.23 21.49
N ASP D 481 -46.81 -23.20 22.36
CA ASP D 481 -48.08 -23.28 23.06
C ASP D 481 -48.09 -22.30 24.23
N LEU D 482 -49.18 -21.55 24.37
CA LEU D 482 -49.31 -20.58 25.44
C LEU D 482 -49.93 -21.15 26.70
N GLU D 483 -50.34 -22.42 26.68
CA GLU D 483 -50.91 -23.05 27.86
C GLU D 483 -49.96 -24.02 28.54
N THR D 484 -48.98 -24.56 27.82
CA THR D 484 -48.03 -25.50 28.39
C THR D 484 -46.59 -25.22 28.01
N LEU D 485 -46.32 -24.21 27.17
CA LEU D 485 -44.97 -23.80 26.82
C LEU D 485 -44.17 -24.95 26.21
N GLU D 486 -44.71 -25.52 25.14
CA GLU D 486 -44.02 -26.54 24.35
C GLU D 486 -43.80 -26.02 22.95
N ALA D 487 -42.58 -26.19 22.45
CA ALA D 487 -42.19 -25.70 21.13
C ALA D 487 -42.08 -26.88 20.18
N GLU D 488 -42.98 -26.94 19.20
CA GLU D 488 -42.95 -27.95 18.15
C GLU D 488 -42.58 -27.29 16.83
N THR D 489 -41.79 -27.99 16.02
CA THR D 489 -41.23 -27.42 14.80
C THR D 489 -41.98 -27.91 13.57
N VAL D 490 -42.10 -27.03 12.59
CA VAL D 490 -42.69 -27.34 11.29
C VAL D 490 -41.65 -27.03 10.23
N LYS D 491 -41.26 -28.05 9.47
CA LYS D 491 -40.19 -27.94 8.48
C LYS D 491 -40.78 -27.99 7.08
N ILE D 492 -40.34 -27.08 6.21
CA ILE D 492 -40.78 -27.01 4.83
C ILE D 492 -39.56 -27.22 3.94
N ASP D 493 -39.64 -28.21 3.05
CA ASP D 493 -38.51 -28.54 2.19
C ASP D 493 -38.17 -27.38 1.26
N ILE D 494 -39.09 -27.01 0.38
CA ILE D 494 -38.86 -25.94 -0.58
C ILE D 494 -40.13 -25.12 -0.81
N MET E 1 -66.91 -28.92 -10.20
CA MET E 1 -67.95 -29.28 -11.15
C MET E 1 -67.40 -30.21 -12.23
N ASP E 2 -66.07 -30.33 -12.28
CA ASP E 2 -65.31 -31.17 -13.20
C ASP E 2 -65.38 -30.68 -14.64
N GLN E 3 -66.16 -29.63 -14.92
CA GLN E 3 -66.24 -29.05 -16.25
C GLN E 3 -65.68 -27.63 -16.30
N LYS E 4 -66.16 -26.76 -15.41
CA LYS E 4 -65.59 -25.41 -15.33
C LYS E 4 -64.14 -25.44 -14.88
N ALA E 5 -63.83 -26.30 -13.90
CA ALA E 5 -62.46 -26.39 -13.41
C ALA E 5 -61.52 -26.90 -14.50
N SER E 6 -61.94 -27.93 -15.24
CA SER E 6 -61.10 -28.46 -16.31
C SER E 6 -60.87 -27.42 -17.40
N TYR E 7 -61.92 -26.67 -17.76
CA TYR E 7 -61.79 -25.64 -18.78
C TYR E 7 -60.84 -24.55 -18.32
N PHE E 8 -60.98 -24.12 -17.06
CA PHE E 8 -60.09 -23.08 -16.53
C PHE E 8 -58.65 -23.55 -16.50
N ILE E 9 -58.41 -24.80 -16.07
CA ILE E 9 -57.06 -25.33 -16.02
C ILE E 9 -56.46 -25.42 -17.41
N ASN E 10 -57.25 -25.91 -18.37
CA ASN E 10 -56.76 -25.99 -19.75
C ASN E 10 -56.40 -24.62 -20.30
N GLU E 11 -57.26 -23.62 -20.05
CA GLU E 11 -56.96 -22.27 -20.51
C GLU E 11 -55.67 -21.75 -19.89
N LYS E 12 -55.57 -21.81 -18.56
CA LYS E 12 -54.41 -21.28 -17.86
C LYS E 12 -53.14 -22.09 -18.12
N LEU E 13 -53.26 -23.31 -18.66
CA LEU E 13 -52.09 -24.11 -18.96
C LEU E 13 -51.65 -24.01 -20.42
N PHE E 14 -52.56 -23.73 -21.34
CA PHE E 14 -52.24 -23.75 -22.75
C PHE E 14 -52.38 -22.40 -23.44
N THR E 15 -53.48 -21.69 -23.21
CA THR E 15 -53.68 -20.40 -23.87
C THR E 15 -52.68 -19.38 -23.35
N GLU E 16 -52.71 -19.11 -22.05
CA GLU E 16 -51.71 -18.27 -21.39
C GLU E 16 -50.83 -19.18 -20.55
N VAL E 17 -49.59 -19.37 -21.00
CA VAL E 17 -48.70 -20.34 -20.36
C VAL E 17 -48.33 -19.82 -18.98
N LYS E 18 -48.90 -20.43 -17.94
CA LYS E 18 -48.66 -20.08 -16.55
C LYS E 18 -48.98 -21.27 -15.67
N PRO E 19 -48.14 -21.61 -14.70
CA PRO E 19 -48.47 -22.70 -13.79
C PRO E 19 -49.73 -22.39 -13.01
N VAL E 20 -50.55 -23.41 -12.81
CA VAL E 20 -51.85 -23.27 -12.15
C VAL E 20 -51.78 -23.98 -10.79
N LEU E 21 -52.21 -23.28 -9.75
CA LEU E 21 -52.22 -23.81 -8.40
C LEU E 21 -53.63 -24.24 -8.00
N PHE E 22 -53.72 -25.09 -6.99
CA PHE E 22 -55.02 -25.45 -6.45
C PHE E 22 -55.67 -24.27 -5.74
N THR E 23 -54.86 -23.36 -5.18
CA THR E 23 -55.40 -22.13 -4.62
C THR E 23 -56.07 -21.28 -5.70
N ASP E 24 -55.58 -21.36 -6.93
CA ASP E 24 -56.27 -20.69 -8.04
C ASP E 24 -57.68 -21.23 -8.20
N LEU E 25 -57.84 -22.55 -8.12
CA LEU E 25 -59.18 -23.13 -8.16
C LEU E 25 -60.01 -22.69 -6.96
N ILE E 26 -59.37 -22.60 -5.79
CA ILE E 26 -60.09 -22.14 -4.59
C ILE E 26 -60.65 -20.74 -4.81
N HIS E 27 -59.83 -19.84 -5.35
CA HIS E 27 -60.28 -18.46 -5.54
C HIS E 27 -61.26 -18.33 -6.70
N HIS E 28 -61.14 -19.19 -7.71
CA HIS E 28 -61.98 -19.06 -8.89
C HIS E 28 -63.36 -19.67 -8.69
N LEU E 29 -63.41 -20.91 -8.20
CA LEU E 29 -64.68 -21.62 -8.05
C LEU E 29 -65.34 -21.39 -6.71
N LYS E 30 -64.69 -20.68 -5.78
CA LYS E 30 -65.20 -20.44 -4.43
C LYS E 30 -65.52 -21.77 -3.74
N ILE E 31 -64.48 -22.60 -3.62
CA ILE E 31 -64.60 -23.92 -3.02
C ILE E 31 -63.51 -24.08 -1.96
N GLY E 32 -63.72 -25.06 -1.10
CA GLY E 32 -62.77 -25.36 -0.05
C GLY E 32 -61.53 -26.06 -0.57
N PRO E 33 -60.47 -26.10 0.24
CA PRO E 33 -59.23 -26.73 -0.22
C PRO E 33 -59.38 -28.20 -0.59
N SER E 34 -60.19 -28.96 0.15
CA SER E 34 -60.36 -30.37 -0.16
C SER E 34 -61.00 -30.57 -1.53
N MET E 35 -62.02 -29.78 -1.84
CA MET E 35 -62.67 -29.87 -3.14
C MET E 35 -61.70 -29.50 -4.26
N ALA E 36 -60.87 -28.49 -4.03
CA ALA E 36 -59.88 -28.10 -5.03
C ALA E 36 -58.87 -29.21 -5.28
N LYS E 37 -58.41 -29.87 -4.19
CA LYS E 37 -57.47 -30.97 -4.36
C LYS E 37 -58.11 -32.14 -5.08
N LYS E 38 -59.38 -32.42 -4.77
CA LYS E 38 -60.08 -33.50 -5.48
C LYS E 38 -60.23 -33.18 -6.96
N LEU E 39 -60.56 -31.92 -7.29
CA LEU E 39 -60.68 -31.53 -8.69
C LEU E 39 -59.33 -31.61 -9.40
N MET E 40 -58.25 -31.23 -8.72
CA MET E 40 -56.92 -31.35 -9.33
C MET E 40 -56.58 -32.82 -9.60
N PHE E 41 -56.91 -33.71 -8.64
CA PHE E 41 -56.67 -35.13 -8.87
C PHE E 41 -57.52 -35.65 -10.03
N ASP E 42 -58.76 -35.19 -10.13
CA ASP E 42 -59.61 -35.60 -11.24
C ASP E 42 -59.03 -35.15 -12.58
N TYR E 43 -58.53 -33.91 -12.64
CA TYR E 43 -57.90 -33.44 -13.86
C TYR E 43 -56.60 -34.19 -14.15
N TYR E 44 -55.93 -34.70 -13.11
CA TYR E 44 -54.74 -35.50 -13.33
C TYR E 44 -55.07 -36.76 -14.14
N LYS E 45 -56.22 -37.36 -13.88
CA LYS E 45 -56.71 -38.44 -14.71
C LYS E 45 -57.23 -37.88 -16.03
N GLN E 46 -57.79 -38.78 -16.85
CA GLN E 46 -58.27 -38.46 -18.20
C GLN E 46 -57.34 -37.49 -18.92
N THR E 47 -56.04 -37.81 -18.85
CA THR E 47 -54.98 -36.95 -19.38
C THR E 47 -54.07 -37.77 -20.30
N THR E 48 -54.69 -38.44 -21.27
CA THR E 48 -53.92 -39.23 -22.23
C THR E 48 -52.89 -38.39 -22.97
N ASN E 49 -53.17 -37.10 -23.16
CA ASN E 49 -52.23 -36.17 -23.77
C ASN E 49 -51.62 -35.32 -22.65
N ALA E 50 -50.55 -35.84 -22.05
CA ALA E 50 -49.90 -35.19 -20.92
C ALA E 50 -48.83 -34.24 -21.45
N LYS E 51 -49.06 -32.94 -21.28
CA LYS E 51 -48.13 -31.90 -21.74
C LYS E 51 -47.81 -30.93 -20.62
N TYR E 52 -47.63 -31.44 -19.41
CA TYR E 52 -47.30 -30.59 -18.27
C TYR E 52 -46.61 -31.43 -17.21
N ASN E 53 -45.99 -30.73 -16.26
CA ASN E 53 -45.30 -31.37 -15.14
C ASN E 53 -46.12 -31.17 -13.88
N CYS E 54 -46.34 -32.26 -13.14
CA CYS E 54 -47.12 -32.21 -11.90
C CYS E 54 -46.19 -31.96 -10.73
N VAL E 55 -46.53 -30.96 -9.92
CA VAL E 55 -45.80 -30.64 -8.70
C VAL E 55 -46.61 -31.15 -7.53
N VAL E 56 -46.17 -32.26 -6.94
CA VAL E 56 -46.89 -32.93 -5.86
C VAL E 56 -46.10 -32.77 -4.57
N ILE E 57 -46.80 -32.47 -3.48
CA ILE E 57 -46.20 -32.34 -2.17
C ILE E 57 -46.96 -33.21 -1.19
N CYS E 58 -46.27 -33.67 -0.16
CA CYS E 58 -46.85 -34.58 0.82
C CYS E 58 -46.59 -34.05 2.22
N CYS E 59 -47.50 -34.39 3.14
CA CYS E 59 -47.43 -33.95 4.53
C CYS E 59 -47.02 -35.13 5.39
N TYR E 60 -45.85 -35.05 6.01
CA TYR E 60 -45.35 -36.12 6.88
C TYR E 60 -45.93 -35.96 8.28
N LYS E 61 -45.48 -36.80 9.20
CA LYS E 61 -45.83 -36.62 10.60
C LYS E 61 -44.96 -35.53 11.22
N ASP E 62 -45.31 -35.15 12.45
CA ASP E 62 -44.64 -34.07 13.17
C ASP E 62 -44.74 -32.75 12.41
N GLN E 63 -45.78 -32.61 11.58
CA GLN E 63 -46.05 -31.39 10.82
C GLN E 63 -44.86 -30.99 9.95
N THR E 64 -44.55 -31.85 8.98
CA THR E 64 -43.46 -31.62 8.04
C THR E 64 -44.01 -31.66 6.62
N ILE E 65 -43.64 -30.68 5.81
CA ILE E 65 -44.10 -30.55 4.43
C ILE E 65 -42.90 -30.64 3.51
N LYS E 66 -42.99 -31.51 2.50
CA LYS E 66 -41.89 -31.75 1.58
C LYS E 66 -42.39 -31.71 0.15
N ILE E 67 -41.52 -31.27 -0.76
CA ILE E 67 -41.79 -31.25 -2.19
C ILE E 67 -41.06 -32.42 -2.83
N ILE E 68 -41.80 -33.25 -3.55
CA ILE E 68 -41.24 -34.45 -4.14
C ILE E 68 -40.44 -34.08 -5.39
N HIS E 69 -39.19 -34.54 -5.44
CA HIS E 69 -38.31 -34.31 -6.58
C HIS E 69 -37.88 -35.61 -7.26
N ASP E 70 -37.43 -36.59 -6.48
CA ASP E 70 -36.94 -37.84 -7.06
C ASP E 70 -38.05 -38.60 -7.77
N LEU E 71 -39.24 -38.62 -7.17
CA LEU E 71 -40.41 -39.33 -7.68
C LEU E 71 -40.18 -40.83 -7.79
N SER E 72 -39.11 -41.34 -7.20
CA SER E 72 -38.80 -42.77 -7.22
C SER E 72 -38.57 -43.34 -5.81
N ASN E 73 -37.96 -42.56 -4.93
CA ASN E 73 -37.67 -42.99 -3.56
C ASN E 73 -38.14 -41.90 -2.60
N ILE E 74 -39.34 -42.08 -2.06
CA ILE E 74 -39.93 -41.15 -1.10
C ILE E 74 -39.61 -41.66 0.30
N PRO E 75 -38.86 -40.91 1.12
CA PRO E 75 -38.49 -41.43 2.44
C PRO E 75 -39.68 -41.42 3.40
N GLN E 76 -39.72 -42.45 4.25
CA GLN E 76 -40.72 -42.58 5.30
C GLN E 76 -42.14 -42.51 4.74
N GLN E 77 -42.46 -43.49 3.89
CA GLN E 77 -43.79 -43.55 3.31
C GLN E 77 -44.85 -43.91 4.34
N ASP E 78 -44.46 -44.58 5.43
CA ASP E 78 -45.42 -44.96 6.46
C ASP E 78 -45.88 -43.77 7.28
N SER E 79 -45.09 -42.70 7.34
CA SER E 79 -45.42 -41.52 8.12
C SER E 79 -46.19 -40.47 7.35
N ILE E 80 -46.56 -40.75 6.09
CA ILE E 80 -47.29 -39.78 5.29
C ILE E 80 -48.74 -39.71 5.77
N ILE E 81 -49.18 -38.51 6.11
CA ILE E 81 -50.57 -38.30 6.51
C ILE E 81 -51.42 -37.72 5.40
N ASP E 82 -50.81 -37.10 4.39
CA ASP E 82 -51.54 -36.57 3.25
C ASP E 82 -50.58 -36.37 2.09
N CYS E 83 -51.10 -36.50 0.88
CA CYS E 83 -50.31 -36.31 -0.33
C CYS E 83 -51.25 -35.92 -1.46
N PHE E 84 -50.94 -34.80 -2.11
CA PHE E 84 -51.82 -34.26 -3.14
C PHE E 84 -50.98 -33.57 -4.21
N ILE E 85 -51.67 -33.03 -5.21
CA ILE E 85 -51.03 -32.32 -6.31
C ILE E 85 -51.10 -30.84 -6.00
N TYR E 86 -49.93 -30.20 -5.92
CA TYR E 86 -49.89 -28.78 -5.56
C TYR E 86 -50.15 -27.90 -6.78
N ALA E 87 -49.58 -28.24 -7.92
CA ALA E 87 -49.71 -27.40 -9.11
C ALA E 87 -49.40 -28.21 -10.35
N PHE E 88 -49.80 -27.65 -11.49
CA PHE E 88 -49.47 -28.19 -12.81
C PHE E 88 -48.51 -27.22 -13.48
N ASN E 89 -47.27 -27.67 -13.69
CA ASN E 89 -46.24 -26.81 -14.25
C ASN E 89 -46.06 -27.11 -15.73
N PRO E 90 -46.37 -26.18 -16.64
CA PRO E 90 -46.13 -26.45 -18.06
C PRO E 90 -44.65 -26.40 -18.44
N MET E 91 -43.80 -25.78 -17.62
CA MET E 91 -42.38 -25.69 -17.88
C MET E 91 -41.61 -26.59 -16.91
N ASP E 92 -40.28 -26.50 -16.96
CA ASP E 92 -39.44 -27.29 -16.08
C ASP E 92 -39.18 -26.58 -14.75
N SER E 93 -38.85 -25.30 -14.79
CA SER E 93 -38.66 -24.50 -13.58
C SER E 93 -40.01 -23.96 -13.13
N PHE E 94 -40.39 -24.26 -11.89
CA PHE E 94 -41.70 -23.89 -11.38
C PHE E 94 -41.88 -22.38 -11.33
N ILE E 95 -41.15 -21.73 -10.43
CA ILE E 95 -41.06 -20.27 -10.30
C ILE E 95 -42.41 -19.61 -10.56
N PRO E 96 -43.39 -19.74 -9.67
CA PRO E 96 -44.69 -19.10 -9.87
C PRO E 96 -44.58 -17.60 -9.61
N TYR E 97 -45.69 -16.91 -9.83
CA TYR E 97 -45.80 -15.48 -9.55
C TYR E 97 -47.00 -15.23 -8.64
N TYR E 98 -46.87 -14.26 -7.76
CA TYR E 98 -47.88 -13.95 -6.76
C TYR E 98 -48.36 -12.52 -6.94
N ASP E 99 -49.68 -12.33 -6.87
CA ASP E 99 -50.28 -11.02 -7.05
C ASP E 99 -51.28 -10.76 -5.93
N ILE E 100 -51.86 -9.57 -5.94
CA ILE E 100 -52.86 -9.20 -4.94
C ILE E 100 -54.13 -10.02 -5.17
N ILE E 101 -54.62 -10.66 -4.12
CA ILE E 101 -55.78 -11.53 -4.19
C ILE E 101 -56.82 -11.01 -3.20
N ASP E 102 -58.06 -10.87 -3.67
CA ASP E 102 -59.18 -10.42 -2.84
C ASP E 102 -59.89 -11.63 -2.28
N GLN E 103 -59.58 -11.99 -1.03
CA GLN E 103 -60.20 -13.14 -0.37
C GLN E 103 -61.46 -12.68 0.38
N LYS E 104 -62.44 -12.22 -0.40
CA LYS E 104 -63.67 -11.70 0.19
C LYS E 104 -64.49 -12.80 0.84
N ASP E 105 -64.72 -13.90 0.12
CA ASP E 105 -65.58 -14.97 0.61
C ASP E 105 -64.99 -16.35 0.41
N CYS E 106 -63.70 -16.45 0.08
CA CYS E 106 -63.05 -17.74 -0.12
C CYS E 106 -62.20 -18.16 1.07
N LEU E 107 -62.35 -17.50 2.21
CA LEU E 107 -61.54 -17.81 3.39
C LEU E 107 -62.16 -18.97 4.15
N THR E 108 -61.31 -19.92 4.56
CA THR E 108 -61.74 -21.01 5.41
C THR E 108 -61.49 -20.76 6.89
N ILE E 109 -60.52 -19.91 7.23
CA ILE E 109 -60.25 -19.51 8.60
C ILE E 109 -60.07 -17.99 8.62
N LYS E 110 -60.79 -17.32 9.53
CA LYS E 110 -60.70 -15.89 9.67
C LYS E 110 -60.28 -15.52 11.09
N ASN E 111 -59.50 -14.44 11.20
CA ASN E 111 -59.09 -13.97 12.51
C ASN E 111 -60.28 -13.40 13.28
N SER E 112 -60.17 -13.42 14.60
CA SER E 112 -61.27 -12.97 15.45
C SER E 112 -61.60 -11.51 15.23
N TYR E 113 -60.64 -10.72 14.79
CA TYR E 113 -60.85 -9.29 14.58
C TYR E 113 -61.25 -9.02 13.13
N GLU E 114 -61.92 -7.88 12.94
CA GLU E 114 -62.37 -7.44 11.63
C GLU E 114 -61.72 -6.11 11.29
N LEU E 115 -61.46 -5.91 10.00
CA LEU E 115 -60.87 -4.65 9.54
C LEU E 115 -61.87 -3.51 9.74
N LYS E 116 -61.46 -2.49 10.47
CA LYS E 116 -62.32 -1.34 10.77
C LYS E 116 -61.83 -0.12 9.99
N VAL E 117 -62.73 0.52 9.27
CA VAL E 117 -62.38 1.69 8.48
C VAL E 117 -63.02 2.94 9.08
FE1 SF4 H . -5.80 5.49 13.18
FE2 SF4 H . -4.98 3.89 15.58
FE3 SF4 H . -6.72 6.32 15.92
FE4 SF4 H . -7.83 3.82 14.64
S1 SF4 H . -6.88 4.27 16.47
S2 SF4 H . -7.69 5.86 14.06
S3 SF4 H . -5.95 3.46 13.74
S4 SF4 H . -4.84 5.92 15.01
CA CA I . 27.18 7.93 -12.40
N1 DCP J . 29.19 14.63 -7.48
C2 DCP J . 29.68 15.48 -6.35
N3 DCP J . 28.91 15.53 -5.07
C4 DCP J . 27.68 14.75 -4.91
C5 DCP J . 27.20 13.90 -6.03
C6 DCP J . 27.98 13.86 -7.32
O2 DCP J . 30.67 16.11 -6.47
N4 DCP J . 26.93 14.80 -3.65
C1' DCP J . 29.97 14.59 -8.72
C2' DCP J . 31.09 13.49 -8.58
C3' DCP J . 30.82 12.47 -9.68
C4' DCP J . 29.95 13.06 -10.52
O4' DCP J . 29.21 14.26 -9.73
O3' DCP J . 32.08 12.16 -10.39
C5' DCP J . 28.93 12.06 -10.90
O5' DCP J . 28.04 11.89 -9.79
PA DCP J . 27.13 10.47 -9.64
O1A DCP J . 25.84 10.80 -8.95
O2A DCP J . 26.84 9.92 -11.01
O3A DCP J . 27.98 9.38 -8.76
PB DCP J . 29.34 8.60 -9.27
O1B DCP J . 30.55 9.22 -8.61
O2B DCP J . 29.45 8.68 -10.79
O3B DCP J . 29.22 7.02 -8.85
PG DCP J . 27.95 6.11 -9.28
O1G DCP J . 28.17 4.68 -8.82
O2G DCP J . 27.78 6.15 -10.77
O3G DCP J . 26.70 6.63 -8.62
#